data_1OW1
# 
_entry.id   1OW1 
# 
_audit_conform.dict_name       mmcif_pdbx.dic 
_audit_conform.dict_version    5.386 
_audit_conform.dict_location   http://mmcif.pdb.org/dictionaries/ascii/mmcif_pdbx.dic 
# 
loop_
_database_2.database_id 
_database_2.database_code 
_database_2.pdbx_database_accession 
_database_2.pdbx_DOI 
PDB   1OW1         pdb_00001ow1 10.2210/pdb1ow1/pdb 
RCSB  RCSB018722   ?            ?                   
WWPDB D_1000018722 ?            ?                   
# 
loop_
_pdbx_audit_revision_history.ordinal 
_pdbx_audit_revision_history.data_content_type 
_pdbx_audit_revision_history.major_revision 
_pdbx_audit_revision_history.minor_revision 
_pdbx_audit_revision_history.revision_date 
1 'Structure model' 1 0 2003-08-19 
2 'Structure model' 1 1 2008-04-29 
3 'Structure model' 1 2 2011-07-13 
4 'Structure model' 1 3 2024-02-14 
# 
_pdbx_audit_revision_details.ordinal             1 
_pdbx_audit_revision_details.revision_ordinal    1 
_pdbx_audit_revision_details.data_content_type   'Structure model' 
_pdbx_audit_revision_details.provider            repository 
_pdbx_audit_revision_details.type                'Initial release' 
_pdbx_audit_revision_details.description         ? 
_pdbx_audit_revision_details.details             ? 
# 
loop_
_pdbx_audit_revision_group.ordinal 
_pdbx_audit_revision_group.revision_ordinal 
_pdbx_audit_revision_group.data_content_type 
_pdbx_audit_revision_group.group 
1 2 'Structure model' 'Version format compliance' 
2 3 'Structure model' 'Version format compliance' 
3 4 'Structure model' 'Data collection'           
4 4 'Structure model' 'Database references'       
# 
loop_
_pdbx_audit_revision_category.ordinal 
_pdbx_audit_revision_category.revision_ordinal 
_pdbx_audit_revision_category.data_content_type 
_pdbx_audit_revision_category.category 
1 4 'Structure model' chem_comp_atom 
2 4 'Structure model' chem_comp_bond 
3 4 'Structure model' database_2     
# 
loop_
_pdbx_audit_revision_item.ordinal 
_pdbx_audit_revision_item.revision_ordinal 
_pdbx_audit_revision_item.data_content_type 
_pdbx_audit_revision_item.item 
1 4 'Structure model' '_database_2.pdbx_DOI'                
2 4 'Structure model' '_database_2.pdbx_database_accession' 
# 
_pdbx_database_status.status_code                     REL 
_pdbx_database_status.entry_id                        1OW1 
_pdbx_database_status.recvd_initial_deposition_date   2003-03-28 
_pdbx_database_status.deposit_site                    RCSB 
_pdbx_database_status.process_site                    RCSB 
_pdbx_database_status.status_code_sf                  REL 
_pdbx_database_status.SG_entry                        . 
_pdbx_database_status.pdb_format_compatible           Y 
_pdbx_database_status.status_code_mr                  ? 
_pdbx_database_status.status_code_cs                  ? 
_pdbx_database_status.status_code_nmr_data            ? 
_pdbx_database_status.methods_development_category    ? 
# 
loop_
_audit_author.name 
_audit_author.pdbx_ordinal 
'Schwabe, J.W.' 1 
'Ariyoshi, M.'  2 
# 
_citation.id                        primary 
_citation.title                     
;A conserved structural motif reveals the essential transcriptional repression function of Spen proteins and their role in developmental signaling
;
_citation.journal_abbrev            'Genes Dev.' 
_citation.journal_volume            17 
_citation.page_first                1909 
_citation.page_last                 1920 
_citation.year                      2003 
_citation.journal_id_ASTM           GEDEEP 
_citation.country                   US 
_citation.journal_id_ISSN           0890-9369 
_citation.journal_id_CSD            2056 
_citation.book_publisher            ? 
_citation.pdbx_database_id_PubMed   12897056 
_citation.pdbx_database_id_DOI      10.1101/gad.266203 
# 
loop_
_citation_author.citation_id 
_citation_author.name 
_citation_author.ordinal 
_citation_author.identifier_ORCID 
primary 'Schwabe, J.W.' 1 ? 
primary 'Ariyoshi, M.'  2 ? 
# 
loop_
_entity.id 
_entity.type 
_entity.src_method 
_entity.pdbx_description 
_entity.formula_weight 
_entity.pdbx_number_of_molecules 
_entity.pdbx_ec 
_entity.pdbx_mutation 
_entity.pdbx_fragment 
_entity.details 
1 polymer man 'SMART/HDAC1 associated repressor protein' 21325.590 1  ? ? 'SPOC domain' ? 
2 water   nat water                                      18.015    82 ? ? ?             ? 
# 
_entity_name_com.entity_id   1 
_entity_name_com.name        'Msx2 interacting nuclear target (MINT) homolog' 
# 
_entity_poly.entity_id                      1 
_entity_poly.type                           'polypeptide(L)' 
_entity_poly.nstd_linkage                   no 
_entity_poly.nstd_monomer                   no 
_entity_poly.pdbx_seq_one_letter_code       
;GLVLPHTEFQPAPKQDSSPHLTSQRPVDMVQLLKKYPIVWQGLLALKNDTAAVQLHFVSGNNVLAHRSLPLSEGGPPLRI
AQRMRLEATQLEGVARRMTVETDYCLLLALPCGRDQEDVVSQTESLKAAFITYLQAKQAAGIINVPNPGSNQPAYVLQIF
PPCEFSESHLSRLAPDLLASISNISPHLMIVIASV
;
_entity_poly.pdbx_seq_one_letter_code_can   
;GLVLPHTEFQPAPKQDSSPHLTSQRPVDMVQLLKKYPIVWQGLLALKNDTAAVQLHFVSGNNVLAHRSLPLSEGGPPLRI
AQRMRLEATQLEGVARRMTVETDYCLLLALPCGRDQEDVVSQTESLKAAFITYLQAKQAAGIINVPNPGSNQPAYVLQIF
PPCEFSESHLSRLAPDLLASISNISPHLMIVIASV
;
_entity_poly.pdbx_strand_id                 A 
_entity_poly.pdbx_target_identifier         ? 
# 
_pdbx_entity_nonpoly.entity_id   2 
_pdbx_entity_nonpoly.name        water 
_pdbx_entity_nonpoly.comp_id     HOH 
# 
loop_
_entity_poly_seq.entity_id 
_entity_poly_seq.num 
_entity_poly_seq.mon_id 
_entity_poly_seq.hetero 
1 1   GLY n 
1 2   LEU n 
1 3   VAL n 
1 4   LEU n 
1 5   PRO n 
1 6   HIS n 
1 7   THR n 
1 8   GLU n 
1 9   PHE n 
1 10  GLN n 
1 11  PRO n 
1 12  ALA n 
1 13  PRO n 
1 14  LYS n 
1 15  GLN n 
1 16  ASP n 
1 17  SER n 
1 18  SER n 
1 19  PRO n 
1 20  HIS n 
1 21  LEU n 
1 22  THR n 
1 23  SER n 
1 24  GLN n 
1 25  ARG n 
1 26  PRO n 
1 27  VAL n 
1 28  ASP n 
1 29  MET n 
1 30  VAL n 
1 31  GLN n 
1 32  LEU n 
1 33  LEU n 
1 34  LYS n 
1 35  LYS n 
1 36  TYR n 
1 37  PRO n 
1 38  ILE n 
1 39  VAL n 
1 40  TRP n 
1 41  GLN n 
1 42  GLY n 
1 43  LEU n 
1 44  LEU n 
1 45  ALA n 
1 46  LEU n 
1 47  LYS n 
1 48  ASN n 
1 49  ASP n 
1 50  THR n 
1 51  ALA n 
1 52  ALA n 
1 53  VAL n 
1 54  GLN n 
1 55  LEU n 
1 56  HIS n 
1 57  PHE n 
1 58  VAL n 
1 59  SER n 
1 60  GLY n 
1 61  ASN n 
1 62  ASN n 
1 63  VAL n 
1 64  LEU n 
1 65  ALA n 
1 66  HIS n 
1 67  ARG n 
1 68  SER n 
1 69  LEU n 
1 70  PRO n 
1 71  LEU n 
1 72  SER n 
1 73  GLU n 
1 74  GLY n 
1 75  GLY n 
1 76  PRO n 
1 77  PRO n 
1 78  LEU n 
1 79  ARG n 
1 80  ILE n 
1 81  ALA n 
1 82  GLN n 
1 83  ARG n 
1 84  MET n 
1 85  ARG n 
1 86  LEU n 
1 87  GLU n 
1 88  ALA n 
1 89  THR n 
1 90  GLN n 
1 91  LEU n 
1 92  GLU n 
1 93  GLY n 
1 94  VAL n 
1 95  ALA n 
1 96  ARG n 
1 97  ARG n 
1 98  MET n 
1 99  THR n 
1 100 VAL n 
1 101 GLU n 
1 102 THR n 
1 103 ASP n 
1 104 TYR n 
1 105 CYS n 
1 106 LEU n 
1 107 LEU n 
1 108 LEU n 
1 109 ALA n 
1 110 LEU n 
1 111 PRO n 
1 112 CYS n 
1 113 GLY n 
1 114 ARG n 
1 115 ASP n 
1 116 GLN n 
1 117 GLU n 
1 118 ASP n 
1 119 VAL n 
1 120 VAL n 
1 121 SER n 
1 122 GLN n 
1 123 THR n 
1 124 GLU n 
1 125 SER n 
1 126 LEU n 
1 127 LYS n 
1 128 ALA n 
1 129 ALA n 
1 130 PHE n 
1 131 ILE n 
1 132 THR n 
1 133 TYR n 
1 134 LEU n 
1 135 GLN n 
1 136 ALA n 
1 137 LYS n 
1 138 GLN n 
1 139 ALA n 
1 140 ALA n 
1 141 GLY n 
1 142 ILE n 
1 143 ILE n 
1 144 ASN n 
1 145 VAL n 
1 146 PRO n 
1 147 ASN n 
1 148 PRO n 
1 149 GLY n 
1 150 SER n 
1 151 ASN n 
1 152 GLN n 
1 153 PRO n 
1 154 ALA n 
1 155 TYR n 
1 156 VAL n 
1 157 LEU n 
1 158 GLN n 
1 159 ILE n 
1 160 PHE n 
1 161 PRO n 
1 162 PRO n 
1 163 CYS n 
1 164 GLU n 
1 165 PHE n 
1 166 SER n 
1 167 GLU n 
1 168 SER n 
1 169 HIS n 
1 170 LEU n 
1 171 SER n 
1 172 ARG n 
1 173 LEU n 
1 174 ALA n 
1 175 PRO n 
1 176 ASP n 
1 177 LEU n 
1 178 LEU n 
1 179 ALA n 
1 180 SER n 
1 181 ILE n 
1 182 SER n 
1 183 ASN n 
1 184 ILE n 
1 185 SER n 
1 186 PRO n 
1 187 HIS n 
1 188 LEU n 
1 189 MET n 
1 190 ILE n 
1 191 VAL n 
1 192 ILE n 
1 193 ALA n 
1 194 SER n 
1 195 VAL n 
# 
_entity_src_gen.entity_id                          1 
_entity_src_gen.pdbx_src_id                        1 
_entity_src_gen.pdbx_alt_source_flag               sample 
_entity_src_gen.pdbx_seq_type                      ? 
_entity_src_gen.pdbx_beg_seq_num                   ? 
_entity_src_gen.pdbx_end_seq_num                   ? 
_entity_src_gen.gene_src_common_name               human 
_entity_src_gen.gene_src_genus                     Homo 
_entity_src_gen.pdbx_gene_src_gene                 ? 
_entity_src_gen.gene_src_species                   ? 
_entity_src_gen.gene_src_strain                    ? 
_entity_src_gen.gene_src_tissue                    ? 
_entity_src_gen.gene_src_tissue_fraction           ? 
_entity_src_gen.gene_src_details                   ? 
_entity_src_gen.pdbx_gene_src_fragment             ? 
_entity_src_gen.pdbx_gene_src_scientific_name      'Homo sapiens' 
_entity_src_gen.pdbx_gene_src_ncbi_taxonomy_id     9606 
_entity_src_gen.pdbx_gene_src_variant              ? 
_entity_src_gen.pdbx_gene_src_cell_line            ? 
_entity_src_gen.pdbx_gene_src_atcc                 ? 
_entity_src_gen.pdbx_gene_src_organ                ? 
_entity_src_gen.pdbx_gene_src_organelle            ? 
_entity_src_gen.pdbx_gene_src_cell                 ? 
_entity_src_gen.pdbx_gene_src_cellular_location    ? 
_entity_src_gen.host_org_common_name               ? 
_entity_src_gen.pdbx_host_org_scientific_name      'Escherichia coli' 
_entity_src_gen.pdbx_host_org_ncbi_taxonomy_id     562 
_entity_src_gen.host_org_genus                     Escherichia 
_entity_src_gen.pdbx_host_org_gene                 ? 
_entity_src_gen.pdbx_host_org_organ                ? 
_entity_src_gen.host_org_species                   ? 
_entity_src_gen.pdbx_host_org_tissue               ? 
_entity_src_gen.pdbx_host_org_tissue_fraction      ? 
_entity_src_gen.pdbx_host_org_strain               'Rossetta BL21(DE3) pLysS' 
_entity_src_gen.pdbx_host_org_variant              ? 
_entity_src_gen.pdbx_host_org_cell_line            ? 
_entity_src_gen.pdbx_host_org_atcc                 ? 
_entity_src_gen.pdbx_host_org_culture_collection   ? 
_entity_src_gen.pdbx_host_org_cell                 ? 
_entity_src_gen.pdbx_host_org_organelle            ? 
_entity_src_gen.pdbx_host_org_cellular_location    ? 
_entity_src_gen.pdbx_host_org_vector_type          Plasmid 
_entity_src_gen.pdbx_host_org_vector               ? 
_entity_src_gen.host_org_details                   ? 
_entity_src_gen.expression_system_id               ? 
_entity_src_gen.plasmid_name                       pET30a 
_entity_src_gen.plasmid_details                    ? 
_entity_src_gen.pdbx_description                   ? 
# 
loop_
_chem_comp.id 
_chem_comp.type 
_chem_comp.mon_nstd_flag 
_chem_comp.name 
_chem_comp.pdbx_synonyms 
_chem_comp.formula 
_chem_comp.formula_weight 
ALA 'L-peptide linking' y ALANINE         ? 'C3 H7 N O2'     89.093  
ARG 'L-peptide linking' y ARGININE        ? 'C6 H15 N4 O2 1' 175.209 
ASN 'L-peptide linking' y ASPARAGINE      ? 'C4 H8 N2 O3'    132.118 
ASP 'L-peptide linking' y 'ASPARTIC ACID' ? 'C4 H7 N O4'     133.103 
CYS 'L-peptide linking' y CYSTEINE        ? 'C3 H7 N O2 S'   121.158 
GLN 'L-peptide linking' y GLUTAMINE       ? 'C5 H10 N2 O3'   146.144 
GLU 'L-peptide linking' y 'GLUTAMIC ACID' ? 'C5 H9 N O4'     147.129 
GLY 'peptide linking'   y GLYCINE         ? 'C2 H5 N O2'     75.067  
HIS 'L-peptide linking' y HISTIDINE       ? 'C6 H10 N3 O2 1' 156.162 
HOH non-polymer         . WATER           ? 'H2 O'           18.015  
ILE 'L-peptide linking' y ISOLEUCINE      ? 'C6 H13 N O2'    131.173 
LEU 'L-peptide linking' y LEUCINE         ? 'C6 H13 N O2'    131.173 
LYS 'L-peptide linking' y LYSINE          ? 'C6 H15 N2 O2 1' 147.195 
MET 'L-peptide linking' y METHIONINE      ? 'C5 H11 N O2 S'  149.211 
PHE 'L-peptide linking' y PHENYLALANINE   ? 'C9 H11 N O2'    165.189 
PRO 'L-peptide linking' y PROLINE         ? 'C5 H9 N O2'     115.130 
SER 'L-peptide linking' y SERINE          ? 'C3 H7 N O3'     105.093 
THR 'L-peptide linking' y THREONINE       ? 'C4 H9 N O3'     119.119 
TRP 'L-peptide linking' y TRYPTOPHAN      ? 'C11 H12 N2 O2'  204.225 
TYR 'L-peptide linking' y TYROSINE        ? 'C9 H11 N O3'    181.189 
VAL 'L-peptide linking' y VALINE          ? 'C5 H11 N O2'    117.146 
# 
loop_
_pdbx_poly_seq_scheme.asym_id 
_pdbx_poly_seq_scheme.entity_id 
_pdbx_poly_seq_scheme.seq_id 
_pdbx_poly_seq_scheme.mon_id 
_pdbx_poly_seq_scheme.ndb_seq_num 
_pdbx_poly_seq_scheme.pdb_seq_num 
_pdbx_poly_seq_scheme.auth_seq_num 
_pdbx_poly_seq_scheme.pdb_mon_id 
_pdbx_poly_seq_scheme.auth_mon_id 
_pdbx_poly_seq_scheme.pdb_strand_id 
_pdbx_poly_seq_scheme.pdb_ins_code 
_pdbx_poly_seq_scheme.hetero 
A 1 1   GLY 1   3470 ?    ?   ?   A . n 
A 1 2   LEU 2   3471 ?    ?   ?   A . n 
A 1 3   VAL 3   3472 ?    ?   ?   A . n 
A 1 4   LEU 4   3473 ?    ?   ?   A . n 
A 1 5   PRO 5   3474 ?    ?   ?   A . n 
A 1 6   HIS 6   3475 ?    ?   ?   A . n 
A 1 7   THR 7   3476 ?    ?   ?   A . n 
A 1 8   GLU 8   3477 ?    ?   ?   A . n 
A 1 9   PHE 9   3478 ?    ?   ?   A . n 
A 1 10  GLN 10  3479 ?    ?   ?   A . n 
A 1 11  PRO 11  3480 ?    ?   ?   A . n 
A 1 12  ALA 12  3481 ?    ?   ?   A . n 
A 1 13  PRO 13  3482 ?    ?   ?   A . n 
A 1 14  LYS 14  3483 ?    ?   ?   A . n 
A 1 15  GLN 15  3484 ?    ?   ?   A . n 
A 1 16  ASP 16  3485 ?    ?   ?   A . n 
A 1 17  SER 17  3486 ?    ?   ?   A . n 
A 1 18  SER 18  3487 ?    ?   ?   A . n 
A 1 19  PRO 19  3488 ?    ?   ?   A . n 
A 1 20  HIS 20  3489 ?    ?   ?   A . n 
A 1 21  LEU 21  3490 ?    ?   ?   A . n 
A 1 22  THR 22  3491 ?    ?   ?   A . n 
A 1 23  SER 23  3492 ?    ?   ?   A . n 
A 1 24  GLN 24  3493 ?    ?   ?   A . n 
A 1 25  ARG 25  3494 ?    ?   ?   A . n 
A 1 26  PRO 26  3495 3495 PRO PRO A . n 
A 1 27  VAL 27  3496 3496 VAL VAL A . n 
A 1 28  ASP 28  3497 3497 ASP ASP A . n 
A 1 29  MET 29  3498 3498 MET MET A . n 
A 1 30  VAL 30  3499 3499 VAL VAL A . n 
A 1 31  GLN 31  3500 3500 GLN GLN A . n 
A 1 32  LEU 32  3501 3501 LEU LEU A . n 
A 1 33  LEU 33  3502 3502 LEU LEU A . n 
A 1 34  LYS 34  3503 3503 LYS LYS A . n 
A 1 35  LYS 35  3504 3504 LYS LYS A . n 
A 1 36  TYR 36  3505 3505 TYR TYR A . n 
A 1 37  PRO 37  3506 3506 PRO PRO A . n 
A 1 38  ILE 38  3507 3507 ILE ILE A . n 
A 1 39  VAL 39  3508 3508 VAL VAL A . n 
A 1 40  TRP 40  3509 3509 TRP TRP A . n 
A 1 41  GLN 41  3510 3510 GLN GLN A . n 
A 1 42  GLY 42  3511 3511 GLY GLY A . n 
A 1 43  LEU 43  3512 3512 LEU LEU A . n 
A 1 44  LEU 44  3513 3513 LEU LEU A . n 
A 1 45  ALA 45  3514 3514 ALA ALA A . n 
A 1 46  LEU 46  3515 3515 LEU LEU A . n 
A 1 47  LYS 47  3516 3516 LYS LYS A . n 
A 1 48  ASN 48  3517 3517 ASN ASN A . n 
A 1 49  ASP 49  3518 3518 ASP ASP A . n 
A 1 50  THR 50  3519 3519 THR THR A . n 
A 1 51  ALA 51  3520 3520 ALA ALA A . n 
A 1 52  ALA 52  3521 3521 ALA ALA A . n 
A 1 53  VAL 53  3522 3522 VAL VAL A . n 
A 1 54  GLN 54  3523 3523 GLN GLN A . n 
A 1 55  LEU 55  3524 3524 LEU LEU A . n 
A 1 56  HIS 56  3525 3525 HIS HIS A . n 
A 1 57  PHE 57  3526 3526 PHE PHE A . n 
A 1 58  VAL 58  3527 3527 VAL VAL A . n 
A 1 59  SER 59  3528 3528 SER SER A . n 
A 1 60  GLY 60  3529 3529 GLY GLY A . n 
A 1 61  ASN 61  3530 3530 ASN ASN A . n 
A 1 62  ASN 62  3531 3531 ASN ASN A . n 
A 1 63  VAL 63  3532 3532 VAL VAL A . n 
A 1 64  LEU 64  3533 3533 LEU LEU A . n 
A 1 65  ALA 65  3534 3534 ALA ALA A . n 
A 1 66  HIS 66  3535 3535 HIS HIS A . n 
A 1 67  ARG 67  3536 3536 ARG ARG A . n 
A 1 68  SER 68  3537 3537 SER SER A . n 
A 1 69  LEU 69  3538 3538 LEU LEU A . n 
A 1 70  PRO 70  3539 3539 PRO PRO A . n 
A 1 71  LEU 71  3540 3540 LEU LEU A . n 
A 1 72  SER 72  3541 3541 SER SER A . n 
A 1 73  GLU 73  3542 ?    ?   ?   A . n 
A 1 74  GLY 74  3543 ?    ?   ?   A . n 
A 1 75  GLY 75  3544 ?    ?   ?   A . n 
A 1 76  PRO 76  3545 3545 PRO PRO A . n 
A 1 77  PRO 77  3546 3546 PRO PRO A . n 
A 1 78  LEU 78  3547 3547 LEU LEU A . n 
A 1 79  ARG 79  3548 3548 ARG ARG A . n 
A 1 80  ILE 80  3549 3549 ILE ILE A . n 
A 1 81  ALA 81  3550 3550 ALA ALA A . n 
A 1 82  GLN 82  3551 3551 GLN GLN A . n 
A 1 83  ARG 83  3552 3552 ARG ARG A . n 
A 1 84  MET 84  3553 3553 MET MET A . n 
A 1 85  ARG 85  3554 3554 ARG ARG A . n 
A 1 86  LEU 86  3555 3555 LEU LEU A . n 
A 1 87  GLU 87  3556 3556 GLU GLU A . n 
A 1 88  ALA 88  3557 3557 ALA ALA A . n 
A 1 89  THR 89  3558 3558 THR THR A . n 
A 1 90  GLN 90  3559 3559 GLN GLN A . n 
A 1 91  LEU 91  3560 3560 LEU LEU A . n 
A 1 92  GLU 92  3561 3561 GLU GLU A . n 
A 1 93  GLY 93  3562 3562 GLY GLY A . n 
A 1 94  VAL 94  3563 3563 VAL VAL A . n 
A 1 95  ALA 95  3564 3564 ALA ALA A . n 
A 1 96  ARG 96  3565 3565 ARG ARG A . n 
A 1 97  ARG 97  3566 3566 ARG ARG A . n 
A 1 98  MET 98  3567 3567 MET MET A . n 
A 1 99  THR 99  3568 3568 THR THR A . n 
A 1 100 VAL 100 3569 3569 VAL VAL A . n 
A 1 101 GLU 101 3570 3570 GLU GLU A . n 
A 1 102 THR 102 3571 3571 THR THR A . n 
A 1 103 ASP 103 3572 3572 ASP ASP A . n 
A 1 104 TYR 104 3573 3573 TYR TYR A . n 
A 1 105 CYS 105 3574 3574 CYS CYS A . n 
A 1 106 LEU 106 3575 3575 LEU LEU A . n 
A 1 107 LEU 107 3576 3576 LEU LEU A . n 
A 1 108 LEU 108 3577 3577 LEU LEU A . n 
A 1 109 ALA 109 3578 3578 ALA ALA A . n 
A 1 110 LEU 110 3579 3579 LEU LEU A . n 
A 1 111 PRO 111 3580 3580 PRO PRO A . n 
A 1 112 CYS 112 3581 3581 CYS CYS A . n 
A 1 113 GLY 113 3582 3582 GLY GLY A . n 
A 1 114 ARG 114 3583 3583 ARG ARG A . n 
A 1 115 ASP 115 3584 3584 ASP ASP A . n 
A 1 116 GLN 116 3585 3585 GLN GLN A . n 
A 1 117 GLU 117 3586 3586 GLU GLU A . n 
A 1 118 ASP 118 3587 3587 ASP ASP A . n 
A 1 119 VAL 119 3588 3588 VAL VAL A . n 
A 1 120 VAL 120 3589 3589 VAL VAL A . n 
A 1 121 SER 121 3590 3590 SER SER A . n 
A 1 122 GLN 122 3591 3591 GLN GLN A . n 
A 1 123 THR 123 3592 3592 THR THR A . n 
A 1 124 GLU 124 3593 3593 GLU GLU A . n 
A 1 125 SER 125 3594 3594 SER SER A . n 
A 1 126 LEU 126 3595 3595 LEU LEU A . n 
A 1 127 LYS 127 3596 3596 LYS LYS A . n 
A 1 128 ALA 128 3597 3597 ALA ALA A . n 
A 1 129 ALA 129 3598 3598 ALA ALA A . n 
A 1 130 PHE 130 3599 3599 PHE PHE A . n 
A 1 131 ILE 131 3600 3600 ILE ILE A . n 
A 1 132 THR 132 3601 3601 THR THR A . n 
A 1 133 TYR 133 3602 3602 TYR TYR A . n 
A 1 134 LEU 134 3603 3603 LEU LEU A . n 
A 1 135 GLN 135 3604 3604 GLN GLN A . n 
A 1 136 ALA 136 3605 3605 ALA ALA A . n 
A 1 137 LYS 137 3606 3606 LYS LYS A . n 
A 1 138 GLN 138 3607 3607 GLN GLN A . n 
A 1 139 ALA 139 3608 3608 ALA ALA A . n 
A 1 140 ALA 140 3609 3609 ALA ALA A . n 
A 1 141 GLY 141 3610 3610 GLY GLY A . n 
A 1 142 ILE 142 3611 3611 ILE ILE A . n 
A 1 143 ILE 143 3612 3612 ILE ILE A . n 
A 1 144 ASN 144 3613 3613 ASN ASN A . n 
A 1 145 VAL 145 3614 3614 VAL VAL A . n 
A 1 146 PRO 146 3615 3615 PRO PRO A . n 
A 1 147 ASN 147 3616 3616 ASN ASN A . n 
A 1 148 PRO 148 3617 3617 PRO PRO A . n 
A 1 149 GLY 149 3618 3618 GLY GLY A . n 
A 1 150 SER 150 3619 3619 SER SER A . n 
A 1 151 ASN 151 3620 3620 ASN ASN A . n 
A 1 152 GLN 152 3621 3621 GLN GLN A . n 
A 1 153 PRO 153 3622 3622 PRO PRO A . n 
A 1 154 ALA 154 3623 3623 ALA ALA A . n 
A 1 155 TYR 155 3624 3624 TYR TYR A . n 
A 1 156 VAL 156 3625 3625 VAL VAL A . n 
A 1 157 LEU 157 3626 3626 LEU LEU A . n 
A 1 158 GLN 158 3627 3627 GLN GLN A . n 
A 1 159 ILE 159 3628 3628 ILE ILE A . n 
A 1 160 PHE 160 3629 3629 PHE PHE A . n 
A 1 161 PRO 161 3630 3630 PRO PRO A . n 
A 1 162 PRO 162 3631 3631 PRO PRO A . n 
A 1 163 CYS 163 3632 3632 CYS CYS A . n 
A 1 164 GLU 164 3633 3633 GLU GLU A . n 
A 1 165 PHE 165 3634 3634 PHE PHE A . n 
A 1 166 SER 166 3635 3635 SER SER A . n 
A 1 167 GLU 167 3636 3636 GLU GLU A . n 
A 1 168 SER 168 3637 3637 SER SER A . n 
A 1 169 HIS 169 3638 3638 HIS HIS A . n 
A 1 170 LEU 170 3639 3639 LEU LEU A . n 
A 1 171 SER 171 3640 3640 SER SER A . n 
A 1 172 ARG 172 3641 3641 ARG ARG A . n 
A 1 173 LEU 173 3642 3642 LEU LEU A . n 
A 1 174 ALA 174 3643 3643 ALA ALA A . n 
A 1 175 PRO 175 3644 3644 PRO PRO A . n 
A 1 176 ASP 176 3645 3645 ASP ASP A . n 
A 1 177 LEU 177 3646 3646 LEU LEU A . n 
A 1 178 LEU 178 3647 3647 LEU LEU A . n 
A 1 179 ALA 179 3648 3648 ALA ALA A . n 
A 1 180 SER 180 3649 3649 SER SER A . n 
A 1 181 ILE 181 3650 3650 ILE ILE A . n 
A 1 182 SER 182 3651 3651 SER SER A . n 
A 1 183 ASN 183 3652 3652 ASN ASN A . n 
A 1 184 ILE 184 3653 3653 ILE ILE A . n 
A 1 185 SER 185 3654 3654 SER SER A . n 
A 1 186 PRO 186 3655 3655 PRO PRO A . n 
A 1 187 HIS 187 3656 3656 HIS HIS A . n 
A 1 188 LEU 188 3657 3657 LEU LEU A . n 
A 1 189 MET 189 3658 3658 MET MET A . n 
A 1 190 ILE 190 3659 3659 ILE ILE A . n 
A 1 191 VAL 191 3660 3660 VAL VAL A . n 
A 1 192 ILE 192 3661 3661 ILE ILE A . n 
A 1 193 ALA 193 3662 3662 ALA ALA A . n 
A 1 194 SER 194 3663 3663 SER SER A . n 
A 1 195 VAL 195 3664 3664 VAL VAL A . n 
# 
loop_
_pdbx_nonpoly_scheme.asym_id 
_pdbx_nonpoly_scheme.entity_id 
_pdbx_nonpoly_scheme.mon_id 
_pdbx_nonpoly_scheme.ndb_seq_num 
_pdbx_nonpoly_scheme.pdb_seq_num 
_pdbx_nonpoly_scheme.auth_seq_num 
_pdbx_nonpoly_scheme.pdb_mon_id 
_pdbx_nonpoly_scheme.auth_mon_id 
_pdbx_nonpoly_scheme.pdb_strand_id 
_pdbx_nonpoly_scheme.pdb_ins_code 
B 2 HOH 1  1  1    HOH HOH A . 
B 2 HOH 2  2  2    HOH HOH A . 
B 2 HOH 3  3  3    HOH HOH A . 
B 2 HOH 4  4  4    HOH HOH A . 
B 2 HOH 5  5  5    HOH HOH A . 
B 2 HOH 6  6  6    HOH HOH A . 
B 2 HOH 7  7  7    HOH HOH A . 
B 2 HOH 8  8  8    HOH HOH A . 
B 2 HOH 9  9  9    HOH HOH A . 
B 2 HOH 10 10 10   HOH HOH A . 
B 2 HOH 11 11 11   HOH HOH A . 
B 2 HOH 12 12 12   HOH HOH A . 
B 2 HOH 13 13 13   HOH HOH A . 
B 2 HOH 14 14 14   HOH HOH A . 
B 2 HOH 15 15 15   HOH HOH A . 
B 2 HOH 16 16 16   HOH HOH A . 
B 2 HOH 17 17 17   HOH HOH A . 
B 2 HOH 18 18 18   HOH HOH A . 
B 2 HOH 19 19 19   HOH HOH A . 
B 2 HOH 20 20 20   HOH HOH A . 
B 2 HOH 21 21 21   HOH HOH A . 
B 2 HOH 22 22 22   HOH HOH A . 
B 2 HOH 23 23 23   HOH HOH A . 
B 2 HOH 24 24 24   HOH HOH A . 
B 2 HOH 25 25 25   HOH HOH A . 
B 2 HOH 26 26 26   HOH HOH A . 
B 2 HOH 27 27 3542 HOH HOH A . 
B 2 HOH 28 28 3543 HOH HOH A . 
B 2 HOH 29 29 3544 HOH HOH A . 
B 2 HOH 30 30 3545 HOH HOH A . 
B 2 HOH 31 31 3546 HOH HOH A . 
B 2 HOH 32 32 3547 HOH HOH A . 
B 2 HOH 33 33 3548 HOH HOH A . 
B 2 HOH 34 34 3549 HOH HOH A . 
B 2 HOH 35 35 3550 HOH HOH A . 
B 2 HOH 36 36 3551 HOH HOH A . 
B 2 HOH 37 37 3552 HOH HOH A . 
B 2 HOH 38 38 3553 HOH HOH A . 
B 2 HOH 39 39 3554 HOH HOH A . 
B 2 HOH 40 40 3555 HOH HOH A . 
B 2 HOH 41 41 3556 HOH HOH A . 
B 2 HOH 42 42 3557 HOH HOH A . 
B 2 HOH 43 43 3558 HOH HOH A . 
B 2 HOH 44 44 3559 HOH HOH A . 
B 2 HOH 45 45 3560 HOH HOH A . 
B 2 HOH 46 46 3561 HOH HOH A . 
B 2 HOH 47 47 3562 HOH HOH A . 
B 2 HOH 48 48 3563 HOH HOH A . 
B 2 HOH 49 49 3564 HOH HOH A . 
B 2 HOH 50 50 3565 HOH HOH A . 
B 2 HOH 51 51 3566 HOH HOH A . 
B 2 HOH 52 52 3567 HOH HOH A . 
B 2 HOH 53 53 3568 HOH HOH A . 
B 2 HOH 54 54 3569 HOH HOH A . 
B 2 HOH 55 55 3570 HOH HOH A . 
B 2 HOH 56 56 3571 HOH HOH A . 
B 2 HOH 57 57 3572 HOH HOH A . 
B 2 HOH 58 58 3573 HOH HOH A . 
B 2 HOH 59 59 3574 HOH HOH A . 
B 2 HOH 60 60 3575 HOH HOH A . 
B 2 HOH 61 61 3576 HOH HOH A . 
B 2 HOH 62 62 3577 HOH HOH A . 
B 2 HOH 63 63 3578 HOH HOH A . 
B 2 HOH 64 64 3579 HOH HOH A . 
B 2 HOH 65 65 3580 HOH HOH A . 
B 2 HOH 66 66 3581 HOH HOH A . 
B 2 HOH 67 67 3582 HOH HOH A . 
B 2 HOH 68 68 3583 HOH HOH A . 
B 2 HOH 69 69 3584 HOH HOH A . 
B 2 HOH 70 70 3585 HOH HOH A . 
B 2 HOH 71 71 3586 HOH HOH A . 
B 2 HOH 72 72 3587 HOH HOH A . 
B 2 HOH 73 73 3588 HOH HOH A . 
B 2 HOH 74 74 74   HOH HOH A . 
B 2 HOH 75 75 75   HOH HOH A . 
B 2 HOH 76 76 76   HOH HOH A . 
B 2 HOH 77 77 3665 HOH HOH A . 
B 2 HOH 78 78 3666 HOH HOH A . 
B 2 HOH 79 79 3667 HOH HOH A . 
B 2 HOH 80 80 3668 HOH HOH A . 
B 2 HOH 81 81 3669 HOH HOH A . 
B 2 HOH 82 82 3670 HOH HOH A . 
# 
loop_
_software.name 
_software.classification 
_software.version 
_software.citation_id 
_software.pdbx_ordinal 
CNS    refinement       1.1       ? 1 
MOSFLM 'data reduction' .         ? 2 
CCP4   'data scaling'   '(SCALA)' ? 3 
SOLVE  phasing          .         ? 4 
# 
_cell.entry_id           1OW1 
_cell.length_a           41.300 
_cell.length_b           61.980 
_cell.length_c           68.400 
_cell.angle_alpha        90.00 
_cell.angle_beta         90.00 
_cell.angle_gamma        90.00 
_cell.Z_PDB              4 
_cell.pdbx_unique_axis   ? 
# 
_symmetry.entry_id                         1OW1 
_symmetry.space_group_name_H-M             'P 21 21 21' 
_symmetry.pdbx_full_space_group_name_H-M   ? 
_symmetry.cell_setting                     ? 
_symmetry.Int_Tables_number                19 
# 
_exptl.entry_id          1OW1 
_exptl.method            'X-RAY DIFFRACTION' 
_exptl.crystals_number   1 
# 
_exptl_crystal.id                    1 
_exptl_crystal.density_meas          ? 
_exptl_crystal.density_Matthews      2.29 
_exptl_crystal.density_percent_sol   45.76 
_exptl_crystal.description           ? 
# 
_exptl_crystal_grow.crystal_id      1 
_exptl_crystal_grow.method          'VAPOR DIFFUSION, HANGING DROP' 
_exptl_crystal_grow.temp            293 
_exptl_crystal_grow.temp_details    ? 
_exptl_crystal_grow.pH              7.4 
_exptl_crystal_grow.pdbx_details    'PEG 4000, glycerol, Tris-HCl, NaCl, pH 7.4, VAPOR DIFFUSION, HANGING DROP, temperature 293K' 
_exptl_crystal_grow.pdbx_pH_range   . 
# 
_diffrn.id                     1 
_diffrn.ambient_temp           100 
_diffrn.ambient_temp_details   ? 
_diffrn.crystal_id             1 
# 
_diffrn_detector.diffrn_id              1 
_diffrn_detector.detector               CCD 
_diffrn_detector.type                   'ADSC QUANTUM 4' 
_diffrn_detector.pdbx_collection_date   2002-03-03 
_diffrn_detector.details                ? 
# 
_diffrn_radiation.diffrn_id                        1 
_diffrn_radiation.wavelength_id                    1 
_diffrn_radiation.pdbx_monochromatic_or_laue_m_l   M 
_diffrn_radiation.monochromator                    'Si 111 CHANNEL' 
_diffrn_radiation.pdbx_diffrn_protocol             'SINGLE WAVELENGTH' 
_diffrn_radiation.pdbx_scattering_type             x-ray 
# 
_diffrn_radiation_wavelength.id           1 
_diffrn_radiation_wavelength.wavelength   0.978 
_diffrn_radiation_wavelength.wt           1.0 
# 
_diffrn_source.diffrn_id                   1 
_diffrn_source.source                      SYNCHROTRON 
_diffrn_source.type                        'SRS BEAMLINE PX14.2' 
_diffrn_source.pdbx_synchrotron_site       SRS 
_diffrn_source.pdbx_synchrotron_beamline   PX14.2 
_diffrn_source.pdbx_wavelength             ? 
_diffrn_source.pdbx_wavelength_list        0.978 
# 
_reflns.entry_id                     1OW1 
_reflns.observed_criterion_sigma_I   0 
_reflns.observed_criterion_sigma_F   0 
_reflns.d_resolution_low             30 
_reflns.d_resolution_high            1.8 
_reflns.number_obs                   16853 
_reflns.number_all                   16853 
_reflns.percent_possible_obs         99.8 
_reflns.pdbx_Rmerge_I_obs            ? 
_reflns.pdbx_Rsym_value              0.068 
_reflns.pdbx_netI_over_sigmaI        17.1 
_reflns.B_iso_Wilson_estimate        9.7 
_reflns.pdbx_redundancy              ? 
_reflns.R_free_details               ? 
_reflns.limit_h_max                  ? 
_reflns.limit_h_min                  ? 
_reflns.limit_k_max                  ? 
_reflns.limit_k_min                  ? 
_reflns.limit_l_max                  ? 
_reflns.limit_l_min                  ? 
_reflns.observed_criterion_F_max     ? 
_reflns.observed_criterion_F_min     ? 
_reflns.pdbx_diffrn_id               1 
_reflns.pdbx_ordinal                 1 
# 
_reflns_shell.d_res_high             1.8 
_reflns_shell.d_res_low              1.84 
_reflns_shell.percent_possible_all   99.8 
_reflns_shell.Rmerge_I_obs           ? 
_reflns_shell.pdbx_Rsym_value        0.082 
_reflns_shell.meanI_over_sigI_obs    ? 
_reflns_shell.pdbx_redundancy        ? 
_reflns_shell.percent_possible_obs   ? 
_reflns_shell.number_unique_all      1103 
_reflns_shell.pdbx_diffrn_id         ? 
_reflns_shell.pdbx_ordinal           1 
# 
_refine.entry_id                                 1OW1 
_refine.ls_number_reflns_obs                     16731 
_refine.ls_number_reflns_all                     16731 
_refine.pdbx_ls_sigma_I                          ? 
_refine.pdbx_ls_sigma_F                          0 
_refine.pdbx_data_cutoff_high_absF               ? 
_refine.pdbx_data_cutoff_low_absF                ? 
_refine.pdbx_data_cutoff_high_rms_absF           1201298.27 
_refine.ls_d_res_low                             19.96 
_refine.ls_d_res_high                            1.80 
_refine.ls_percent_reflns_obs                    99.2 
_refine.ls_R_factor_obs                          0.214 
_refine.ls_R_factor_all                          0.214 
_refine.ls_R_factor_R_work                       0.214 
_refine.ls_R_factor_R_free                       0.249 
_refine.ls_R_factor_R_free_error                 0.006 
_refine.ls_R_factor_R_free_error_details         ? 
_refine.ls_percent_reflns_R_free                 10.0 
_refine.ls_number_reflns_R_free                  1674 
_refine.ls_number_parameters                     ? 
_refine.ls_number_restraints                     ? 
_refine.occupancy_min                            ? 
_refine.occupancy_max                            ? 
_refine.correlation_coeff_Fo_to_Fc               ? 
_refine.correlation_coeff_Fo_to_Fc_free          ? 
_refine.B_iso_mean                               18.6 
_refine.aniso_B[1][1]                            -2.55 
_refine.aniso_B[2][2]                            4.21 
_refine.aniso_B[3][3]                            -1.67 
_refine.aniso_B[1][2]                            0.00 
_refine.aniso_B[1][3]                            0.00 
_refine.aniso_B[2][3]                            0.00 
_refine.solvent_model_details                    'FLAT MODEL' 
_refine.solvent_model_param_ksol                 0.389495 
_refine.solvent_model_param_bsol                 44.9783 
_refine.pdbx_solvent_vdw_probe_radii             ? 
_refine.pdbx_solvent_ion_probe_radii             ? 
_refine.pdbx_solvent_shrinkage_radii             ? 
_refine.pdbx_ls_cross_valid_method               THROUGHOUT 
_refine.details                                  ? 
_refine.pdbx_starting_model                      ? 
_refine.pdbx_method_to_determine_struct          MAD 
_refine.pdbx_isotropic_thermal_model             RESTRAINED 
_refine.pdbx_stereochemistry_target_values       'Engh & Huber' 
_refine.pdbx_stereochem_target_val_spec_case     ? 
_refine.pdbx_R_Free_selection_details            RANDOM 
_refine.pdbx_overall_ESU_R                       ? 
_refine.pdbx_overall_ESU_R_Free                  ? 
_refine.overall_SU_ML                            ? 
_refine.overall_SU_B                             ? 
_refine.ls_redundancy_reflns_obs                 ? 
_refine.B_iso_min                                ? 
_refine.B_iso_max                                ? 
_refine.overall_SU_R_Cruickshank_DPI             ? 
_refine.overall_SU_R_free                        ? 
_refine.pdbx_refine_id                           'X-RAY DIFFRACTION' 
_refine.pdbx_diffrn_id                           1 
_refine.pdbx_TLS_residual_ADP_flag               ? 
_refine.pdbx_overall_phase_error                 ? 
_refine.pdbx_overall_SU_R_free_Cruickshank_DPI   ? 
_refine.pdbx_overall_SU_R_Blow_DPI               ? 
_refine.pdbx_overall_SU_R_free_Blow_DPI          ? 
# 
_refine_analyze.entry_id                        1OW1 
_refine_analyze.Luzzati_coordinate_error_obs    0.21 
_refine_analyze.Luzzati_sigma_a_obs             -0.06 
_refine_analyze.Luzzati_d_res_low_obs           5.00 
_refine_analyze.Luzzati_coordinate_error_free   0.24 
_refine_analyze.Luzzati_sigma_a_free            ? 
_refine_analyze.Luzzati_d_res_low_free          ? 
_refine_analyze.number_disordered_residues      ? 
_refine_analyze.occupancy_sum_hydrogen          ? 
_refine_analyze.occupancy_sum_non_hydrogen      ? 
_refine_analyze.pdbx_Luzzati_d_res_high_obs     ? 
_refine_analyze.pdbx_refine_id                  'X-RAY DIFFRACTION' 
# 
_refine_hist.pdbx_refine_id                   'X-RAY DIFFRACTION' 
_refine_hist.cycle_id                         LAST 
_refine_hist.pdbx_number_atoms_protein        1286 
_refine_hist.pdbx_number_atoms_nucleic_acid   0 
_refine_hist.pdbx_number_atoms_ligand         0 
_refine_hist.number_atoms_solvent             82 
_refine_hist.number_atoms_total               1368 
_refine_hist.d_res_high                       1.80 
_refine_hist.d_res_low                        19.96 
# 
loop_
_refine_ls_restr.type 
_refine_ls_restr.dev_ideal 
_refine_ls_restr.dev_ideal_target 
_refine_ls_restr.weight 
_refine_ls_restr.number 
_refine_ls_restr.pdbx_refine_id 
_refine_ls_restr.pdbx_restraint_function 
c_bond_d           0.005 ?    ? ? 'X-RAY DIFFRACTION' ? 
c_angle_deg        1.3   ?    ? ? 'X-RAY DIFFRACTION' ? 
c_dihedral_angle_d 23.2  ?    ? ? 'X-RAY DIFFRACTION' ? 
c_improper_angle_d 0.88  ?    ? ? 'X-RAY DIFFRACTION' ? 
c_mcbond_it        1.40  1.50 ? ? 'X-RAY DIFFRACTION' ? 
c_mcangle_it       2.25  2.00 ? ? 'X-RAY DIFFRACTION' ? 
c_scbond_it        2.15  2.00 ? ? 'X-RAY DIFFRACTION' ? 
c_scangle_it       3.27  2.50 ? ? 'X-RAY DIFFRACTION' ? 
# 
_refine_ls_shell.pdbx_total_number_of_bins_used   6 
_refine_ls_shell.d_res_high                       1.80 
_refine_ls_shell.d_res_low                        1.91 
_refine_ls_shell.number_reflns_R_work             2430 
_refine_ls_shell.R_factor_R_work                  0.201 
_refine_ls_shell.percent_reflns_obs               97.9 
_refine_ls_shell.R_factor_R_free                  0.263 
_refine_ls_shell.R_factor_R_free_error            0.016 
_refine_ls_shell.percent_reflns_R_free            9.7 
_refine_ls_shell.number_reflns_R_free             261 
_refine_ls_shell.number_reflns_obs                2430 
_refine_ls_shell.redundancy_reflns_obs            ? 
_refine_ls_shell.number_reflns_all                ? 
_refine_ls_shell.pdbx_refine_id                   'X-RAY DIFFRACTION' 
_refine_ls_shell.R_factor_all                     ? 
# 
loop_
_pdbx_xplor_file.serial_no 
_pdbx_xplor_file.param_file 
_pdbx_xplor_file.topol_file 
_pdbx_xplor_file.pdbx_refine_id 
1 PROTEIN_REP.PARAM PROTEIN_REP.TOP 'X-RAY DIFFRACTION' 
2 WATER_REP.PARAM   WATER_REP.TOP   'X-RAY DIFFRACTION' 
# 
_struct.entry_id                  1OW1 
_struct.title                     'Crystal structure of the SPOC domain of the human transcriptional corepressor, SHARP.' 
_struct.pdbx_model_details        ? 
_struct.pdbx_CASP_flag            ? 
_struct.pdbx_model_type_details   ? 
# 
_struct_keywords.entry_id        1OW1 
_struct_keywords.pdbx_keywords   TRANSCRIPTION 
_struct_keywords.text            'beta-alpha-barrel, SPOC domain, TRANSCRIPTION' 
# 
loop_
_struct_asym.id 
_struct_asym.pdbx_blank_PDB_chainid_flag 
_struct_asym.pdbx_modified 
_struct_asym.entity_id 
_struct_asym.details 
A N N 1 ? 
B N N 2 ? 
# 
_struct_ref.id                         1 
_struct_ref.db_name                    UNP 
_struct_ref.db_code                    MINT_HUMAN 
_struct_ref.pdbx_db_accession          Q96T58 
_struct_ref.entity_id                  1 
_struct_ref.pdbx_seq_one_letter_code   
;GLVLPHTEFQPAPKQDSSPHLTSQRPVDMVQLLKKYPIVWQGLLALKNDTAAVQLHFVSGNNVLAHRSLPLSEGGPPLRI
AQRMRLEATQLEGVARRMTVETDYCLLLALPCGRDQEDVVSQTESLKAAFITYLQAKQAAGIINVPNPGSNQPAYVLQIF
PPCEFSESHLSRLAPDLLASISNISPHLMIVIASV
;
_struct_ref.pdbx_align_begin           3470 
_struct_ref.pdbx_db_isoform            ? 
# 
_struct_ref_seq.align_id                      1 
_struct_ref_seq.ref_id                        1 
_struct_ref_seq.pdbx_PDB_id_code              1OW1 
_struct_ref_seq.pdbx_strand_id                A 
_struct_ref_seq.seq_align_beg                 1 
_struct_ref_seq.pdbx_seq_align_beg_ins_code   ? 
_struct_ref_seq.seq_align_end                 195 
_struct_ref_seq.pdbx_seq_align_end_ins_code   ? 
_struct_ref_seq.pdbx_db_accession             Q96T58 
_struct_ref_seq.db_align_beg                  3470 
_struct_ref_seq.pdbx_db_align_beg_ins_code    ? 
_struct_ref_seq.db_align_end                  3664 
_struct_ref_seq.pdbx_db_align_end_ins_code    ? 
_struct_ref_seq.pdbx_auth_seq_align_beg       3470 
_struct_ref_seq.pdbx_auth_seq_align_end       3664 
# 
_pdbx_struct_assembly.id                   1 
_pdbx_struct_assembly.details              author_defined_assembly 
_pdbx_struct_assembly.method_details       ? 
_pdbx_struct_assembly.oligomeric_details   monomeric 
_pdbx_struct_assembly.oligomeric_count     1 
# 
_pdbx_struct_assembly_gen.assembly_id       1 
_pdbx_struct_assembly_gen.oper_expression   1 
_pdbx_struct_assembly_gen.asym_id_list      A,B 
# 
_pdbx_struct_oper_list.id                   1 
_pdbx_struct_oper_list.type                 'identity operation' 
_pdbx_struct_oper_list.name                 1_555 
_pdbx_struct_oper_list.symmetry_operation   x,y,z 
_pdbx_struct_oper_list.matrix[1][1]         1.0000000000 
_pdbx_struct_oper_list.matrix[1][2]         0.0000000000 
_pdbx_struct_oper_list.matrix[1][3]         0.0000000000 
_pdbx_struct_oper_list.vector[1]            0.0000000000 
_pdbx_struct_oper_list.matrix[2][1]         0.0000000000 
_pdbx_struct_oper_list.matrix[2][2]         1.0000000000 
_pdbx_struct_oper_list.matrix[2][3]         0.0000000000 
_pdbx_struct_oper_list.vector[2]            0.0000000000 
_pdbx_struct_oper_list.matrix[3][1]         0.0000000000 
_pdbx_struct_oper_list.matrix[3][2]         0.0000000000 
_pdbx_struct_oper_list.matrix[3][3]         1.0000000000 
_pdbx_struct_oper_list.vector[3]            0.0000000000 
# 
_struct_biol.id                    1 
_struct_biol.pdbx_parent_biol_id   ? 
_struct_biol.details               ? 
# 
loop_
_struct_conf.conf_type_id 
_struct_conf.id 
_struct_conf.pdbx_PDB_helix_id 
_struct_conf.beg_label_comp_id 
_struct_conf.beg_label_asym_id 
_struct_conf.beg_label_seq_id 
_struct_conf.pdbx_beg_PDB_ins_code 
_struct_conf.end_label_comp_id 
_struct_conf.end_label_asym_id 
_struct_conf.end_label_seq_id 
_struct_conf.pdbx_end_PDB_ins_code 
_struct_conf.beg_auth_comp_id 
_struct_conf.beg_auth_asym_id 
_struct_conf.beg_auth_seq_id 
_struct_conf.end_auth_comp_id 
_struct_conf.end_auth_asym_id 
_struct_conf.end_auth_seq_id 
_struct_conf.pdbx_PDB_helix_class 
_struct_conf.details 
_struct_conf.pdbx_PDB_helix_length 
HELX_P HELX_P1 1 GLN A 31  ? TYR A 36  ? GLN A 3500 TYR A 3505 1 ? 6  
HELX_P HELX_P2 2 ASN A 61  ? LEU A 69  ? ASN A 3530 LEU A 3538 1 ? 9  
HELX_P HELX_P3 3 GLU A 87  ? MET A 98  ? GLU A 3556 MET A 3567 1 ? 12 
HELX_P HELX_P4 4 ASP A 115 ? PHE A 130 ? ASP A 3584 PHE A 3599 1 ? 16 
HELX_P HELX_P5 5 PHE A 130 ? GLN A 138 ? PHE A 3599 GLN A 3607 1 ? 9  
HELX_P HELX_P6 6 CYS A 163 ? ALA A 174 ? CYS A 3632 ALA A 3643 1 ? 12 
HELX_P HELX_P7 7 ALA A 174 ? SER A 182 ? ALA A 3643 SER A 3651 1 ? 9  
# 
_struct_conf_type.id          HELX_P 
_struct_conf_type.criteria    ? 
_struct_conf_type.reference   ? 
# 
_struct_sheet.id               A 
_struct_sheet.type             ? 
_struct_sheet.number_strands   8 
_struct_sheet.details          ? 
# 
loop_
_struct_sheet_order.sheet_id 
_struct_sheet_order.range_id_1 
_struct_sheet_order.range_id_2 
_struct_sheet_order.offset 
_struct_sheet_order.sense 
A 1 2 ? parallel      
A 2 3 ? anti-parallel 
A 3 4 ? anti-parallel 
A 4 5 ? anti-parallel 
A 5 6 ? anti-parallel 
A 6 7 ? anti-parallel 
A 7 8 ? anti-parallel 
# 
loop_
_struct_sheet_range.sheet_id 
_struct_sheet_range.id 
_struct_sheet_range.beg_label_comp_id 
_struct_sheet_range.beg_label_asym_id 
_struct_sheet_range.beg_label_seq_id 
_struct_sheet_range.pdbx_beg_PDB_ins_code 
_struct_sheet_range.end_label_comp_id 
_struct_sheet_range.end_label_asym_id 
_struct_sheet_range.end_label_seq_id 
_struct_sheet_range.pdbx_end_PDB_ins_code 
_struct_sheet_range.beg_auth_comp_id 
_struct_sheet_range.beg_auth_asym_id 
_struct_sheet_range.beg_auth_seq_id 
_struct_sheet_range.end_auth_comp_id 
_struct_sheet_range.end_auth_asym_id 
_struct_sheet_range.end_auth_seq_id 
A 1 LEU A 78  ? ILE A 80  ? LEU A 3547 ILE A 3549 
A 2 ILE A 38  ? LEU A 46  ? ILE A 3507 LEU A 3515 
A 3 ASP A 49  ? GLY A 60  ? ASP A 3518 GLY A 3529 
A 4 TYR A 104 ? PRO A 111 ? TYR A 3573 PRO A 3580 
A 5 LEU A 188 ? SER A 194 ? LEU A 3657 SER A 3663 
A 6 TYR A 155 ? PHE A 160 ? TYR A 3624 PHE A 3629 
A 7 ALA A 139 ? VAL A 145 ? ALA A 3608 VAL A 3614 
A 8 GLN A 82  ? ARG A 85  ? GLN A 3551 ARG A 3554 
# 
loop_
_pdbx_struct_sheet_hbond.sheet_id 
_pdbx_struct_sheet_hbond.range_id_1 
_pdbx_struct_sheet_hbond.range_id_2 
_pdbx_struct_sheet_hbond.range_1_label_atom_id 
_pdbx_struct_sheet_hbond.range_1_label_comp_id 
_pdbx_struct_sheet_hbond.range_1_label_asym_id 
_pdbx_struct_sheet_hbond.range_1_label_seq_id 
_pdbx_struct_sheet_hbond.range_1_PDB_ins_code 
_pdbx_struct_sheet_hbond.range_1_auth_atom_id 
_pdbx_struct_sheet_hbond.range_1_auth_comp_id 
_pdbx_struct_sheet_hbond.range_1_auth_asym_id 
_pdbx_struct_sheet_hbond.range_1_auth_seq_id 
_pdbx_struct_sheet_hbond.range_2_label_atom_id 
_pdbx_struct_sheet_hbond.range_2_label_comp_id 
_pdbx_struct_sheet_hbond.range_2_label_asym_id 
_pdbx_struct_sheet_hbond.range_2_label_seq_id 
_pdbx_struct_sheet_hbond.range_2_PDB_ins_code 
_pdbx_struct_sheet_hbond.range_2_auth_atom_id 
_pdbx_struct_sheet_hbond.range_2_auth_comp_id 
_pdbx_struct_sheet_hbond.range_2_auth_asym_id 
_pdbx_struct_sheet_hbond.range_2_auth_seq_id 
A 1 2 O ILE A 80  ? O ILE A 3549 N ALA A 45  ? N ALA A 3514 
A 2 3 N TRP A 40  ? N TRP A 3509 O LEU A 55  ? O LEU A 3524 
A 3 4 N SER A 59  ? N SER A 3528 O LEU A 106 ? O LEU A 3575 
A 4 5 N LEU A 107 ? N LEU A 3576 O ILE A 190 ? O ILE A 3659 
A 5 6 O MET A 189 ? O MET A 3658 N PHE A 160 ? N PHE A 3629 
A 6 7 O LEU A 157 ? O LEU A 3626 N ILE A 143 ? N ILE A 3612 
A 7 8 O ALA A 140 ? O ALA A 3609 N MET A 84  ? N MET A 3553 
# 
loop_
_pdbx_validate_torsion.id 
_pdbx_validate_torsion.PDB_model_num 
_pdbx_validate_torsion.auth_comp_id 
_pdbx_validate_torsion.auth_asym_id 
_pdbx_validate_torsion.auth_seq_id 
_pdbx_validate_torsion.PDB_ins_code 
_pdbx_validate_torsion.label_alt_id 
_pdbx_validate_torsion.phi 
_pdbx_validate_torsion.psi 
1 1 LYS A 3516 ? ? 58.37   -126.30 
2 1 ALA A 3557 ? ? -37.97  -71.56  
3 1 PHE A 3599 ? ? -107.84 -62.12  
4 1 ALA A 3623 ? ? -108.18 -76.32  
5 1 ALA A 3643 ? ? -153.31 64.76   
# 
loop_
_pdbx_unobs_or_zero_occ_residues.id 
_pdbx_unobs_or_zero_occ_residues.PDB_model_num 
_pdbx_unobs_or_zero_occ_residues.polymer_flag 
_pdbx_unobs_or_zero_occ_residues.occupancy_flag 
_pdbx_unobs_or_zero_occ_residues.auth_asym_id 
_pdbx_unobs_or_zero_occ_residues.auth_comp_id 
_pdbx_unobs_or_zero_occ_residues.auth_seq_id 
_pdbx_unobs_or_zero_occ_residues.PDB_ins_code 
_pdbx_unobs_or_zero_occ_residues.label_asym_id 
_pdbx_unobs_or_zero_occ_residues.label_comp_id 
_pdbx_unobs_or_zero_occ_residues.label_seq_id 
1  1 Y 1 A GLY 3470 ? A GLY 1  
2  1 Y 1 A LEU 3471 ? A LEU 2  
3  1 Y 1 A VAL 3472 ? A VAL 3  
4  1 Y 1 A LEU 3473 ? A LEU 4  
5  1 Y 1 A PRO 3474 ? A PRO 5  
6  1 Y 1 A HIS 3475 ? A HIS 6  
7  1 Y 1 A THR 3476 ? A THR 7  
8  1 Y 1 A GLU 3477 ? A GLU 8  
9  1 Y 1 A PHE 3478 ? A PHE 9  
10 1 Y 1 A GLN 3479 ? A GLN 10 
11 1 Y 1 A PRO 3480 ? A PRO 11 
12 1 Y 1 A ALA 3481 ? A ALA 12 
13 1 Y 1 A PRO 3482 ? A PRO 13 
14 1 Y 1 A LYS 3483 ? A LYS 14 
15 1 Y 1 A GLN 3484 ? A GLN 15 
16 1 Y 1 A ASP 3485 ? A ASP 16 
17 1 Y 1 A SER 3486 ? A SER 17 
18 1 Y 1 A SER 3487 ? A SER 18 
19 1 Y 1 A PRO 3488 ? A PRO 19 
20 1 Y 1 A HIS 3489 ? A HIS 20 
21 1 Y 1 A LEU 3490 ? A LEU 21 
22 1 Y 1 A THR 3491 ? A THR 22 
23 1 Y 1 A SER 3492 ? A SER 23 
24 1 Y 1 A GLN 3493 ? A GLN 24 
25 1 Y 1 A ARG 3494 ? A ARG 25 
26 1 Y 1 A GLU 3542 ? A GLU 73 
27 1 Y 1 A GLY 3543 ? A GLY 74 
28 1 Y 1 A GLY 3544 ? A GLY 75 
# 
loop_
_chem_comp_atom.comp_id 
_chem_comp_atom.atom_id 
_chem_comp_atom.type_symbol 
_chem_comp_atom.pdbx_aromatic_flag 
_chem_comp_atom.pdbx_stereo_config 
_chem_comp_atom.pdbx_ordinal 
ALA N    N N N 1   
ALA CA   C N S 2   
ALA C    C N N 3   
ALA O    O N N 4   
ALA CB   C N N 5   
ALA OXT  O N N 6   
ALA H    H N N 7   
ALA H2   H N N 8   
ALA HA   H N N 9   
ALA HB1  H N N 10  
ALA HB2  H N N 11  
ALA HB3  H N N 12  
ALA HXT  H N N 13  
ARG N    N N N 14  
ARG CA   C N S 15  
ARG C    C N N 16  
ARG O    O N N 17  
ARG CB   C N N 18  
ARG CG   C N N 19  
ARG CD   C N N 20  
ARG NE   N N N 21  
ARG CZ   C N N 22  
ARG NH1  N N N 23  
ARG NH2  N N N 24  
ARG OXT  O N N 25  
ARG H    H N N 26  
ARG H2   H N N 27  
ARG HA   H N N 28  
ARG HB2  H N N 29  
ARG HB3  H N N 30  
ARG HG2  H N N 31  
ARG HG3  H N N 32  
ARG HD2  H N N 33  
ARG HD3  H N N 34  
ARG HE   H N N 35  
ARG HH11 H N N 36  
ARG HH12 H N N 37  
ARG HH21 H N N 38  
ARG HH22 H N N 39  
ARG HXT  H N N 40  
ASN N    N N N 41  
ASN CA   C N S 42  
ASN C    C N N 43  
ASN O    O N N 44  
ASN CB   C N N 45  
ASN CG   C N N 46  
ASN OD1  O N N 47  
ASN ND2  N N N 48  
ASN OXT  O N N 49  
ASN H    H N N 50  
ASN H2   H N N 51  
ASN HA   H N N 52  
ASN HB2  H N N 53  
ASN HB3  H N N 54  
ASN HD21 H N N 55  
ASN HD22 H N N 56  
ASN HXT  H N N 57  
ASP N    N N N 58  
ASP CA   C N S 59  
ASP C    C N N 60  
ASP O    O N N 61  
ASP CB   C N N 62  
ASP CG   C N N 63  
ASP OD1  O N N 64  
ASP OD2  O N N 65  
ASP OXT  O N N 66  
ASP H    H N N 67  
ASP H2   H N N 68  
ASP HA   H N N 69  
ASP HB2  H N N 70  
ASP HB3  H N N 71  
ASP HD2  H N N 72  
ASP HXT  H N N 73  
CYS N    N N N 74  
CYS CA   C N R 75  
CYS C    C N N 76  
CYS O    O N N 77  
CYS CB   C N N 78  
CYS SG   S N N 79  
CYS OXT  O N N 80  
CYS H    H N N 81  
CYS H2   H N N 82  
CYS HA   H N N 83  
CYS HB2  H N N 84  
CYS HB3  H N N 85  
CYS HG   H N N 86  
CYS HXT  H N N 87  
GLN N    N N N 88  
GLN CA   C N S 89  
GLN C    C N N 90  
GLN O    O N N 91  
GLN CB   C N N 92  
GLN CG   C N N 93  
GLN CD   C N N 94  
GLN OE1  O N N 95  
GLN NE2  N N N 96  
GLN OXT  O N N 97  
GLN H    H N N 98  
GLN H2   H N N 99  
GLN HA   H N N 100 
GLN HB2  H N N 101 
GLN HB3  H N N 102 
GLN HG2  H N N 103 
GLN HG3  H N N 104 
GLN HE21 H N N 105 
GLN HE22 H N N 106 
GLN HXT  H N N 107 
GLU N    N N N 108 
GLU CA   C N S 109 
GLU C    C N N 110 
GLU O    O N N 111 
GLU CB   C N N 112 
GLU CG   C N N 113 
GLU CD   C N N 114 
GLU OE1  O N N 115 
GLU OE2  O N N 116 
GLU OXT  O N N 117 
GLU H    H N N 118 
GLU H2   H N N 119 
GLU HA   H N N 120 
GLU HB2  H N N 121 
GLU HB3  H N N 122 
GLU HG2  H N N 123 
GLU HG3  H N N 124 
GLU HE2  H N N 125 
GLU HXT  H N N 126 
GLY N    N N N 127 
GLY CA   C N N 128 
GLY C    C N N 129 
GLY O    O N N 130 
GLY OXT  O N N 131 
GLY H    H N N 132 
GLY H2   H N N 133 
GLY HA2  H N N 134 
GLY HA3  H N N 135 
GLY HXT  H N N 136 
HIS N    N N N 137 
HIS CA   C N S 138 
HIS C    C N N 139 
HIS O    O N N 140 
HIS CB   C N N 141 
HIS CG   C Y N 142 
HIS ND1  N Y N 143 
HIS CD2  C Y N 144 
HIS CE1  C Y N 145 
HIS NE2  N Y N 146 
HIS OXT  O N N 147 
HIS H    H N N 148 
HIS H2   H N N 149 
HIS HA   H N N 150 
HIS HB2  H N N 151 
HIS HB3  H N N 152 
HIS HD1  H N N 153 
HIS HD2  H N N 154 
HIS HE1  H N N 155 
HIS HE2  H N N 156 
HIS HXT  H N N 157 
HOH O    O N N 158 
HOH H1   H N N 159 
HOH H2   H N N 160 
ILE N    N N N 161 
ILE CA   C N S 162 
ILE C    C N N 163 
ILE O    O N N 164 
ILE CB   C N S 165 
ILE CG1  C N N 166 
ILE CG2  C N N 167 
ILE CD1  C N N 168 
ILE OXT  O N N 169 
ILE H    H N N 170 
ILE H2   H N N 171 
ILE HA   H N N 172 
ILE HB   H N N 173 
ILE HG12 H N N 174 
ILE HG13 H N N 175 
ILE HG21 H N N 176 
ILE HG22 H N N 177 
ILE HG23 H N N 178 
ILE HD11 H N N 179 
ILE HD12 H N N 180 
ILE HD13 H N N 181 
ILE HXT  H N N 182 
LEU N    N N N 183 
LEU CA   C N S 184 
LEU C    C N N 185 
LEU O    O N N 186 
LEU CB   C N N 187 
LEU CG   C N N 188 
LEU CD1  C N N 189 
LEU CD2  C N N 190 
LEU OXT  O N N 191 
LEU H    H N N 192 
LEU H2   H N N 193 
LEU HA   H N N 194 
LEU HB2  H N N 195 
LEU HB3  H N N 196 
LEU HG   H N N 197 
LEU HD11 H N N 198 
LEU HD12 H N N 199 
LEU HD13 H N N 200 
LEU HD21 H N N 201 
LEU HD22 H N N 202 
LEU HD23 H N N 203 
LEU HXT  H N N 204 
LYS N    N N N 205 
LYS CA   C N S 206 
LYS C    C N N 207 
LYS O    O N N 208 
LYS CB   C N N 209 
LYS CG   C N N 210 
LYS CD   C N N 211 
LYS CE   C N N 212 
LYS NZ   N N N 213 
LYS OXT  O N N 214 
LYS H    H N N 215 
LYS H2   H N N 216 
LYS HA   H N N 217 
LYS HB2  H N N 218 
LYS HB3  H N N 219 
LYS HG2  H N N 220 
LYS HG3  H N N 221 
LYS HD2  H N N 222 
LYS HD3  H N N 223 
LYS HE2  H N N 224 
LYS HE3  H N N 225 
LYS HZ1  H N N 226 
LYS HZ2  H N N 227 
LYS HZ3  H N N 228 
LYS HXT  H N N 229 
MET N    N N N 230 
MET CA   C N S 231 
MET C    C N N 232 
MET O    O N N 233 
MET CB   C N N 234 
MET CG   C N N 235 
MET SD   S N N 236 
MET CE   C N N 237 
MET OXT  O N N 238 
MET H    H N N 239 
MET H2   H N N 240 
MET HA   H N N 241 
MET HB2  H N N 242 
MET HB3  H N N 243 
MET HG2  H N N 244 
MET HG3  H N N 245 
MET HE1  H N N 246 
MET HE2  H N N 247 
MET HE3  H N N 248 
MET HXT  H N N 249 
PHE N    N N N 250 
PHE CA   C N S 251 
PHE C    C N N 252 
PHE O    O N N 253 
PHE CB   C N N 254 
PHE CG   C Y N 255 
PHE CD1  C Y N 256 
PHE CD2  C Y N 257 
PHE CE1  C Y N 258 
PHE CE2  C Y N 259 
PHE CZ   C Y N 260 
PHE OXT  O N N 261 
PHE H    H N N 262 
PHE H2   H N N 263 
PHE HA   H N N 264 
PHE HB2  H N N 265 
PHE HB3  H N N 266 
PHE HD1  H N N 267 
PHE HD2  H N N 268 
PHE HE1  H N N 269 
PHE HE2  H N N 270 
PHE HZ   H N N 271 
PHE HXT  H N N 272 
PRO N    N N N 273 
PRO CA   C N S 274 
PRO C    C N N 275 
PRO O    O N N 276 
PRO CB   C N N 277 
PRO CG   C N N 278 
PRO CD   C N N 279 
PRO OXT  O N N 280 
PRO H    H N N 281 
PRO HA   H N N 282 
PRO HB2  H N N 283 
PRO HB3  H N N 284 
PRO HG2  H N N 285 
PRO HG3  H N N 286 
PRO HD2  H N N 287 
PRO HD3  H N N 288 
PRO HXT  H N N 289 
SER N    N N N 290 
SER CA   C N S 291 
SER C    C N N 292 
SER O    O N N 293 
SER CB   C N N 294 
SER OG   O N N 295 
SER OXT  O N N 296 
SER H    H N N 297 
SER H2   H N N 298 
SER HA   H N N 299 
SER HB2  H N N 300 
SER HB3  H N N 301 
SER HG   H N N 302 
SER HXT  H N N 303 
THR N    N N N 304 
THR CA   C N S 305 
THR C    C N N 306 
THR O    O N N 307 
THR CB   C N R 308 
THR OG1  O N N 309 
THR CG2  C N N 310 
THR OXT  O N N 311 
THR H    H N N 312 
THR H2   H N N 313 
THR HA   H N N 314 
THR HB   H N N 315 
THR HG1  H N N 316 
THR HG21 H N N 317 
THR HG22 H N N 318 
THR HG23 H N N 319 
THR HXT  H N N 320 
TRP N    N N N 321 
TRP CA   C N S 322 
TRP C    C N N 323 
TRP O    O N N 324 
TRP CB   C N N 325 
TRP CG   C Y N 326 
TRP CD1  C Y N 327 
TRP CD2  C Y N 328 
TRP NE1  N Y N 329 
TRP CE2  C Y N 330 
TRP CE3  C Y N 331 
TRP CZ2  C Y N 332 
TRP CZ3  C Y N 333 
TRP CH2  C Y N 334 
TRP OXT  O N N 335 
TRP H    H N N 336 
TRP H2   H N N 337 
TRP HA   H N N 338 
TRP HB2  H N N 339 
TRP HB3  H N N 340 
TRP HD1  H N N 341 
TRP HE1  H N N 342 
TRP HE3  H N N 343 
TRP HZ2  H N N 344 
TRP HZ3  H N N 345 
TRP HH2  H N N 346 
TRP HXT  H N N 347 
TYR N    N N N 348 
TYR CA   C N S 349 
TYR C    C N N 350 
TYR O    O N N 351 
TYR CB   C N N 352 
TYR CG   C Y N 353 
TYR CD1  C Y N 354 
TYR CD2  C Y N 355 
TYR CE1  C Y N 356 
TYR CE2  C Y N 357 
TYR CZ   C Y N 358 
TYR OH   O N N 359 
TYR OXT  O N N 360 
TYR H    H N N 361 
TYR H2   H N N 362 
TYR HA   H N N 363 
TYR HB2  H N N 364 
TYR HB3  H N N 365 
TYR HD1  H N N 366 
TYR HD2  H N N 367 
TYR HE1  H N N 368 
TYR HE2  H N N 369 
TYR HH   H N N 370 
TYR HXT  H N N 371 
VAL N    N N N 372 
VAL CA   C N S 373 
VAL C    C N N 374 
VAL O    O N N 375 
VAL CB   C N N 376 
VAL CG1  C N N 377 
VAL CG2  C N N 378 
VAL OXT  O N N 379 
VAL H    H N N 380 
VAL H2   H N N 381 
VAL HA   H N N 382 
VAL HB   H N N 383 
VAL HG11 H N N 384 
VAL HG12 H N N 385 
VAL HG13 H N N 386 
VAL HG21 H N N 387 
VAL HG22 H N N 388 
VAL HG23 H N N 389 
VAL HXT  H N N 390 
# 
loop_
_chem_comp_bond.comp_id 
_chem_comp_bond.atom_id_1 
_chem_comp_bond.atom_id_2 
_chem_comp_bond.value_order 
_chem_comp_bond.pdbx_aromatic_flag 
_chem_comp_bond.pdbx_stereo_config 
_chem_comp_bond.pdbx_ordinal 
ALA N   CA   sing N N 1   
ALA N   H    sing N N 2   
ALA N   H2   sing N N 3   
ALA CA  C    sing N N 4   
ALA CA  CB   sing N N 5   
ALA CA  HA   sing N N 6   
ALA C   O    doub N N 7   
ALA C   OXT  sing N N 8   
ALA CB  HB1  sing N N 9   
ALA CB  HB2  sing N N 10  
ALA CB  HB3  sing N N 11  
ALA OXT HXT  sing N N 12  
ARG N   CA   sing N N 13  
ARG N   H    sing N N 14  
ARG N   H2   sing N N 15  
ARG CA  C    sing N N 16  
ARG CA  CB   sing N N 17  
ARG CA  HA   sing N N 18  
ARG C   O    doub N N 19  
ARG C   OXT  sing N N 20  
ARG CB  CG   sing N N 21  
ARG CB  HB2  sing N N 22  
ARG CB  HB3  sing N N 23  
ARG CG  CD   sing N N 24  
ARG CG  HG2  sing N N 25  
ARG CG  HG3  sing N N 26  
ARG CD  NE   sing N N 27  
ARG CD  HD2  sing N N 28  
ARG CD  HD3  sing N N 29  
ARG NE  CZ   sing N N 30  
ARG NE  HE   sing N N 31  
ARG CZ  NH1  sing N N 32  
ARG CZ  NH2  doub N N 33  
ARG NH1 HH11 sing N N 34  
ARG NH1 HH12 sing N N 35  
ARG NH2 HH21 sing N N 36  
ARG NH2 HH22 sing N N 37  
ARG OXT HXT  sing N N 38  
ASN N   CA   sing N N 39  
ASN N   H    sing N N 40  
ASN N   H2   sing N N 41  
ASN CA  C    sing N N 42  
ASN CA  CB   sing N N 43  
ASN CA  HA   sing N N 44  
ASN C   O    doub N N 45  
ASN C   OXT  sing N N 46  
ASN CB  CG   sing N N 47  
ASN CB  HB2  sing N N 48  
ASN CB  HB3  sing N N 49  
ASN CG  OD1  doub N N 50  
ASN CG  ND2  sing N N 51  
ASN ND2 HD21 sing N N 52  
ASN ND2 HD22 sing N N 53  
ASN OXT HXT  sing N N 54  
ASP N   CA   sing N N 55  
ASP N   H    sing N N 56  
ASP N   H2   sing N N 57  
ASP CA  C    sing N N 58  
ASP CA  CB   sing N N 59  
ASP CA  HA   sing N N 60  
ASP C   O    doub N N 61  
ASP C   OXT  sing N N 62  
ASP CB  CG   sing N N 63  
ASP CB  HB2  sing N N 64  
ASP CB  HB3  sing N N 65  
ASP CG  OD1  doub N N 66  
ASP CG  OD2  sing N N 67  
ASP OD2 HD2  sing N N 68  
ASP OXT HXT  sing N N 69  
CYS N   CA   sing N N 70  
CYS N   H    sing N N 71  
CYS N   H2   sing N N 72  
CYS CA  C    sing N N 73  
CYS CA  CB   sing N N 74  
CYS CA  HA   sing N N 75  
CYS C   O    doub N N 76  
CYS C   OXT  sing N N 77  
CYS CB  SG   sing N N 78  
CYS CB  HB2  sing N N 79  
CYS CB  HB3  sing N N 80  
CYS SG  HG   sing N N 81  
CYS OXT HXT  sing N N 82  
GLN N   CA   sing N N 83  
GLN N   H    sing N N 84  
GLN N   H2   sing N N 85  
GLN CA  C    sing N N 86  
GLN CA  CB   sing N N 87  
GLN CA  HA   sing N N 88  
GLN C   O    doub N N 89  
GLN C   OXT  sing N N 90  
GLN CB  CG   sing N N 91  
GLN CB  HB2  sing N N 92  
GLN CB  HB3  sing N N 93  
GLN CG  CD   sing N N 94  
GLN CG  HG2  sing N N 95  
GLN CG  HG3  sing N N 96  
GLN CD  OE1  doub N N 97  
GLN CD  NE2  sing N N 98  
GLN NE2 HE21 sing N N 99  
GLN NE2 HE22 sing N N 100 
GLN OXT HXT  sing N N 101 
GLU N   CA   sing N N 102 
GLU N   H    sing N N 103 
GLU N   H2   sing N N 104 
GLU CA  C    sing N N 105 
GLU CA  CB   sing N N 106 
GLU CA  HA   sing N N 107 
GLU C   O    doub N N 108 
GLU C   OXT  sing N N 109 
GLU CB  CG   sing N N 110 
GLU CB  HB2  sing N N 111 
GLU CB  HB3  sing N N 112 
GLU CG  CD   sing N N 113 
GLU CG  HG2  sing N N 114 
GLU CG  HG3  sing N N 115 
GLU CD  OE1  doub N N 116 
GLU CD  OE2  sing N N 117 
GLU OE2 HE2  sing N N 118 
GLU OXT HXT  sing N N 119 
GLY N   CA   sing N N 120 
GLY N   H    sing N N 121 
GLY N   H2   sing N N 122 
GLY CA  C    sing N N 123 
GLY CA  HA2  sing N N 124 
GLY CA  HA3  sing N N 125 
GLY C   O    doub N N 126 
GLY C   OXT  sing N N 127 
GLY OXT HXT  sing N N 128 
HIS N   CA   sing N N 129 
HIS N   H    sing N N 130 
HIS N   H2   sing N N 131 
HIS CA  C    sing N N 132 
HIS CA  CB   sing N N 133 
HIS CA  HA   sing N N 134 
HIS C   O    doub N N 135 
HIS C   OXT  sing N N 136 
HIS CB  CG   sing N N 137 
HIS CB  HB2  sing N N 138 
HIS CB  HB3  sing N N 139 
HIS CG  ND1  sing Y N 140 
HIS CG  CD2  doub Y N 141 
HIS ND1 CE1  doub Y N 142 
HIS ND1 HD1  sing N N 143 
HIS CD2 NE2  sing Y N 144 
HIS CD2 HD2  sing N N 145 
HIS CE1 NE2  sing Y N 146 
HIS CE1 HE1  sing N N 147 
HIS NE2 HE2  sing N N 148 
HIS OXT HXT  sing N N 149 
HOH O   H1   sing N N 150 
HOH O   H2   sing N N 151 
ILE N   CA   sing N N 152 
ILE N   H    sing N N 153 
ILE N   H2   sing N N 154 
ILE CA  C    sing N N 155 
ILE CA  CB   sing N N 156 
ILE CA  HA   sing N N 157 
ILE C   O    doub N N 158 
ILE C   OXT  sing N N 159 
ILE CB  CG1  sing N N 160 
ILE CB  CG2  sing N N 161 
ILE CB  HB   sing N N 162 
ILE CG1 CD1  sing N N 163 
ILE CG1 HG12 sing N N 164 
ILE CG1 HG13 sing N N 165 
ILE CG2 HG21 sing N N 166 
ILE CG2 HG22 sing N N 167 
ILE CG2 HG23 sing N N 168 
ILE CD1 HD11 sing N N 169 
ILE CD1 HD12 sing N N 170 
ILE CD1 HD13 sing N N 171 
ILE OXT HXT  sing N N 172 
LEU N   CA   sing N N 173 
LEU N   H    sing N N 174 
LEU N   H2   sing N N 175 
LEU CA  C    sing N N 176 
LEU CA  CB   sing N N 177 
LEU CA  HA   sing N N 178 
LEU C   O    doub N N 179 
LEU C   OXT  sing N N 180 
LEU CB  CG   sing N N 181 
LEU CB  HB2  sing N N 182 
LEU CB  HB3  sing N N 183 
LEU CG  CD1  sing N N 184 
LEU CG  CD2  sing N N 185 
LEU CG  HG   sing N N 186 
LEU CD1 HD11 sing N N 187 
LEU CD1 HD12 sing N N 188 
LEU CD1 HD13 sing N N 189 
LEU CD2 HD21 sing N N 190 
LEU CD2 HD22 sing N N 191 
LEU CD2 HD23 sing N N 192 
LEU OXT HXT  sing N N 193 
LYS N   CA   sing N N 194 
LYS N   H    sing N N 195 
LYS N   H2   sing N N 196 
LYS CA  C    sing N N 197 
LYS CA  CB   sing N N 198 
LYS CA  HA   sing N N 199 
LYS C   O    doub N N 200 
LYS C   OXT  sing N N 201 
LYS CB  CG   sing N N 202 
LYS CB  HB2  sing N N 203 
LYS CB  HB3  sing N N 204 
LYS CG  CD   sing N N 205 
LYS CG  HG2  sing N N 206 
LYS CG  HG3  sing N N 207 
LYS CD  CE   sing N N 208 
LYS CD  HD2  sing N N 209 
LYS CD  HD3  sing N N 210 
LYS CE  NZ   sing N N 211 
LYS CE  HE2  sing N N 212 
LYS CE  HE3  sing N N 213 
LYS NZ  HZ1  sing N N 214 
LYS NZ  HZ2  sing N N 215 
LYS NZ  HZ3  sing N N 216 
LYS OXT HXT  sing N N 217 
MET N   CA   sing N N 218 
MET N   H    sing N N 219 
MET N   H2   sing N N 220 
MET CA  C    sing N N 221 
MET CA  CB   sing N N 222 
MET CA  HA   sing N N 223 
MET C   O    doub N N 224 
MET C   OXT  sing N N 225 
MET CB  CG   sing N N 226 
MET CB  HB2  sing N N 227 
MET CB  HB3  sing N N 228 
MET CG  SD   sing N N 229 
MET CG  HG2  sing N N 230 
MET CG  HG3  sing N N 231 
MET SD  CE   sing N N 232 
MET CE  HE1  sing N N 233 
MET CE  HE2  sing N N 234 
MET CE  HE3  sing N N 235 
MET OXT HXT  sing N N 236 
PHE N   CA   sing N N 237 
PHE N   H    sing N N 238 
PHE N   H2   sing N N 239 
PHE CA  C    sing N N 240 
PHE CA  CB   sing N N 241 
PHE CA  HA   sing N N 242 
PHE C   O    doub N N 243 
PHE C   OXT  sing N N 244 
PHE CB  CG   sing N N 245 
PHE CB  HB2  sing N N 246 
PHE CB  HB3  sing N N 247 
PHE CG  CD1  doub Y N 248 
PHE CG  CD2  sing Y N 249 
PHE CD1 CE1  sing Y N 250 
PHE CD1 HD1  sing N N 251 
PHE CD2 CE2  doub Y N 252 
PHE CD2 HD2  sing N N 253 
PHE CE1 CZ   doub Y N 254 
PHE CE1 HE1  sing N N 255 
PHE CE2 CZ   sing Y N 256 
PHE CE2 HE2  sing N N 257 
PHE CZ  HZ   sing N N 258 
PHE OXT HXT  sing N N 259 
PRO N   CA   sing N N 260 
PRO N   CD   sing N N 261 
PRO N   H    sing N N 262 
PRO CA  C    sing N N 263 
PRO CA  CB   sing N N 264 
PRO CA  HA   sing N N 265 
PRO C   O    doub N N 266 
PRO C   OXT  sing N N 267 
PRO CB  CG   sing N N 268 
PRO CB  HB2  sing N N 269 
PRO CB  HB3  sing N N 270 
PRO CG  CD   sing N N 271 
PRO CG  HG2  sing N N 272 
PRO CG  HG3  sing N N 273 
PRO CD  HD2  sing N N 274 
PRO CD  HD3  sing N N 275 
PRO OXT HXT  sing N N 276 
SER N   CA   sing N N 277 
SER N   H    sing N N 278 
SER N   H2   sing N N 279 
SER CA  C    sing N N 280 
SER CA  CB   sing N N 281 
SER CA  HA   sing N N 282 
SER C   O    doub N N 283 
SER C   OXT  sing N N 284 
SER CB  OG   sing N N 285 
SER CB  HB2  sing N N 286 
SER CB  HB3  sing N N 287 
SER OG  HG   sing N N 288 
SER OXT HXT  sing N N 289 
THR N   CA   sing N N 290 
THR N   H    sing N N 291 
THR N   H2   sing N N 292 
THR CA  C    sing N N 293 
THR CA  CB   sing N N 294 
THR CA  HA   sing N N 295 
THR C   O    doub N N 296 
THR C   OXT  sing N N 297 
THR CB  OG1  sing N N 298 
THR CB  CG2  sing N N 299 
THR CB  HB   sing N N 300 
THR OG1 HG1  sing N N 301 
THR CG2 HG21 sing N N 302 
THR CG2 HG22 sing N N 303 
THR CG2 HG23 sing N N 304 
THR OXT HXT  sing N N 305 
TRP N   CA   sing N N 306 
TRP N   H    sing N N 307 
TRP N   H2   sing N N 308 
TRP CA  C    sing N N 309 
TRP CA  CB   sing N N 310 
TRP CA  HA   sing N N 311 
TRP C   O    doub N N 312 
TRP C   OXT  sing N N 313 
TRP CB  CG   sing N N 314 
TRP CB  HB2  sing N N 315 
TRP CB  HB3  sing N N 316 
TRP CG  CD1  doub Y N 317 
TRP CG  CD2  sing Y N 318 
TRP CD1 NE1  sing Y N 319 
TRP CD1 HD1  sing N N 320 
TRP CD2 CE2  doub Y N 321 
TRP CD2 CE3  sing Y N 322 
TRP NE1 CE2  sing Y N 323 
TRP NE1 HE1  sing N N 324 
TRP CE2 CZ2  sing Y N 325 
TRP CE3 CZ3  doub Y N 326 
TRP CE3 HE3  sing N N 327 
TRP CZ2 CH2  doub Y N 328 
TRP CZ2 HZ2  sing N N 329 
TRP CZ3 CH2  sing Y N 330 
TRP CZ3 HZ3  sing N N 331 
TRP CH2 HH2  sing N N 332 
TRP OXT HXT  sing N N 333 
TYR N   CA   sing N N 334 
TYR N   H    sing N N 335 
TYR N   H2   sing N N 336 
TYR CA  C    sing N N 337 
TYR CA  CB   sing N N 338 
TYR CA  HA   sing N N 339 
TYR C   O    doub N N 340 
TYR C   OXT  sing N N 341 
TYR CB  CG   sing N N 342 
TYR CB  HB2  sing N N 343 
TYR CB  HB3  sing N N 344 
TYR CG  CD1  doub Y N 345 
TYR CG  CD2  sing Y N 346 
TYR CD1 CE1  sing Y N 347 
TYR CD1 HD1  sing N N 348 
TYR CD2 CE2  doub Y N 349 
TYR CD2 HD2  sing N N 350 
TYR CE1 CZ   doub Y N 351 
TYR CE1 HE1  sing N N 352 
TYR CE2 CZ   sing Y N 353 
TYR CE2 HE2  sing N N 354 
TYR CZ  OH   sing N N 355 
TYR OH  HH   sing N N 356 
TYR OXT HXT  sing N N 357 
VAL N   CA   sing N N 358 
VAL N   H    sing N N 359 
VAL N   H2   sing N N 360 
VAL CA  C    sing N N 361 
VAL CA  CB   sing N N 362 
VAL CA  HA   sing N N 363 
VAL C   O    doub N N 364 
VAL C   OXT  sing N N 365 
VAL CB  CG1  sing N N 366 
VAL CB  CG2  sing N N 367 
VAL CB  HB   sing N N 368 
VAL CG1 HG11 sing N N 369 
VAL CG1 HG12 sing N N 370 
VAL CG1 HG13 sing N N 371 
VAL CG2 HG21 sing N N 372 
VAL CG2 HG22 sing N N 373 
VAL CG2 HG23 sing N N 374 
VAL OXT HXT  sing N N 375 
# 
_atom_sites.entry_id                    1OW1 
_atom_sites.fract_transf_matrix[1][1]   0.01713808 
_atom_sites.fract_transf_matrix[1][2]   -0.00885268 
_atom_sites.fract_transf_matrix[1][3]   0.01463508 
_atom_sites.fract_transf_matrix[2][1]   -0.01028775 
_atom_sites.fract_transf_matrix[2][2]   0.00060590 
_atom_sites.fract_transf_matrix[2][3]   0.01241375 
_atom_sites.fract_transf_matrix[3][1]   -0.00444463 
_atom_sites.fract_transf_matrix[3][2]   -0.01359671 
_atom_sites.fract_transf_matrix[3][3]   -0.00301979 
_atom_sites.fract_transf_vector[1]      0.548762 
_atom_sites.fract_transf_vector[2]      -0.068096 
_atom_sites.fract_transf_vector[3]      -0.048479 
# 
loop_
_atom_type.symbol 
C 
N 
O 
S 
# 
loop_
_atom_site.group_PDB 
_atom_site.id 
_atom_site.type_symbol 
_atom_site.label_atom_id 
_atom_site.label_alt_id 
_atom_site.label_comp_id 
_atom_site.label_asym_id 
_atom_site.label_entity_id 
_atom_site.label_seq_id 
_atom_site.pdbx_PDB_ins_code 
_atom_site.Cartn_x 
_atom_site.Cartn_y 
_atom_site.Cartn_z 
_atom_site.occupancy 
_atom_site.B_iso_or_equiv 
_atom_site.pdbx_formal_charge 
_atom_site.auth_seq_id 
_atom_site.auth_comp_id 
_atom_site.auth_asym_id 
_atom_site.auth_atom_id 
_atom_site.pdbx_PDB_model_num 
ATOM   1    N N   . PRO A 1 26  ? -15.235 20.448  -13.162 1.00 19.82 ? 3495 PRO A N   1 
ATOM   2    C CA  . PRO A 1 26  ? -15.745 19.691  -11.998 1.00 18.74 ? 3495 PRO A CA  1 
ATOM   3    C C   . PRO A 1 26  ? -16.497 18.440  -12.452 1.00 18.28 ? 3495 PRO A C   1 
ATOM   4    O O   . PRO A 1 26  ? -17.695 18.494  -12.735 1.00 17.41 ? 3495 PRO A O   1 
ATOM   5    C CB  . PRO A 1 26  ? -16.674 20.628  -11.248 1.00 20.06 ? 3495 PRO A CB  1 
ATOM   6    C CG  . PRO A 1 26  ? -17.208 21.473  -12.389 1.00 20.58 ? 3495 PRO A CG  1 
ATOM   7    C CD  . PRO A 1 26  ? -15.986 21.710  -13.299 1.00 19.78 ? 3495 PRO A CD  1 
ATOM   8    N N   . VAL A 1 27  ? -15.789 17.318  -12.525 1.00 18.43 ? 3496 VAL A N   1 
ATOM   9    C CA  . VAL A 1 27  ? -16.397 16.057  -12.933 1.00 20.98 ? 3496 VAL A CA  1 
ATOM   10   C C   . VAL A 1 27  ? -15.890 14.893  -12.085 1.00 21.64 ? 3496 VAL A C   1 
ATOM   11   O O   . VAL A 1 27  ? -14.935 15.030  -11.319 1.00 22.50 ? 3496 VAL A O   1 
ATOM   12   C CB  . VAL A 1 27  ? -16.097 15.739  -14.415 1.00 22.44 ? 3496 VAL A CB  1 
ATOM   13   C CG1 . VAL A 1 27  ? -16.623 16.853  -15.306 1.00 23.77 ? 3496 VAL A CG1 1 
ATOM   14   C CG2 . VAL A 1 27  ? -14.601 15.546  -14.613 1.00 24.15 ? 3496 VAL A CG2 1 
ATOM   15   N N   . ASP A 1 28  ? -16.548 13.750  -12.223 1.00 19.31 ? 3497 ASP A N   1 
ATOM   16   C CA  . ASP A 1 28  ? -16.164 12.546  -11.500 1.00 19.76 ? 3497 ASP A CA  1 
ATOM   17   C C   . ASP A 1 28  ? -16.333 11.406  -12.502 1.00 19.20 ? 3497 ASP A C   1 
ATOM   18   O O   . ASP A 1 28  ? -17.027 11.563  -13.513 1.00 16.55 ? 3497 ASP A O   1 
ATOM   19   C CB  . ASP A 1 28  ? -17.075 12.341  -10.280 1.00 20.68 ? 3497 ASP A CB  1 
ATOM   20   C CG  . ASP A 1 28  ? -16.551 11.276  -9.319  1.00 24.51 ? 3497 ASP A CG  1 
ATOM   21   O OD1 . ASP A 1 28  ? -15.386 10.853  -9.469  1.00 24.98 ? 3497 ASP A OD1 1 
ATOM   22   O OD2 . ASP A 1 28  ? -17.304 10.870  -8.404  1.00 24.68 ? 3497 ASP A OD2 1 
ATOM   23   N N   . MET A 1 29  ? -15.685 10.276  -12.241 1.00 19.97 ? 3498 MET A N   1 
ATOM   24   C CA  . MET A 1 29  ? -15.782 9.126   -13.135 1.00 19.79 ? 3498 MET A CA  1 
ATOM   25   C C   . MET A 1 29  ? -17.001 8.295   -12.766 1.00 19.46 ? 3498 MET A C   1 
ATOM   26   O O   . MET A 1 29  ? -17.389 8.236   -11.599 1.00 19.81 ? 3498 MET A O   1 
ATOM   27   C CB  . MET A 1 29  ? -14.530 8.245   -13.029 1.00 20.08 ? 3498 MET A CB  1 
ATOM   28   C CG  . MET A 1 29  ? -13.214 8.952   -13.313 1.00 24.37 ? 3498 MET A CG  1 
ATOM   29   S SD  . MET A 1 29  ? -13.143 9.735   -14.938 1.00 28.57 ? 3498 MET A SD  1 
ATOM   30   C CE  . MET A 1 29  ? -13.599 11.418  -14.491 1.00 29.01 ? 3498 MET A CE  1 
ATOM   31   N N   . VAL A 1 30  ? -17.597 7.646   -13.761 1.00 18.47 ? 3499 VAL A N   1 
ATOM   32   C CA  . VAL A 1 30  ? -18.764 6.806   -13.528 1.00 18.74 ? 3499 VAL A CA  1 
ATOM   33   C C   . VAL A 1 30  ? -18.359 5.541   -12.775 1.00 20.53 ? 3499 VAL A C   1 
ATOM   34   O O   . VAL A 1 30  ? -19.038 5.127   -11.831 1.00 21.28 ? 3499 VAL A O   1 
ATOM   35   C CB  . VAL A 1 30  ? -19.448 6.413   -14.866 1.00 18.63 ? 3499 VAL A CB  1 
ATOM   36   C CG1 . VAL A 1 30  ? -20.414 5.255   -14.649 1.00 19.34 ? 3499 VAL A CG1 1 
ATOM   37   C CG2 . VAL A 1 30  ? -20.203 7.610   -15.426 1.00 18.90 ? 3499 VAL A CG2 1 
ATOM   38   N N   . GLN A 1 31  ? -17.248 4.935   -13.186 1.00 20.14 ? 3500 GLN A N   1 
ATOM   39   C CA  . GLN A 1 31  ? -16.765 3.715   -12.546 1.00 21.72 ? 3500 GLN A CA  1 
ATOM   40   C C   . GLN A 1 31  ? -15.587 3.985   -11.610 1.00 21.01 ? 3500 GLN A C   1 
ATOM   41   O O   . GLN A 1 31  ? -14.538 4.474   -12.026 1.00 18.79 ? 3500 GLN A O   1 
ATOM   42   C CB  . GLN A 1 31  ? -16.373 2.683   -13.609 1.00 23.87 ? 3500 GLN A CB  1 
ATOM   43   C CG  . GLN A 1 31  ? -17.508 2.337   -14.567 1.00 27.31 ? 3500 GLN A CG  1 
ATOM   44   C CD  . GLN A 1 31  ? -17.163 1.199   -15.511 1.00 29.88 ? 3500 GLN A CD  1 
ATOM   45   O OE1 . GLN A 1 31  ? -17.105 0.036   -15.107 1.00 32.40 ? 3500 GLN A OE1 1 
ATOM   46   N NE2 . GLN A 1 31  ? -16.926 1.530   -16.775 1.00 31.38 ? 3500 GLN A NE2 1 
ATOM   47   N N   . LEU A 1 32  ? -15.779 3.651   -10.339 1.00 21.67 ? 3501 LEU A N   1 
ATOM   48   C CA  . LEU A 1 32  ? -14.769 3.851   -9.309  1.00 23.48 ? 3501 LEU A CA  1 
ATOM   49   C C   . LEU A 1 32  ? -13.430 3.205   -9.664  1.00 24.86 ? 3501 LEU A C   1 
ATOM   50   O O   . LEU A 1 32  ? -12.374 3.812   -9.496  1.00 25.37 ? 3501 LEU A O   1 
ATOM   51   C CB  . LEU A 1 32  ? -15.281 3.284   -7.981  1.00 24.22 ? 3501 LEU A CB  1 
ATOM   52   C CG  . LEU A 1 32  ? -14.544 3.669   -6.698  1.00 24.46 ? 3501 LEU A CG  1 
ATOM   53   C CD1 . LEU A 1 32  ? -14.683 5.164   -6.462  1.00 23.76 ? 3501 LEU A CD1 1 
ATOM   54   C CD2 . LEU A 1 32  ? -15.120 2.889   -5.520  1.00 25.33 ? 3501 LEU A CD2 1 
ATOM   55   N N   . LEU A 1 33  ? -13.475 1.974   -10.159 1.00 26.98 ? 3502 LEU A N   1 
ATOM   56   C CA  . LEU A 1 33  ? -12.254 1.264   -10.516 1.00 29.37 ? 3502 LEU A CA  1 
ATOM   57   C C   . LEU A 1 33  ? -11.497 1.924   -11.665 1.00 28.66 ? 3502 LEU A C   1 
ATOM   58   O O   . LEU A 1 33  ? -10.297 1.709   -11.829 1.00 30.06 ? 3502 LEU A O   1 
ATOM   59   C CB  . LEU A 1 33  ? -12.578 -0.192  -10.857 1.00 32.58 ? 3502 LEU A CB  1 
ATOM   60   C CG  . LEU A 1 33  ? -13.243 -0.963  -9.713  1.00 34.75 ? 3502 LEU A CG  1 
ATOM   61   C CD1 . LEU A 1 33  ? -13.461 -2.406  -10.139 1.00 36.40 ? 3502 LEU A CD1 1 
ATOM   62   C CD2 . LEU A 1 33  ? -12.373 -0.898  -8.459  1.00 36.43 ? 3502 LEU A CD2 1 
ATOM   63   N N   . LYS A 1 34  ? -12.200 2.726   -12.458 1.00 27.34 ? 3503 LYS A N   1 
ATOM   64   C CA  . LYS A 1 34  ? -11.582 3.437   -13.574 1.00 24.94 ? 3503 LYS A CA  1 
ATOM   65   C C   . LYS A 1 34  ? -10.859 4.661   -13.019 1.00 21.96 ? 3503 LYS A C   1 
ATOM   66   O O   . LYS A 1 34  ? -9.859  5.116   -13.572 1.00 21.19 ? 3503 LYS A O   1 
ATOM   67   C CB  . LYS A 1 34  ? -12.649 3.891   -14.575 1.00 27.68 ? 3503 LYS A CB  1 
ATOM   68   C CG  . LYS A 1 34  ? -13.256 2.772   -15.408 1.00 30.94 ? 3503 LYS A CG  1 
ATOM   69   C CD  . LYS A 1 34  ? -12.251 2.214   -16.405 1.00 33.89 ? 3503 LYS A CD  1 
ATOM   70   C CE  . LYS A 1 34  ? -12.890 1.170   -17.306 1.00 34.09 ? 3503 LYS A CE  1 
ATOM   71   N NZ  . LYS A 1 34  ? -11.925 0.622   -18.299 1.00 35.81 ? 3503 LYS A NZ  1 
ATOM   72   N N   . LYS A 1 35  ? -11.375 5.178   -11.913 1.00 17.94 ? 3504 LYS A N   1 
ATOM   73   C CA  . LYS A 1 35  ? -10.808 6.351   -11.264 1.00 16.59 ? 3504 LYS A CA  1 
ATOM   74   C C   . LYS A 1 35  ? -9.525  6.011   -10.504 1.00 16.08 ? 3504 LYS A C   1 
ATOM   75   O O   . LYS A 1 35  ? -8.636  6.851   -10.349 1.00 16.32 ? 3504 LYS A O   1 
ATOM   76   C CB  . LYS A 1 35  ? -11.846 6.940   -10.313 1.00 16.56 ? 3504 LYS A CB  1 
ATOM   77   C CG  . LYS A 1 35  ? -11.451 8.249   -9.671  1.00 18.78 ? 3504 LYS A CG  1 
ATOM   78   C CD  . LYS A 1 35  ? -12.623 8.802   -8.880  1.00 18.48 ? 3504 LYS A CD  1 
ATOM   79   C CE  . LYS A 1 35  ? -12.285 10.126  -8.221  1.00 19.79 ? 3504 LYS A CE  1 
ATOM   80   N NZ  . LYS A 1 35  ? -13.454 10.636  -7.447  1.00 19.79 ? 3504 LYS A NZ  1 
ATOM   81   N N   . TYR A 1 36  ? -9.436  4.771   -10.038 1.00 14.86 ? 3505 TYR A N   1 
ATOM   82   C CA  . TYR A 1 36  ? -8.274  4.308   -9.292  1.00 13.44 ? 3505 TYR A CA  1 
ATOM   83   C C   . TYR A 1 36  ? -7.779  3.034   -9.962  1.00 13.72 ? 3505 TYR A C   1 
ATOM   84   O O   . TYR A 1 36  ? -8.055  1.925   -9.502  1.00 14.25 ? 3505 TYR A O   1 
ATOM   85   C CB  . TYR A 1 36  ? -8.663  4.046   -7.839  1.00 12.92 ? 3505 TYR A CB  1 
ATOM   86   C CG  . TYR A 1 36  ? -9.286  5.252   -7.166  1.00 13.62 ? 3505 TYR A CG  1 
ATOM   87   C CD1 . TYR A 1 36  ? -10.666 5.342   -6.983  1.00 13.83 ? 3505 TYR A CD1 1 
ATOM   88   C CD2 . TYR A 1 36  ? -8.497  6.320   -6.744  1.00 14.59 ? 3505 TYR A CD2 1 
ATOM   89   C CE1 . TYR A 1 36  ? -11.244 6.470   -6.396  1.00 14.93 ? 3505 TYR A CE1 1 
ATOM   90   C CE2 . TYR A 1 36  ? -9.066  7.453   -6.155  1.00 14.98 ? 3505 TYR A CE2 1 
ATOM   91   C CZ  . TYR A 1 36  ? -10.439 7.519   -5.986  1.00 14.67 ? 3505 TYR A CZ  1 
ATOM   92   O OH  . TYR A 1 36  ? -11.003 8.640   -5.415  1.00 17.89 ? 3505 TYR A OH  1 
ATOM   93   N N   . PRO A 1 37  ? -7.033  3.188   -11.067 1.00 14.00 ? 3506 PRO A N   1 
ATOM   94   C CA  . PRO A 1 37  ? -6.466  2.104   -11.872 1.00 13.79 ? 3506 PRO A CA  1 
ATOM   95   C C   . PRO A 1 37  ? -5.415  1.226   -11.213 1.00 11.94 ? 3506 PRO A C   1 
ATOM   96   O O   . PRO A 1 37  ? -4.635  1.680   -10.380 1.00 11.42 ? 3506 PRO A O   1 
ATOM   97   C CB  . PRO A 1 37  ? -5.904  2.840   -13.080 1.00 14.01 ? 3506 PRO A CB  1 
ATOM   98   C CG  . PRO A 1 37  ? -5.426  4.109   -12.486 1.00 15.24 ? 3506 PRO A CG  1 
ATOM   99   C CD  . PRO A 1 37  ? -6.593  4.496   -11.589 1.00 15.14 ? 3506 PRO A CD  1 
ATOM   100  N N   . ILE A 1 38  ? -5.412  -0.044  -11.605 1.00 13.16 ? 3507 ILE A N   1 
ATOM   101  C CA  . ILE A 1 38  ? -4.441  -1.001  -11.095 1.00 12.20 ? 3507 ILE A CA  1 
ATOM   102  C C   . ILE A 1 38  ? -3.125  -0.731  -11.816 1.00 12.77 ? 3507 ILE A C   1 
ATOM   103  O O   . ILE A 1 38  ? -3.079  -0.705  -13.051 1.00 12.13 ? 3507 ILE A O   1 
ATOM   104  C CB  . ILE A 1 38  ? -4.899  -2.447  -11.370 1.00 13.05 ? 3507 ILE A CB  1 
ATOM   105  C CG1 . ILE A 1 38  ? -6.154  -2.750  -10.552 1.00 12.77 ? 3507 ILE A CG1 1 
ATOM   106  C CG2 . ILE A 1 38  ? -3.780  -3.426  -11.037 1.00 14.85 ? 3507 ILE A CG2 1 
ATOM   107  C CD1 . ILE A 1 38  ? -6.869  -4.037  -10.961 1.00 12.38 ? 3507 ILE A CD1 1 
ATOM   108  N N   . VAL A 1 39  ? -2.061  -0.515  -11.049 1.00 10.98 ? 3508 VAL A N   1 
ATOM   109  C CA  . VAL A 1 39  ? -0.755  -0.236  -11.625 1.00 11.58 ? 3508 VAL A CA  1 
ATOM   110  C C   . VAL A 1 39  ? 0.254   -1.337  -11.321 1.00 11.79 ? 3508 VAL A C   1 
ATOM   111  O O   . VAL A 1 39  ? 1.370   -1.321  -11.834 1.00 13.69 ? 3508 VAL A O   1 
ATOM   112  C CB  . VAL A 1 39  ? -0.188  1.112   -11.110 1.00 12.91 ? 3508 VAL A CB  1 
ATOM   113  C CG1 . VAL A 1 39  ? -1.115  2.248   -11.507 1.00 13.17 ? 3508 VAL A CG1 1 
ATOM   114  C CG2 . VAL A 1 39  ? -0.019  1.065   -9.601  1.00 12.26 ? 3508 VAL A CG2 1 
ATOM   115  N N   . TRP A 1 40  ? -0.137  -2.298  -10.488 1.00 11.49 ? 3509 TRP A N   1 
ATOM   116  C CA  . TRP A 1 40  ? 0.762   -3.391  -10.135 1.00 11.36 ? 3509 TRP A CA  1 
ATOM   117  C C   . TRP A 1 40  ? -0.021  -4.594  -9.631  1.00 12.18 ? 3509 TRP A C   1 
ATOM   118  O O   . TRP A 1 40  ? -1.042  -4.451  -8.960  1.00 11.64 ? 3509 TRP A O   1 
ATOM   119  C CB  . TRP A 1 40  ? 1.741   -2.944  -9.044  1.00 12.81 ? 3509 TRP A CB  1 
ATOM   120  C CG  . TRP A 1 40  ? 2.882   -3.906  -8.799  1.00 12.27 ? 3509 TRP A CG  1 
ATOM   121  C CD1 . TRP A 1 40  ? 4.052   -3.982  -9.501  1.00 13.17 ? 3509 TRP A CD1 1 
ATOM   122  C CD2 . TRP A 1 40  ? 2.964   -4.913  -7.775  1.00 12.54 ? 3509 TRP A CD2 1 
ATOM   123  N NE1 . TRP A 1 40  ? 4.858   -4.967  -8.977  1.00 12.68 ? 3509 TRP A NE1 1 
ATOM   124  C CE2 . TRP A 1 40  ? 4.215   -5.554  -7.920  1.00 11.32 ? 3509 TRP A CE2 1 
ATOM   125  C CE3 . TRP A 1 40  ? 2.102   -5.335  -6.750  1.00 12.92 ? 3509 TRP A CE3 1 
ATOM   126  C CZ2 . TRP A 1 40  ? 4.630   -6.597  -7.079  1.00 12.42 ? 3509 TRP A CZ2 1 
ATOM   127  C CZ3 . TRP A 1 40  ? 2.516   -6.374  -5.912  1.00 12.58 ? 3509 TRP A CZ3 1 
ATOM   128  C CH2 . TRP A 1 40  ? 3.771   -6.991  -6.085  1.00 11.80 ? 3509 TRP A CH2 1 
ATOM   129  N N   . GLN A 1 41  ? 0.477   -5.780  -9.956  1.00 10.97 ? 3510 GLN A N   1 
ATOM   130  C CA  . GLN A 1 41  ? -0.149  -7.020  -9.526  1.00 12.55 ? 3510 GLN A CA  1 
ATOM   131  C C   . GLN A 1 41  ? 0.983   -7.974  -9.178  1.00 11.76 ? 3510 GLN A C   1 
ATOM   132  O O   . GLN A 1 41  ? 1.924   -8.137  -9.953  1.00 11.66 ? 3510 GLN A O   1 
ATOM   133  C CB  . GLN A 1 41  ? -0.999  -7.589  -10.661 1.00 14.47 ? 3510 GLN A CB  1 
ATOM   134  C CG  . GLN A 1 41  ? -1.615  -8.944  -10.383 1.00 19.23 ? 3510 GLN A CG  1 
ATOM   135  C CD  . GLN A 1 41  ? -2.447  -9.433  -11.554 1.00 20.22 ? 3510 GLN A CD  1 
ATOM   136  O OE1 . GLN A 1 41  ? -3.498  -8.873  -11.853 1.00 22.06 ? 3510 GLN A OE1 1 
ATOM   137  N NE2 . GLN A 1 41  ? -1.971  -10.474 -12.229 1.00 23.29 ? 3510 GLN A NE2 1 
ATOM   138  N N   . GLY A 1 42  ? 0.912   -8.596  -8.010  1.00 10.12 ? 3511 GLY A N   1 
ATOM   139  C CA  . GLY A 1 42  ? 1.973   -9.513  -7.637  1.00 11.16 ? 3511 GLY A CA  1 
ATOM   140  C C   . GLY A 1 42  ? 1.773   -10.083 -6.254  1.00 11.35 ? 3511 GLY A C   1 
ATOM   141  O O   . GLY A 1 42  ? 0.649   -10.108 -5.755  1.00 12.15 ? 3511 GLY A O   1 
ATOM   142  N N   . LEU A 1 43  ? 2.858   -10.538 -5.637  1.00 10.00 ? 3512 LEU A N   1 
ATOM   143  C CA  . LEU A 1 43  ? 2.776   -11.107 -4.298  1.00 10.34 ? 3512 LEU A CA  1 
ATOM   144  C C   . LEU A 1 43  ? 3.544   -10.306 -3.260  1.00 9.04  ? 3512 LEU A C   1 
ATOM   145  O O   . LEU A 1 43  ? 4.627   -9.785  -3.530  1.00 10.41 ? 3512 LEU A O   1 
ATOM   146  C CB  . LEU A 1 43  ? 3.327   -12.537 -4.280  1.00 11.47 ? 3512 LEU A CB  1 
ATOM   147  C CG  . LEU A 1 43  ? 2.673   -13.597 -5.166  1.00 13.85 ? 3512 LEU A CG  1 
ATOM   148  C CD1 . LEU A 1 43  ? 3.383   -14.933 -4.942  1.00 16.40 ? 3512 LEU A CD1 1 
ATOM   149  C CD2 . LEU A 1 43  ? 1.197   -13.713 -4.833  1.00 15.23 ? 3512 LEU A CD2 1 
ATOM   150  N N   . LEU A 1 44  ? 2.972   -10.217 -2.066  1.00 8.73  ? 3513 LEU A N   1 
ATOM   151  C CA  . LEU A 1 44  ? 3.626   -9.550  -0.952  1.00 9.30  ? 3513 LEU A CA  1 
ATOM   152  C C   . LEU A 1 44  ? 4.097   -10.708 -0.083  1.00 8.77  ? 3513 LEU A C   1 
ATOM   153  O O   . LEU A 1 44  ? 3.472   -11.772 -0.076  1.00 9.46  ? 3513 LEU A O   1 
ATOM   154  C CB  . LEU A 1 44  ? 2.637   -8.698  -0.150  1.00 12.76 ? 3513 LEU A CB  1 
ATOM   155  C CG  . LEU A 1 44  ? 1.911   -7.566  -0.873  1.00 14.54 ? 3513 LEU A CG  1 
ATOM   156  C CD1 . LEU A 1 44  ? 1.040   -6.812  0.132   1.00 14.80 ? 3513 LEU A CD1 1 
ATOM   157  C CD2 . LEU A 1 44  ? 2.918   -6.630  -1.519  1.00 16.75 ? 3513 LEU A CD2 1 
ATOM   158  N N   . ALA A 1 45  ? 5.194   -10.517 0.634   1.00 8.33  ? 3514 ALA A N   1 
ATOM   159  C CA  . ALA A 1 45  ? 5.698   -11.573 1.510   1.00 9.35  ? 3514 ALA A CA  1 
ATOM   160  C C   . ALA A 1 45  ? 6.049   -10.987 2.868   1.00 9.69  ? 3514 ALA A C   1 
ATOM   161  O O   . ALA A 1 45  ? 6.548   -9.865  2.959   1.00 10.27 ? 3514 ALA A O   1 
ATOM   162  C CB  . ALA A 1 45  ? 6.932   -12.234 0.888   1.00 8.70  ? 3514 ALA A CB  1 
ATOM   163  N N   . LEU A 1 46  ? 5.773   -11.753 3.919   1.00 9.47  ? 3515 LEU A N   1 
ATOM   164  C CA  . LEU A 1 46  ? 6.066   -11.355 5.289   1.00 11.47 ? 3515 LEU A CA  1 
ATOM   165  C C   . LEU A 1 46  ? 6.342   -12.657 6.028   1.00 12.54 ? 3515 LEU A C   1 
ATOM   166  O O   . LEU A 1 46  ? 5.461   -13.509 6.149   1.00 11.69 ? 3515 LEU A O   1 
ATOM   167  C CB  . LEU A 1 46  ? 4.870   -10.631 5.917   1.00 12.00 ? 3515 LEU A CB  1 
ATOM   168  C CG  . LEU A 1 46  ? 5.016   -10.238 7.393   1.00 14.89 ? 3515 LEU A CG  1 
ATOM   169  C CD1 . LEU A 1 46  ? 6.196   -9.309  7.571   1.00 17.20 ? 3515 LEU A CD1 1 
ATOM   170  C CD2 . LEU A 1 46  ? 3.741   -9.564  7.869   1.00 16.69 ? 3515 LEU A CD2 1 
ATOM   171  N N   . LYS A 1 47  ? 7.572   -12.808 6.509   1.00 13.68 ? 3516 LYS A N   1 
ATOM   172  C CA  . LYS A 1 47  ? 7.979   -14.029 7.190   1.00 14.31 ? 3516 LYS A CA  1 
ATOM   173  C C   . LYS A 1 47  ? 7.775   -15.188 6.221   1.00 13.67 ? 3516 LYS A C   1 
ATOM   174  O O   . LYS A 1 47  ? 8.266   -15.141 5.095   1.00 13.51 ? 3516 LYS A O   1 
ATOM   175  C CB  . LYS A 1 47  ? 7.172   -14.224 8.479   1.00 15.79 ? 3516 LYS A CB  1 
ATOM   176  C CG  . LYS A 1 47  ? 7.455   -13.138 9.521   1.00 19.26 ? 3516 LYS A CG  1 
ATOM   177  C CD  . LYS A 1 47  ? 6.931   -13.492 10.902  1.00 23.16 ? 3516 LYS A CD  1 
ATOM   178  C CE  . LYS A 1 47  ? 5.414   -13.480 10.960  1.00 25.48 ? 3516 LYS A CE  1 
ATOM   179  N NZ  . LYS A 1 47  ? 4.927   -13.770 12.340  1.00 27.30 ? 3516 LYS A NZ  1 
ATOM   180  N N   . ASN A 1 48  ? 7.043   -16.218 6.630   1.00 15.17 ? 3517 ASN A N   1 
ATOM   181  C CA  . ASN A 1 48  ? 6.825   -17.357 5.745   1.00 16.09 ? 3517 ASN A CA  1 
ATOM   182  C C   . ASN A 1 48  ? 5.484   -17.309 5.020   1.00 14.69 ? 3517 ASN A C   1 
ATOM   183  O O   . ASN A 1 48  ? 5.035   -18.314 4.467   1.00 15.25 ? 3517 ASN A O   1 
ATOM   184  C CB  . ASN A 1 48  ? 6.930   -18.665 6.536   1.00 19.03 ? 3517 ASN A CB  1 
ATOM   185  C CG  . ASN A 1 48  ? 8.315   -18.881 7.120   1.00 22.60 ? 3517 ASN A CG  1 
ATOM   186  O OD1 . ASN A 1 48  ? 9.322   -18.754 6.422   1.00 25.54 ? 3517 ASN A OD1 1 
ATOM   187  N ND2 . ASN A 1 48  ? 8.373   -19.221 8.400   1.00 26.21 ? 3517 ASN A ND2 1 
ATOM   188  N N   . ASP A 1 49  ? 4.857   -16.139 5.002   1.00 10.96 ? 3518 ASP A N   1 
ATOM   189  C CA  . ASP A 1 49  ? 3.557   -15.991 4.364   1.00 11.61 ? 3518 ASP A CA  1 
ATOM   190  C C   . ASP A 1 49  ? 3.594   -15.110 3.115   1.00 10.97 ? 3518 ASP A C   1 
ATOM   191  O O   . ASP A 1 49  ? 4.472   -14.266 2.963   1.00 11.01 ? 3518 ASP A O   1 
ATOM   192  C CB  . ASP A 1 49  ? 2.558   -15.416 5.369   1.00 12.39 ? 3518 ASP A CB  1 
ATOM   193  C CG  . ASP A 1 49  ? 2.467   -16.244 6.639   1.00 16.39 ? 3518 ASP A CG  1 
ATOM   194  O OD1 . ASP A 1 49  ? 2.047   -17.414 6.559   1.00 16.05 ? 3518 ASP A OD1 1 
ATOM   195  O OD2 . ASP A 1 49  ? 2.820   -15.723 7.717   1.00 17.85 ? 3518 ASP A OD2 1 
ATOM   196  N N   . THR A 1 50  ? 2.638   -15.334 2.218   1.00 10.28 ? 3519 THR A N   1 
ATOM   197  C CA  . THR A 1 50  ? 2.530   -14.555 0.984   1.00 10.19 ? 3519 THR A CA  1 
ATOM   198  C C   . THR A 1 50  ? 1.064   -14.200 0.740   1.00 10.51 ? 3519 THR A C   1 
ATOM   199  O O   . THR A 1 50  ? 0.168   -14.847 1.277   1.00 9.26  ? 3519 THR A O   1 
ATOM   200  C CB  . THR A 1 50  ? 3.064   -15.343 -0.240  1.00 12.25 ? 3519 THR A CB  1 
ATOM   201  O OG1 . THR A 1 50  ? 2.326   -16.564 -0.395  1.00 12.08 ? 3519 THR A OG1 1 
ATOM   202  C CG2 . THR A 1 50  ? 4.546   -15.663 -0.062  1.00 13.09 ? 3519 THR A CG2 1 
ATOM   203  N N   . ALA A 1 51  ? 0.824   -13.161 -0.054  1.00 7.16  ? 3520 ALA A N   1 
ATOM   204  C CA  . ALA A 1 51  ? -0.539  -12.743 -0.371  1.00 8.14  ? 3520 ALA A CA  1 
ATOM   205  C C   . ALA A 1 51  ? -0.543  -12.070 -1.735  1.00 8.71  ? 3520 ALA A C   1 
ATOM   206  O O   . ALA A 1 51  ? 0.268   -11.185 -1.994  1.00 7.66  ? 3520 ALA A O   1 
ATOM   207  C CB  . ALA A 1 51  ? -1.058  -11.775 0.685   1.00 9.01  ? 3520 ALA A CB  1 
ATOM   208  N N   . ALA A 1 52  ? -1.449  -12.503 -2.604  1.00 8.86  ? 3521 ALA A N   1 
ATOM   209  C CA  . ALA A 1 52  ? -1.553  -11.931 -3.937  1.00 9.68  ? 3521 ALA A CA  1 
ATOM   210  C C   . ALA A 1 52  ? -2.427  -10.689 -3.855  1.00 9.29  ? 3521 ALA A C   1 
ATOM   211  O O   . ALA A 1 52  ? -3.534  -10.736 -3.319  1.00 8.96  ? 3521 ALA A O   1 
ATOM   212  C CB  . ALA A 1 52  ? -2.160  -12.946 -4.903  1.00 10.15 ? 3521 ALA A CB  1 
ATOM   213  N N   . VAL A 1 53  ? -1.923  -9.577  -4.376  1.00 7.47  ? 3522 VAL A N   1 
ATOM   214  C CA  . VAL A 1 53  ? -2.671  -8.328  -4.346  1.00 8.82  ? 3522 VAL A CA  1 
ATOM   215  C C   . VAL A 1 53  ? -2.535  -7.532  -5.631  1.00 8.17  ? 3522 VAL A C   1 
ATOM   216  O O   . VAL A 1 53  ? -1.643  -7.774  -6.443  1.00 8.94  ? 3522 VAL A O   1 
ATOM   217  C CB  . VAL A 1 53  ? -2.182  -7.386  -3.222  1.00 8.46  ? 3522 VAL A CB  1 
ATOM   218  C CG1 . VAL A 1 53  ? -2.300  -8.065  -1.867  1.00 8.37  ? 3522 VAL A CG1 1 
ATOM   219  C CG2 . VAL A 1 53  ? -0.732  -6.955  -3.503  1.00 9.07  ? 3522 VAL A CG2 1 
ATOM   220  N N   . GLN A 1 54  ? -3.442  -6.578  -5.794  1.00 7.22  ? 3523 GLN A N   1 
ATOM   221  C CA  . GLN A 1 54  ? -3.400  -5.656  -6.919  1.00 8.06  ? 3523 GLN A CA  1 
ATOM   222  C C   . GLN A 1 54  ? -3.323  -4.290  -6.249  1.00 8.30  ? 3523 GLN A C   1 
ATOM   223  O O   . GLN A 1 54  ? -4.026  -4.040  -5.267  1.00 9.49  ? 3523 GLN A O   1 
ATOM   224  C CB  . GLN A 1 54  ? -4.666  -5.753  -7.766  1.00 8.65  ? 3523 GLN A CB  1 
ATOM   225  C CG  . GLN A 1 54  ? -4.745  -7.037  -8.559  1.00 11.24 ? 3523 GLN A CG  1 
ATOM   226  C CD  . GLN A 1 54  ? -6.026  -7.151  -9.348  1.00 12.61 ? 3523 GLN A CD  1 
ATOM   227  O OE1 . GLN A 1 54  ? -7.109  -6.855  -8.839  1.00 13.76 ? 3523 GLN A OE1 1 
ATOM   228  N NE2 . GLN A 1 54  ? -5.916  -7.600  -10.592 1.00 13.26 ? 3523 GLN A NE2 1 
ATOM   229  N N   . LEU A 1 55  ? -2.455  -3.421  -6.757  1.00 8.58  ? 3524 LEU A N   1 
ATOM   230  C CA  . LEU A 1 55  ? -2.298  -2.087  -6.184  1.00 8.85  ? 3524 LEU A CA  1 
ATOM   231  C C   . LEU A 1 55  ? -2.997  -1.067  -7.076  1.00 9.45  ? 3524 LEU A C   1 
ATOM   232  O O   . LEU A 1 55  ? -2.724  -0.989  -8.271  1.00 11.01 ? 3524 LEU A O   1 
ATOM   233  C CB  . LEU A 1 55  ? -0.814  -1.725  -6.063  1.00 9.72  ? 3524 LEU A CB  1 
ATOM   234  C CG  . LEU A 1 55  ? 0.079   -2.716  -5.314  1.00 11.54 ? 3524 LEU A CG  1 
ATOM   235  C CD1 . LEU A 1 55  ? 1.500   -2.179  -5.235  1.00 11.88 ? 3524 LEU A CD1 1 
ATOM   236  C CD2 . LEU A 1 55  ? -0.480  -2.951  -3.915  1.00 8.31  ? 3524 LEU A CD2 1 
ATOM   237  N N   . HIS A 1 56  ? -3.901  -0.295  -6.481  1.00 8.91  ? 3525 HIS A N   1 
ATOM   238  C CA  . HIS A 1 56  ? -4.650  0.731   -7.200  1.00 8.36  ? 3525 HIS A CA  1 
ATOM   239  C C   . HIS A 1 56  ? -4.033  2.101   -6.952  1.00 9.96  ? 3525 HIS A C   1 
ATOM   240  O O   . HIS A 1 56  ? -3.709  2.447   -5.814  1.00 11.40 ? 3525 HIS A O   1 
ATOM   241  C CB  . HIS A 1 56  ? -6.102  0.746   -6.719  1.00 9.92  ? 3525 HIS A CB  1 
ATOM   242  C CG  . HIS A 1 56  ? -6.871  -0.483  -7.084  1.00 11.35 ? 3525 HIS A CG  1 
ATOM   243  N ND1 . HIS A 1 56  ? -7.702  -0.543  -8.181  1.00 11.84 ? 3525 HIS A ND1 1 
ATOM   244  C CD2 . HIS A 1 56  ? -6.924  -1.705  -6.501  1.00 11.92 ? 3525 HIS A CD2 1 
ATOM   245  C CE1 . HIS A 1 56  ? -8.236  -1.750  -8.260  1.00 13.30 ? 3525 HIS A CE1 1 
ATOM   246  N NE2 . HIS A 1 56  ? -7.780  -2.474  -7.253  1.00 10.84 ? 3525 HIS A NE2 1 
ATOM   247  N N   . PHE A 1 57  ? -3.855  2.876   -8.016  1.00 10.29 ? 3526 PHE A N   1 
ATOM   248  C CA  . PHE A 1 57  ? -3.289  4.214   -7.874  1.00 10.92 ? 3526 PHE A CA  1 
ATOM   249  C C   . PHE A 1 57  ? -4.335  5.132   -7.250  1.00 11.40 ? 3526 PHE A C   1 
ATOM   250  O O   . PHE A 1 57  ? -5.447  5.239   -7.763  1.00 12.31 ? 3526 PHE A O   1 
ATOM   251  C CB  . PHE A 1 57  ? -2.892  4.780   -9.237  1.00 12.01 ? 3526 PHE A CB  1 
ATOM   252  C CG  . PHE A 1 57  ? -2.430  6.209   -9.176  1.00 13.40 ? 3526 PHE A CG  1 
ATOM   253  C CD1 . PHE A 1 57  ? -1.184  6.524   -8.645  1.00 14.37 ? 3526 PHE A CD1 1 
ATOM   254  C CD2 . PHE A 1 57  ? -3.253  7.241   -9.617  1.00 15.25 ? 3526 PHE A CD2 1 
ATOM   255  C CE1 . PHE A 1 57  ? -0.762  7.848   -8.551  1.00 16.06 ? 3526 PHE A CE1 1 
ATOM   256  C CE2 . PHE A 1 57  ? -2.840  8.573   -9.527  1.00 14.53 ? 3526 PHE A CE2 1 
ATOM   257  C CZ  . PHE A 1 57  ? -1.596  8.876   -8.996  1.00 15.44 ? 3526 PHE A CZ  1 
ATOM   258  N N   . VAL A 1 58  ? -3.979  5.802   -6.157  1.00 10.60 ? 3527 VAL A N   1 
ATOM   259  C CA  . VAL A 1 58  ? -4.916  6.699   -5.491  1.00 10.87 ? 3527 VAL A CA  1 
ATOM   260  C C   . VAL A 1 58  ? -4.550  8.164   -5.692  1.00 12.65 ? 3527 VAL A C   1 
ATOM   261  O O   . VAL A 1 58  ? -5.400  8.974   -6.064  1.00 14.48 ? 3527 VAL A O   1 
ATOM   262  C CB  . VAL A 1 58  ? -4.991  6.414   -3.976  1.00 9.32  ? 3527 VAL A CB  1 
ATOM   263  C CG1 . VAL A 1 58  ? -5.920  7.416   -3.302  1.00 12.92 ? 3527 VAL A CG1 1 
ATOM   264  C CG2 . VAL A 1 58  ? -5.495  4.987   -3.744  1.00 12.07 ? 3527 VAL A CG2 1 
ATOM   265  N N   . SER A 1 59  ? -3.290  8.505   -5.441  1.00 13.78 ? 3528 SER A N   1 
ATOM   266  C CA  . SER A 1 59  ? -2.846  9.886   -5.607  1.00 15.50 ? 3528 SER A CA  1 
ATOM   267  C C   . SER A 1 59  ? -1.329  9.998   -5.606  1.00 15.43 ? 3528 SER A C   1 
ATOM   268  O O   . SER A 1 59  ? -0.621  9.031   -5.319  1.00 13.77 ? 3528 SER A O   1 
ATOM   269  C CB  . SER A 1 59  ? -3.415  10.766  -4.489  1.00 18.79 ? 3528 SER A CB  1 
ATOM   270  O OG  . SER A 1 59  ? -2.889  10.388  -3.229  1.00 22.43 ? 3528 SER A OG  1 
ATOM   271  N N   . GLY A 1 60  ? -0.838  11.189  -5.931  1.00 15.74 ? 3529 GLY A N   1 
ATOM   272  C CA  . GLY A 1 60  ? 0.595   11.408  -5.952  1.00 17.86 ? 3529 GLY A CA  1 
ATOM   273  C C   . GLY A 1 60  ? 1.219   11.243  -7.323  1.00 19.34 ? 3529 GLY A C   1 
ATOM   274  O O   . GLY A 1 60  ? 0.573   11.484  -8.344  1.00 18.71 ? 3529 GLY A O   1 
ATOM   275  N N   . ASN A 1 61  ? 2.479   10.820  -7.330  1.00 21.42 ? 3530 ASN A N   1 
ATOM   276  C CA  . ASN A 1 61  ? 3.253   10.625  -8.552  1.00 24.06 ? 3530 ASN A CA  1 
ATOM   277  C C   . ASN A 1 61  ? 3.346   9.141   -8.915  1.00 25.34 ? 3530 ASN A C   1 
ATOM   278  O O   . ASN A 1 61  ? 4.095   8.386   -8.294  1.00 25.17 ? 3530 ASN A O   1 
ATOM   279  C CB  . ASN A 1 61  ? 4.660   11.192  -8.351  1.00 24.45 ? 3530 ASN A CB  1 
ATOM   280  C CG  . ASN A 1 61  ? 5.417   11.352  -9.650  1.00 25.69 ? 3530 ASN A CG  1 
ATOM   281  O OD1 . ASN A 1 61  ? 5.103   10.708  -10.651 1.00 27.32 ? 3530 ASN A OD1 1 
ATOM   282  N ND2 . ASN A 1 61  ? 6.432   12.207  -9.636  1.00 27.88 ? 3530 ASN A ND2 1 
ATOM   283  N N   . ASN A 1 62  ? 2.595   8.732   -9.933  1.00 28.00 ? 3531 ASN A N   1 
ATOM   284  C CA  . ASN A 1 62  ? 2.583   7.335   -10.364 1.00 29.80 ? 3531 ASN A CA  1 
ATOM   285  C C   . ASN A 1 62  ? 3.948   6.845   -10.842 1.00 29.44 ? 3531 ASN A C   1 
ATOM   286  O O   . ASN A 1 62  ? 4.226   5.645   -10.818 1.00 29.90 ? 3531 ASN A O   1 
ATOM   287  C CB  . ASN A 1 62  ? 1.547   7.140   -11.476 1.00 33.46 ? 3531 ASN A CB  1 
ATOM   288  C CG  . ASN A 1 62  ? 1.930   7.843   -12.761 1.00 36.55 ? 3531 ASN A CG  1 
ATOM   289  O OD1 . ASN A 1 62  ? 2.881   7.449   -13.438 1.00 39.40 ? 3531 ASN A OD1 1 
ATOM   290  N ND2 . ASN A 1 62  ? 1.193   8.896   -13.103 1.00 39.03 ? 3531 ASN A ND2 1 
ATOM   291  N N   . VAL A 1 63  ? 4.800   7.772   -11.273 1.00 29.16 ? 3532 VAL A N   1 
ATOM   292  C CA  . VAL A 1 63  ? 6.130   7.408   -11.746 1.00 27.70 ? 3532 VAL A CA  1 
ATOM   293  C C   . VAL A 1 63  ? 6.919   6.720   -10.637 1.00 26.46 ? 3532 VAL A C   1 
ATOM   294  O O   . VAL A 1 63  ? 7.732   5.836   -10.897 1.00 24.12 ? 3532 VAL A O   1 
ATOM   295  C CB  . VAL A 1 63  ? 6.919   8.647   -12.222 1.00 28.83 ? 3532 VAL A CB  1 
ATOM   296  C CG1 . VAL A 1 63  ? 8.298   8.231   -12.711 1.00 30.75 ? 3532 VAL A CG1 1 
ATOM   297  C CG2 . VAL A 1 63  ? 6.157   9.349   -13.331 1.00 28.67 ? 3532 VAL A CG2 1 
ATOM   298  N N   . LEU A 1 64  ? 6.675   7.126   -9.395  1.00 24.37 ? 3533 LEU A N   1 
ATOM   299  C CA  . LEU A 1 64  ? 7.373   6.527   -8.269  1.00 23.55 ? 3533 LEU A CA  1 
ATOM   300  C C   . LEU A 1 64  ? 7.010   5.051   -8.157  1.00 22.42 ? 3533 LEU A C   1 
ATOM   301  O O   . LEU A 1 64  ? 7.820   4.238   -7.714  1.00 22.83 ? 3533 LEU A O   1 
ATOM   302  C CB  . LEU A 1 64  ? 7.024   7.259   -6.971  1.00 24.50 ? 3533 LEU A CB  1 
ATOM   303  C CG  . LEU A 1 64  ? 7.366   8.751   -6.962  1.00 27.30 ? 3533 LEU A CG  1 
ATOM   304  C CD1 . LEU A 1 64  ? 7.034   9.343   -5.604  1.00 25.97 ? 3533 LEU A CD1 1 
ATOM   305  C CD2 . LEU A 1 64  ? 8.839   8.945   -7.279  1.00 27.87 ? 3533 LEU A CD2 1 
ATOM   306  N N   . ALA A 1 65  ? 5.791   4.706   -8.557  1.00 22.72 ? 3534 ALA A N   1 
ATOM   307  C CA  . ALA A 1 65  ? 5.357   3.317   -8.507  1.00 22.64 ? 3534 ALA A CA  1 
ATOM   308  C C   . ALA A 1 65  ? 6.159   2.527   -9.534  1.00 23.10 ? 3534 ALA A C   1 
ATOM   309  O O   . ALA A 1 65  ? 6.645   1.432   -9.255  1.00 22.39 ? 3534 ALA A O   1 
ATOM   310  C CB  . ALA A 1 65  ? 3.869   3.220   -8.808  1.00 23.65 ? 3534 ALA A CB  1 
ATOM   311  N N   . HIS A 1 66  ? 6.300   3.098   -10.727 1.00 22.94 ? 3535 HIS A N   1 
ATOM   312  C CA  . HIS A 1 66  ? 7.049   2.457   -11.798 1.00 25.35 ? 3535 HIS A CA  1 
ATOM   313  C C   . HIS A 1 66  ? 8.498   2.186   -11.405 1.00 25.34 ? 3535 HIS A C   1 
ATOM   314  O O   . HIS A 1 66  ? 9.004   1.083   -11.597 1.00 26.15 ? 3535 HIS A O   1 
ATOM   315  C CB  . HIS A 1 66  ? 7.027   3.331   -13.055 1.00 26.10 ? 3535 HIS A CB  1 
ATOM   316  C CG  . HIS A 1 66  ? 8.044   2.937   -14.083 1.00 27.55 ? 3535 HIS A CG  1 
ATOM   317  N ND1 . HIS A 1 66  ? 8.044   1.702   -14.696 1.00 28.19 ? 3535 HIS A ND1 1 
ATOM   318  C CD2 . HIS A 1 66  ? 9.104   3.610   -14.592 1.00 27.39 ? 3535 HIS A CD2 1 
ATOM   319  C CE1 . HIS A 1 66  ? 9.059   1.632   -15.539 1.00 27.91 ? 3535 HIS A CE1 1 
ATOM   320  N NE2 . HIS A 1 66  ? 9.718   2.776   -15.495 1.00 28.37 ? 3535 HIS A NE2 1 
ATOM   321  N N   . ARG A 1 67  ? 9.158   3.197   -10.852 1.00 27.46 ? 3536 ARG A N   1 
ATOM   322  C CA  . ARG A 1 67  ? 10.560  3.080   -10.461 1.00 28.59 ? 3536 ARG A CA  1 
ATOM   323  C C   . ARG A 1 67  ? 10.829  2.303   -9.177  1.00 28.30 ? 3536 ARG A C   1 
ATOM   324  O O   . ARG A 1 67  ? 11.930  1.791   -8.981  1.00 28.35 ? 3536 ARG A O   1 
ATOM   325  C CB  . ARG A 1 67  ? 11.177  4.475   -10.322 1.00 32.48 ? 3536 ARG A CB  1 
ATOM   326  C CG  . ARG A 1 67  ? 11.097  5.323   -11.577 1.00 37.01 ? 3536 ARG A CG  1 
ATOM   327  C CD  . ARG A 1 67  ? 11.721  6.690   -11.350 1.00 41.00 ? 3536 ARG A CD  1 
ATOM   328  N NE  . ARG A 1 67  ? 11.664  7.524   -12.547 1.00 44.95 ? 3536 ARG A NE  1 
ATOM   329  C CZ  . ARG A 1 67  ? 12.116  8.772   -12.607 1.00 46.85 ? 3536 ARG A CZ  1 
ATOM   330  N NH1 . ARG A 1 67  ? 12.661  9.336   -11.538 1.00 48.26 ? 3536 ARG A NH1 1 
ATOM   331  N NH2 . ARG A 1 67  ? 12.022  9.457   -13.739 1.00 48.66 ? 3536 ARG A NH2 1 
ATOM   332  N N   . SER A 1 68  ? 9.832   2.204   -8.304  1.00 25.73 ? 3537 SER A N   1 
ATOM   333  C CA  . SER A 1 68  ? 10.031  1.519   -7.034  1.00 24.69 ? 3537 SER A CA  1 
ATOM   334  C C   . SER A 1 68  ? 9.501   0.096   -6.952  1.00 23.47 ? 3537 SER A C   1 
ATOM   335  O O   . SER A 1 68  ? 9.981   -0.695  -6.144  1.00 24.09 ? 3537 SER A O   1 
ATOM   336  C CB  . SER A 1 68  ? 9.413   2.341   -5.904  1.00 24.81 ? 3537 SER A CB  1 
ATOM   337  O OG  . SER A 1 68  ? 8.013   2.443   -6.078  1.00 26.62 ? 3537 SER A OG  1 
ATOM   338  N N   . LEU A 1 69  ? 8.515   -0.236  -7.775  1.00 20.35 ? 3538 LEU A N   1 
ATOM   339  C CA  . LEU A 1 69  ? 7.947   -1.575  -7.729  1.00 20.25 ? 3538 LEU A CA  1 
ATOM   340  C C   . LEU A 1 69  ? 8.606   -2.535  -8.707  1.00 21.63 ? 3538 LEU A C   1 
ATOM   341  O O   . LEU A 1 69  ? 9.039   -2.136  -9.791  1.00 22.78 ? 3538 LEU A O   1 
ATOM   342  C CB  . LEU A 1 69  ? 6.442   -1.519  -8.000  1.00 18.36 ? 3538 LEU A CB  1 
ATOM   343  C CG  . LEU A 1 69  ? 5.619   -0.745  -6.966  1.00 18.68 ? 3538 LEU A CG  1 
ATOM   344  C CD1 . LEU A 1 69  ? 4.190   -0.575  -7.459  1.00 16.20 ? 3538 LEU A CD1 1 
ATOM   345  C CD2 . LEU A 1 69  ? 5.642   -1.490  -5.635  1.00 19.87 ? 3538 LEU A CD2 1 
ATOM   346  N N   . PRO A 1 70  ? 8.701   -3.818  -8.326  1.00 22.06 ? 3539 PRO A N   1 
ATOM   347  C CA  . PRO A 1 70  ? 9.307   -4.846  -9.177  1.00 23.37 ? 3539 PRO A CA  1 
ATOM   348  C C   . PRO A 1 70  ? 8.425   -5.007  -10.404 1.00 24.64 ? 3539 PRO A C   1 
ATOM   349  O O   . PRO A 1 70  ? 7.332   -4.445  -10.454 1.00 24.11 ? 3539 PRO A O   1 
ATOM   350  C CB  . PRO A 1 70  ? 9.264   -6.096  -8.298  1.00 23.76 ? 3539 PRO A CB  1 
ATOM   351  C CG  . PRO A 1 70  ? 9.262   -5.546  -6.904  1.00 25.55 ? 3539 PRO A CG  1 
ATOM   352  C CD  . PRO A 1 70  ? 8.318   -4.383  -7.022  1.00 21.91 ? 3539 PRO A CD  1 
ATOM   353  N N   . LEU A 1 71  ? 8.886   -5.766  -11.392 1.00 26.22 ? 3540 LEU A N   1 
ATOM   354  C CA  . LEU A 1 71  ? 8.079   -5.980  -12.586 1.00 29.36 ? 3540 LEU A CA  1 
ATOM   355  C C   . LEU A 1 71  ? 6.731   -6.532  -12.128 1.00 30.29 ? 3540 LEU A C   1 
ATOM   356  O O   . LEU A 1 71  ? 6.668   -7.324  -11.186 1.00 29.96 ? 3540 LEU A O   1 
ATOM   357  C CB  . LEU A 1 71  ? 8.776   -6.971  -13.526 1.00 30.96 ? 3540 LEU A CB  1 
ATOM   358  C CG  . LEU A 1 71  ? 9.021   -8.405  -13.047 1.00 32.50 ? 3540 LEU A CG  1 
ATOM   359  C CD1 . LEU A 1 71  ? 7.746   -9.227  -13.171 1.00 34.22 ? 3540 LEU A CD1 1 
ATOM   360  C CD2 . LEU A 1 71  ? 10.118  -9.033  -13.894 1.00 34.25 ? 3540 LEU A CD2 1 
ATOM   361  N N   . SER A 1 72  ? 5.653   -6.104  -12.777 1.00 31.51 ? 3541 SER A N   1 
ATOM   362  C CA  . SER A 1 72  ? 4.319   -6.564  -12.409 1.00 31.84 ? 3541 SER A CA  1 
ATOM   363  C C   . SER A 1 72  ? 4.015   -7.924  -13.027 1.00 32.74 ? 3541 SER A C   1 
ATOM   364  O O   . SER A 1 72  ? 4.796   -8.441  -13.827 1.00 33.56 ? 3541 SER A O   1 
ATOM   365  C CB  . SER A 1 72  ? 3.268   -5.547  -12.859 1.00 31.89 ? 3541 SER A CB  1 
ATOM   366  O OG  . SER A 1 72  ? 1.976   -5.907  -12.405 1.00 28.03 ? 3541 SER A OG  1 
ATOM   367  N N   . PRO A 1 76  ? 10.448  -12.854 -7.651  1.00 22.61 ? 3545 PRO A N   1 
ATOM   368  C CA  . PRO A 1 76  ? 10.489  -12.764 -6.187  1.00 22.75 ? 3545 PRO A CA  1 
ATOM   369  C C   . PRO A 1 76  ? 9.410   -11.817 -5.664  1.00 21.10 ? 3545 PRO A C   1 
ATOM   370  O O   . PRO A 1 76  ? 9.189   -10.749 -6.224  1.00 19.87 ? 3545 PRO A O   1 
ATOM   371  C CB  . PRO A 1 76  ? 11.897  -12.238 -5.915  1.00 25.08 ? 3545 PRO A CB  1 
ATOM   372  C CG  . PRO A 1 76  ? 12.688  -12.787 -7.056  1.00 25.95 ? 3545 PRO A CG  1 
ATOM   373  C CD  . PRO A 1 76  ? 11.768  -12.546 -8.228  1.00 26.07 ? 3545 PRO A CD  1 
ATOM   374  N N   . PRO A 1 77  ? 8.711   -12.207 -4.589  1.00 21.76 ? 3546 PRO A N   1 
ATOM   375  C CA  . PRO A 1 77  ? 7.662   -11.339 -4.040  1.00 20.03 ? 3546 PRO A CA  1 
ATOM   376  C C   . PRO A 1 77  ? 8.205   -10.092 -3.346  1.00 19.70 ? 3546 PRO A C   1 
ATOM   377  O O   . PRO A 1 77  ? 9.382   -10.033 -2.978  1.00 20.57 ? 3546 PRO A O   1 
ATOM   378  C CB  . PRO A 1 77  ? 6.927   -12.267 -3.075  1.00 20.02 ? 3546 PRO A CB  1 
ATOM   379  C CG  . PRO A 1 77  ? 8.010   -13.177 -2.600  1.00 23.94 ? 3546 PRO A CG  1 
ATOM   380  C CD  . PRO A 1 77  ? 8.753   -13.496 -3.877  1.00 21.45 ? 3546 PRO A CD  1 
ATOM   381  N N   . LEU A 1 78  ? 7.346   -9.089  -3.186  1.00 16.71 ? 3547 LEU A N   1 
ATOM   382  C CA  . LEU A 1 78  ? 7.718   -7.852  -2.503  1.00 17.15 ? 3547 LEU A CA  1 
ATOM   383  C C   . LEU A 1 78  ? 7.769   -8.227  -1.032  1.00 16.38 ? 3547 LEU A C   1 
ATOM   384  O O   . LEU A 1 78  ? 6.724   -8.381  -0.395  1.00 14.00 ? 3547 LEU A O   1 
ATOM   385  C CB  . LEU A 1 78  ? 6.648   -6.784  -2.713  1.00 18.28 ? 3547 LEU A CB  1 
ATOM   386  C CG  . LEU A 1 78  ? 6.995   -5.506  -3.478  1.00 21.87 ? 3547 LEU A CG  1 
ATOM   387  C CD1 . LEU A 1 78  ? 5.796   -4.585  -3.437  1.00 20.14 ? 3547 LEU A CD1 1 
ATOM   388  C CD2 . LEU A 1 78  ? 8.210   -4.824  -2.870  1.00 21.20 ? 3547 LEU A CD2 1 
ATOM   389  N N   . ARG A 1 79  ? 8.974   -8.363  -0.488  1.00 15.86 ? 3548 ARG A N   1 
ATOM   390  C CA  . ARG A 1 79  ? 9.117   -8.780  0.899   1.00 15.23 ? 3548 ARG A CA  1 
ATOM   391  C C   . ARG A 1 79  ? 9.256   -7.696  1.950   1.00 14.70 ? 3548 ARG A C   1 
ATOM   392  O O   . ARG A 1 79  ? 10.094  -6.800  1.846   1.00 12.39 ? 3548 ARG A O   1 
ATOM   393  C CB  . ARG A 1 79  ? 10.293  -9.748  1.040   1.00 18.00 ? 3548 ARG A CB  1 
ATOM   394  C CG  . ARG A 1 79  ? 10.535  -10.210 2.477   1.00 18.47 ? 3548 ARG A CG  1 
ATOM   395  C CD  . ARG A 1 79  ? 11.558  -11.325 2.525   1.00 21.06 ? 3548 ARG A CD  1 
ATOM   396  N NE  . ARG A 1 79  ? 11.036  -12.554 1.940   1.00 20.68 ? 3548 ARG A NE  1 
ATOM   397  C CZ  . ARG A 1 79  ? 10.158  -13.353 2.536   1.00 19.57 ? 3548 ARG A CZ  1 
ATOM   398  N NH1 . ARG A 1 79  ? 9.698   -13.054 3.743   1.00 16.87 ? 3548 ARG A NH1 1 
ATOM   399  N NH2 . ARG A 1 79  ? 9.745   -14.456 1.926   1.00 20.44 ? 3548 ARG A NH2 1 
ATOM   400  N N   . ILE A 1 80  ? 8.416   -7.813  2.971   1.00 13.41 ? 3549 ILE A N   1 
ATOM   401  C CA  . ILE A 1 80  ? 8.418   -6.900  4.101   1.00 13.40 ? 3549 ILE A CA  1 
ATOM   402  C C   . ILE A 1 80  ? 9.337   -7.532  5.142   1.00 12.40 ? 3549 ILE A C   1 
ATOM   403  O O   . ILE A 1 80  ? 8.990   -8.548  5.749   1.00 12.83 ? 3549 ILE A O   1 
ATOM   404  C CB  . ILE A 1 80  ? 7.005   -6.763  4.705   1.00 11.06 ? 3549 ILE A CB  1 
ATOM   405  C CG1 . ILE A 1 80  ? 6.035   -6.223  3.652   1.00 13.92 ? 3549 ILE A CG1 1 
ATOM   406  C CG2 . ILE A 1 80  ? 7.047   -5.849  5.919   1.00 12.11 ? 3549 ILE A CG2 1 
ATOM   407  C CD1 . ILE A 1 80  ? 4.577   -6.241  4.094   1.00 13.07 ? 3549 ILE A CD1 1 
ATOM   408  N N   . ALA A 1 81  ? 10.513  -6.943  5.336   1.00 11.41 ? 3550 ALA A N   1 
ATOM   409  C CA  . ALA A 1 81  ? 11.469  -7.472  6.304   1.00 11.93 ? 3550 ALA A CA  1 
ATOM   410  C C   . ALA A 1 81  ? 11.705  -6.491  7.445   1.00 12.14 ? 3550 ALA A C   1 
ATOM   411  O O   . ALA A 1 81  ? 12.366  -6.816  8.430   1.00 11.43 ? 3550 ALA A O   1 
ATOM   412  C CB  . ALA A 1 81  ? 12.788  -7.794  5.609   1.00 13.45 ? 3550 ALA A CB  1 
ATOM   413  N N   . GLN A 1 82  ? 11.165  -5.286  7.303   1.00 12.32 ? 3551 GLN A N   1 
ATOM   414  C CA  . GLN A 1 82  ? 11.319  -4.257  8.323   1.00 11.51 ? 3551 GLN A CA  1 
ATOM   415  C C   . GLN A 1 82  ? 9.965   -3.646  8.658   1.00 10.51 ? 3551 GLN A C   1 
ATOM   416  O O   . GLN A 1 82  ? 8.995   -3.821  7.922   1.00 7.43  ? 3551 GLN A O   1 
ATOM   417  C CB  . GLN A 1 82  ? 12.272  -3.166  7.830   1.00 14.69 ? 3551 GLN A CB  1 
ATOM   418  C CG  . GLN A 1 82  ? 13.692  -3.649  7.596   1.00 20.20 ? 3551 GLN A CG  1 
ATOM   419  C CD  . GLN A 1 82  ? 14.615  -2.539  7.131   1.00 23.15 ? 3551 GLN A CD  1 
ATOM   420  O OE1 . GLN A 1 82  ? 14.444  -1.987  6.047   1.00 29.17 ? 3551 GLN A OE1 1 
ATOM   421  N NE2 . GLN A 1 82  ? 15.599  -2.205  7.954   1.00 26.19 ? 3551 GLN A NE2 1 
ATOM   422  N N   . ARG A 1 83  ? 9.910   -2.924  9.773   1.00 10.36 ? 3552 ARG A N   1 
ATOM   423  C CA  . ARG A 1 83  ? 8.672   -2.298  10.213  1.00 9.87  ? 3552 ARG A CA  1 
ATOM   424  C C   . ARG A 1 83  ? 8.938   -0.977  10.920  1.00 9.98  ? 3552 ARG A C   1 
ATOM   425  O O   . ARG A 1 83  ? 10.007  -0.773  11.496  1.00 10.77 ? 3552 ARG A O   1 
ATOM   426  C CB  . ARG A 1 83  ? 7.914   -3.237  11.151  1.00 12.23 ? 3552 ARG A CB  1 
ATOM   427  C CG  . ARG A 1 83  ? 8.709   -3.666  12.373  1.00 18.55 ? 3552 ARG A CG  1 
ATOM   428  C CD  . ARG A 1 83  ? 7.914   -4.639  13.228  1.00 25.29 ? 3552 ARG A CD  1 
ATOM   429  N NE  . ARG A 1 83  ? 8.677   -5.088  14.388  1.00 31.43 ? 3552 ARG A NE  1 
ATOM   430  C CZ  . ARG A 1 83  ? 8.230   -5.961  15.285  1.00 33.85 ? 3552 ARG A CZ  1 
ATOM   431  N NH1 . ARG A 1 83  ? 7.017   -6.485  15.157  1.00 36.59 ? 3552 ARG A NH1 1 
ATOM   432  N NH2 . ARG A 1 83  ? 8.996   -6.310  16.308  1.00 34.73 ? 3552 ARG A NH2 1 
ATOM   433  N N   . MET A 1 84  ? 7.947   -0.094  10.863  1.00 8.92  ? 3553 MET A N   1 
ATOM   434  C CA  . MET A 1 84  ? 8.013   1.230   11.477  1.00 10.07 ? 3553 MET A CA  1 
ATOM   435  C C   . MET A 1 84  ? 6.856   1.339   12.466  1.00 9.72  ? 3553 MET A C   1 
ATOM   436  O O   . MET A 1 84  ? 5.759   0.869   12.186  1.00 10.11 ? 3553 MET A O   1 
ATOM   437  C CB  . MET A 1 84  ? 7.860   2.295   10.393  1.00 12.98 ? 3553 MET A CB  1 
ATOM   438  C CG  . MET A 1 84  ? 7.729   3.719   10.892  1.00 14.41 ? 3553 MET A CG  1 
ATOM   439  S SD  . MET A 1 84  ? 7.173   4.799   9.550   1.00 17.56 ? 3553 MET A SD  1 
ATOM   440  C CE  . MET A 1 84  ? 5.389   4.646   9.684   1.00 16.56 ? 3553 MET A CE  1 
ATOM   441  N N   . ARG A 1 85  ? 7.094   1.952   13.620  1.00 10.15 ? 3554 ARG A N   1 
ATOM   442  C CA  . ARG A 1 85  ? 6.034   2.098   14.617  1.00 10.48 ? 3554 ARG A CA  1 
ATOM   443  C C   . ARG A 1 85  ? 4.991   3.119   14.180  1.00 10.46 ? 3554 ARG A C   1 
ATOM   444  O O   . ARG A 1 85  ? 5.331   4.164   13.629  1.00 9.69  ? 3554 ARG A O   1 
ATOM   445  C CB  . ARG A 1 85  ? 6.617   2.553   15.957  1.00 9.62  ? 3554 ARG A CB  1 
ATOM   446  C CG  . ARG A 1 85  ? 7.492   1.528   16.653  1.00 8.45  ? 3554 ARG A CG  1 
ATOM   447  C CD  . ARG A 1 85  ? 8.289   2.163   17.786  1.00 10.95 ? 3554 ARG A CD  1 
ATOM   448  N NE  . ARG A 1 85  ? 8.985   1.149   18.576  1.00 13.14 ? 3554 ARG A NE  1 
ATOM   449  C CZ  . ARG A 1 85  ? 9.940   1.411   19.464  1.00 12.51 ? 3554 ARG A CZ  1 
ATOM   450  N NH1 . ARG A 1 85  ? 10.328  2.662   19.679  1.00 9.06  ? 3554 ARG A NH1 1 
ATOM   451  N NH2 . ARG A 1 85  ? 10.494  0.418   20.151  1.00 12.50 ? 3554 ARG A NH2 1 
ATOM   452  N N   . LEU A 1 86  ? 3.722   2.823   14.439  1.00 9.67  ? 3555 LEU A N   1 
ATOM   453  C CA  . LEU A 1 86  ? 2.655   3.755   14.099  1.00 9.89  ? 3555 LEU A CA  1 
ATOM   454  C C   . LEU A 1 86  ? 2.569   4.765   15.239  1.00 12.06 ? 3555 LEU A C   1 
ATOM   455  O O   . LEU A 1 86  ? 1.568   4.835   15.957  1.00 10.95 ? 3555 LEU A O   1 
ATOM   456  C CB  . LEU A 1 86  ? 1.322   3.014   13.939  1.00 11.36 ? 3555 LEU A CB  1 
ATOM   457  C CG  . LEU A 1 86  ? 1.258   1.997   12.794  1.00 10.16 ? 3555 LEU A CG  1 
ATOM   458  C CD1 . LEU A 1 86  ? -0.083  1.283   12.822  1.00 8.51  ? 3555 LEU A CD1 1 
ATOM   459  C CD2 . LEU A 1 86  ? 1.456   2.702   11.455  1.00 9.63  ? 3555 LEU A CD2 1 
ATOM   460  N N   . GLU A 1 87  ? 3.644   5.528   15.421  1.00 10.95 ? 3556 GLU A N   1 
ATOM   461  C CA  . GLU A 1 87  ? 3.685   6.532   16.479  1.00 11.45 ? 3556 GLU A CA  1 
ATOM   462  C C   . GLU A 1 87  ? 3.874   7.937   15.916  1.00 12.09 ? 3556 GLU A C   1 
ATOM   463  O O   . GLU A 1 87  ? 4.146   8.103   14.725  1.00 9.89  ? 3556 GLU A O   1 
ATOM   464  C CB  . GLU A 1 87  ? 4.771   6.173   17.495  1.00 10.02 ? 3556 GLU A CB  1 
ATOM   465  C CG  . GLU A 1 87  ? 4.324   5.039   18.414  1.00 13.49 ? 3556 GLU A CG  1 
ATOM   466  C CD  . GLU A 1 87  ? 5.405   4.544   19.348  1.00 15.59 ? 3556 GLU A CD  1 
ATOM   467  O OE1 . GLU A 1 87  ? 6.257   5.354   19.765  1.00 14.68 ? 3556 GLU A OE1 1 
ATOM   468  O OE2 . GLU A 1 87  ? 5.387   3.338   19.682  1.00 18.56 ? 3556 GLU A OE2 1 
ATOM   469  N N   . ALA A 1 88  ? 3.718   8.940   16.783  1.00 10.55 ? 3557 ALA A N   1 
ATOM   470  C CA  . ALA A 1 88  ? 3.795   10.347  16.404  1.00 12.76 ? 3557 ALA A CA  1 
ATOM   471  C C   . ALA A 1 88  ? 4.819   10.793  15.367  1.00 10.94 ? 3557 ALA A C   1 
ATOM   472  O O   . ALA A 1 88  ? 4.449   11.150  14.247  1.00 11.07 ? 3557 ALA A O   1 
ATOM   473  C CB  . ALA A 1 88  ? 3.937   11.212  17.660  1.00 12.06 ? 3557 ALA A CB  1 
ATOM   474  N N   . THR A 1 89  ? 6.100   10.800  15.729  1.00 10.66 ? 3558 THR A N   1 
ATOM   475  C CA  . THR A 1 89  ? 7.124   11.267  14.799  1.00 9.96  ? 3558 THR A CA  1 
ATOM   476  C C   . THR A 1 89  ? 7.258   10.433  13.534  1.00 10.97 ? 3558 THR A C   1 
ATOM   477  O O   . THR A 1 89  ? 7.528   10.973  12.460  1.00 9.90  ? 3558 THR A O   1 
ATOM   478  C CB  . THR A 1 89  ? 8.509   11.408  15.491  1.00 10.10 ? 3558 THR A CB  1 
ATOM   479  O OG1 . THR A 1 89  ? 8.922   10.153  16.049  1.00 10.57 ? 3558 THR A OG1 1 
ATOM   480  C CG2 . THR A 1 89  ? 8.430   12.452  16.591  1.00 11.25 ? 3558 THR A CG2 1 
ATOM   481  N N   . GLN A 1 90  ? 7.071   9.123   13.648  1.00 9.88  ? 3559 GLN A N   1 
ATOM   482  C CA  . GLN A 1 90  ? 7.158   8.272   12.470  1.00 9.71  ? 3559 GLN A CA  1 
ATOM   483  C C   . GLN A 1 90  ? 6.074   8.670   11.472  1.00 9.80  ? 3559 GLN A C   1 
ATOM   484  O O   . GLN A 1 90  ? 6.349   8.868   10.288  1.00 9.83  ? 3559 GLN A O   1 
ATOM   485  C CB  . GLN A 1 90  ? 6.993   6.797   12.852  1.00 9.45  ? 3559 GLN A CB  1 
ATOM   486  C CG  . GLN A 1 90  ? 8.171   6.227   13.625  1.00 9.49  ? 3559 GLN A CG  1 
ATOM   487  C CD  . GLN A 1 90  ? 8.039   6.392   15.125  1.00 10.16 ? 3559 GLN A CD  1 
ATOM   488  O OE1 . GLN A 1 90  ? 7.294   7.247   15.612  1.00 10.87 ? 3559 GLN A OE1 1 
ATOM   489  N NE2 . GLN A 1 90  ? 8.779   5.578   15.871  1.00 9.66  ? 3559 GLN A NE2 1 
ATOM   490  N N   . LEU A 1 91  ? 4.840   8.791   11.958  1.00 9.29  ? 3560 LEU A N   1 
ATOM   491  C CA  . LEU A 1 91  ? 3.719   9.162   11.105  1.00 7.91  ? 3560 LEU A CA  1 
ATOM   492  C C   . LEU A 1 91  ? 3.866   10.592  10.589  1.00 11.19 ? 3560 LEU A C   1 
ATOM   493  O O   . LEU A 1 91  ? 3.494   10.887  9.453   1.00 11.65 ? 3560 LEU A O   1 
ATOM   494  C CB  . LEU A 1 91  ? 2.399   8.996   11.864  1.00 9.71  ? 3560 LEU A CB  1 
ATOM   495  C CG  . LEU A 1 91  ? 2.049   7.548   12.234  1.00 9.98  ? 3560 LEU A CG  1 
ATOM   496  C CD1 . LEU A 1 91  ? 0.713   7.518   12.959  1.00 12.10 ? 3560 LEU A CD1 1 
ATOM   497  C CD2 . LEU A 1 91  ? 1.988   6.687   10.970  1.00 11.01 ? 3560 LEU A CD2 1 
ATOM   498  N N   . GLU A 1 92  ? 4.417   11.476  11.417  1.00 10.10 ? 3561 GLU A N   1 
ATOM   499  C CA  . GLU A 1 92  ? 4.627   12.859  11.000  1.00 11.56 ? 3561 GLU A CA  1 
ATOM   500  C C   . GLU A 1 92  ? 5.577   12.874  9.807   1.00 11.45 ? 3561 GLU A C   1 
ATOM   501  O O   . GLU A 1 92  ? 5.409   13.663  8.875   1.00 12.72 ? 3561 GLU A O   1 
ATOM   502  C CB  . GLU A 1 92  ? 5.234   13.679  12.145  1.00 11.01 ? 3561 GLU A CB  1 
ATOM   503  C CG  . GLU A 1 92  ? 4.254   14.025  13.258  1.00 12.46 ? 3561 GLU A CG  1 
ATOM   504  C CD  . GLU A 1 92  ? 4.955   14.485  14.523  1.00 12.60 ? 3561 GLU A CD  1 
ATOM   505  O OE1 . GLU A 1 92  ? 6.162   14.793  14.454  1.00 13.58 ? 3561 GLU A OE1 1 
ATOM   506  O OE2 . GLU A 1 92  ? 4.299   14.540  15.585  1.00 13.54 ? 3561 GLU A OE2 1 
ATOM   507  N N   . GLY A 1 93  ? 6.574   11.994  9.849   1.00 12.05 ? 3562 GLY A N   1 
ATOM   508  C CA  . GLY A 1 93  ? 7.550   11.905  8.778   1.00 12.30 ? 3562 GLY A CA  1 
ATOM   509  C C   . GLY A 1 93  ? 6.925   11.455  7.472   1.00 12.14 ? 3562 GLY A C   1 
ATOM   510  O O   . GLY A 1 93  ? 7.288   11.934  6.396   1.00 11.77 ? 3562 GLY A O   1 
ATOM   511  N N   . VAL A 1 94  ? 5.989   10.519  7.559   1.00 11.23 ? 3563 VAL A N   1 
ATOM   512  C CA  . VAL A 1 94  ? 5.317   10.036  6.359   1.00 10.97 ? 3563 VAL A CA  1 
ATOM   513  C C   . VAL A 1 94  ? 4.452   11.164  5.802   1.00 11.60 ? 3563 VAL A C   1 
ATOM   514  O O   . VAL A 1 94  ? 4.480   11.446  4.600   1.00 14.07 ? 3563 VAL A O   1 
ATOM   515  C CB  . VAL A 1 94  ? 4.427   8.815   6.665   1.00 9.82  ? 3563 VAL A CB  1 
ATOM   516  C CG1 . VAL A 1 94  ? 3.734   8.345   5.390   1.00 11.67 ? 3563 VAL A CG1 1 
ATOM   517  C CG2 . VAL A 1 94  ? 5.273   7.692   7.248   1.00 11.18 ? 3563 VAL A CG2 1 
ATOM   518  N N   . ALA A 1 95  ? 3.697   11.817  6.681   1.00 11.38 ? 3564 ALA A N   1 
ATOM   519  C CA  . ALA A 1 95  ? 2.820   12.916  6.274   1.00 13.25 ? 3564 ALA A CA  1 
ATOM   520  C C   . ALA A 1 95  ? 3.613   14.034  5.601   1.00 14.01 ? 3564 ALA A C   1 
ATOM   521  O O   . ALA A 1 95  ? 3.136   14.668  4.658   1.00 13.87 ? 3564 ALA A O   1 
ATOM   522  C CB  . ALA A 1 95  ? 2.070   13.463  7.490   1.00 13.11 ? 3564 ALA A CB  1 
ATOM   523  N N   . ARG A 1 96  ? 4.825   14.268  6.093   1.00 14.35 ? 3565 ARG A N   1 
ATOM   524  C CA  . ARG A 1 96  ? 5.704   15.304  5.556   1.00 16.53 ? 3565 ARG A CA  1 
ATOM   525  C C   . ARG A 1 96  ? 5.986   15.063  4.073   1.00 18.40 ? 3565 ARG A C   1 
ATOM   526  O O   . ARG A 1 96  ? 5.958   15.989  3.260   1.00 17.57 ? 3565 ARG A O   1 
ATOM   527  C CB  . ARG A 1 96  ? 7.017   15.296  6.342   1.00 17.76 ? 3565 ARG A CB  1 
ATOM   528  C CG  . ARG A 1 96  ? 8.063   16.310  5.926   1.00 20.41 ? 3565 ARG A CG  1 
ATOM   529  C CD  . ARG A 1 96  ? 9.216   16.268  6.935   1.00 22.81 ? 3565 ARG A CD  1 
ATOM   530  N NE  . ARG A 1 96  ? 8.685   16.332  8.294   1.00 19.18 ? 3565 ARG A NE  1 
ATOM   531  C CZ  . ARG A 1 96  ? 9.044   15.533  9.296   1.00 17.93 ? 3565 ARG A CZ  1 
ATOM   532  N NH1 . ARG A 1 96  ? 9.959   14.587  9.122   1.00 19.41 ? 3565 ARG A NH1 1 
ATOM   533  N NH2 . ARG A 1 96  ? 8.452   15.658  10.477  1.00 17.78 ? 3565 ARG A NH2 1 
ATOM   534  N N   . ARG A 1 97  ? 6.252   13.807  3.731   1.00 19.24 ? 3566 ARG A N   1 
ATOM   535  C CA  . ARG A 1 97  ? 6.561   13.433  2.357   1.00 22.90 ? 3566 ARG A CA  1 
ATOM   536  C C   . ARG A 1 97  ? 5.330   13.441  1.451   1.00 23.33 ? 3566 ARG A C   1 
ATOM   537  O O   . ARG A 1 97  ? 5.455   13.329  0.229   1.00 25.85 ? 3566 ARG A O   1 
ATOM   538  C CB  . ARG A 1 97  ? 7.212   12.048  2.340   1.00 25.86 ? 3566 ARG A CB  1 
ATOM   539  C CG  . ARG A 1 97  ? 8.490   11.952  3.165   1.00 31.04 ? 3566 ARG A CG  1 
ATOM   540  C CD  . ARG A 1 97  ? 8.960   10.508  3.303   1.00 36.35 ? 3566 ARG A CD  1 
ATOM   541  N NE  . ARG A 1 97  ? 10.136  10.393  4.160   1.00 39.76 ? 3566 ARG A NE  1 
ATOM   542  C CZ  . ARG A 1 97  ? 10.704  9.240   4.506   1.00 41.95 ? 3566 ARG A CZ  1 
ATOM   543  N NH1 . ARG A 1 97  ? 10.203  8.092   4.068   1.00 42.95 ? 3566 ARG A NH1 1 
ATOM   544  N NH2 . ARG A 1 97  ? 11.770  9.236   5.292   1.00 43.39 ? 3566 ARG A NH2 1 
ATOM   545  N N   . MET A 1 98  ? 4.149   13.580  2.047   1.00 22.19 ? 3567 MET A N   1 
ATOM   546  C CA  . MET A 1 98  ? 2.901   13.592  1.289   1.00 21.76 ? 3567 MET A CA  1 
ATOM   547  C C   . MET A 1 98  ? 2.374   15.002  1.025   1.00 23.10 ? 3567 MET A C   1 
ATOM   548  O O   . MET A 1 98  ? 1.260   15.171  0.534   1.00 21.87 ? 3567 MET A O   1 
ATOM   549  C CB  . MET A 1 98  ? 1.833   12.781  2.029   1.00 19.97 ? 3567 MET A CB  1 
ATOM   550  C CG  . MET A 1 98  ? 2.161   11.303  2.159   1.00 19.07 ? 3567 MET A CG  1 
ATOM   551  S SD  . MET A 1 98  ? 0.965   10.397  3.165   1.00 18.45 ? 3567 MET A SD  1 
ATOM   552  C CE  . MET A 1 98  ? -0.382  10.222  1.993   1.00 19.41 ? 3567 MET A CE  1 
ATOM   553  N N   . THR A 1 99  ? 3.177   16.012  1.345   1.00 25.14 ? 3568 THR A N   1 
ATOM   554  C CA  . THR A 1 99  ? 2.758   17.393  1.140   1.00 27.06 ? 3568 THR A CA  1 
ATOM   555  C C   . THR A 1 99  ? 2.988   17.858  -0.294  1.00 28.45 ? 3568 THR A C   1 
ATOM   556  O O   . THR A 1 99  ? 2.439   18.874  -0.720  1.00 28.15 ? 3568 THR A O   1 
ATOM   557  C CB  . THR A 1 99  ? 3.501   18.340  2.095   1.00 27.45 ? 3568 THR A CB  1 
ATOM   558  O OG1 . THR A 1 99  ? 4.906   18.288  1.817   1.00 28.72 ? 3568 THR A OG1 1 
ATOM   559  C CG2 . THR A 1 99  ? 3.256   17.928  3.540   1.00 27.30 ? 3568 THR A CG2 1 
ATOM   560  N N   . VAL A 1 100 ? 3.802   17.110  -1.034  1.00 29.30 ? 3569 VAL A N   1 
ATOM   561  C CA  . VAL A 1 100 ? 4.099   17.436  -2.426  1.00 31.70 ? 3569 VAL A CA  1 
ATOM   562  C C   . VAL A 1 100 ? 3.768   16.237  -3.313  1.00 32.22 ? 3569 VAL A C   1 
ATOM   563  O O   . VAL A 1 100 ? 4.456   15.218  -3.274  1.00 32.01 ? 3569 VAL A O   1 
ATOM   564  C CB  . VAL A 1 100 ? 5.586   17.802  -2.607  1.00 32.66 ? 3569 VAL A CB  1 
ATOM   565  C CG1 . VAL A 1 100 ? 5.857   18.178  -4.054  1.00 34.34 ? 3569 VAL A CG1 1 
ATOM   566  C CG2 . VAL A 1 100 ? 5.956   18.952  -1.681  1.00 33.50 ? 3569 VAL A CG2 1 
ATOM   567  N N   . GLU A 1 101 ? 2.714   16.378  -4.113  1.00 33.66 ? 3570 GLU A N   1 
ATOM   568  C CA  . GLU A 1 101 ? 2.249   15.319  -5.008  1.00 34.74 ? 3570 GLU A CA  1 
ATOM   569  C C   . GLU A 1 101 ? 3.321   14.653  -5.868  1.00 33.57 ? 3570 GLU A C   1 
ATOM   570  O O   . GLU A 1 101 ? 3.146   13.520  -6.315  1.00 32.23 ? 3570 GLU A O   1 
ATOM   571  C CB  . GLU A 1 101 ? 1.141   15.858  -5.917  1.00 37.92 ? 3570 GLU A CB  1 
ATOM   572  C CG  . GLU A 1 101 ? -0.162  16.154  -5.194  1.00 42.65 ? 3570 GLU A CG  1 
ATOM   573  C CD  . GLU A 1 101 ? -1.214  16.759  -6.103  1.00 45.54 ? 3570 GLU A CD  1 
ATOM   574  O OE1 . GLU A 1 101 ? -1.513  16.155  -7.157  1.00 47.89 ? 3570 GLU A OE1 1 
ATOM   575  O OE2 . GLU A 1 101 ? -1.746  17.837  -5.764  1.00 47.58 ? 3570 GLU A OE2 1 
ATOM   576  N N   . THR A 1 102 ? 4.426   15.349  -6.100  1.00 31.70 ? 3571 THR A N   1 
ATOM   577  C CA  . THR A 1 102 ? 5.494   14.795  -6.922  1.00 31.53 ? 3571 THR A CA  1 
ATOM   578  C C   . THR A 1 102 ? 6.463   13.918  -6.132  1.00 29.69 ? 3571 THR A C   1 
ATOM   579  O O   . THR A 1 102 ? 7.182   13.104  -6.709  1.00 29.58 ? 3571 THR A O   1 
ATOM   580  C CB  . THR A 1 102 ? 6.303   15.919  -7.605  1.00 32.96 ? 3571 THR A CB  1 
ATOM   581  O OG1 . THR A 1 102 ? 6.929   16.733  -6.605  1.00 33.75 ? 3571 THR A OG1 1 
ATOM   582  C CG2 . THR A 1 102 ? 5.390   16.792  -8.453  1.00 33.90 ? 3571 THR A CG2 1 
ATOM   583  N N   . ASP A 1 103 ? 6.467   14.067  -4.811  1.00 28.64 ? 3572 ASP A N   1 
ATOM   584  C CA  . ASP A 1 103 ? 7.388   13.310  -3.970  1.00 27.39 ? 3572 ASP A CA  1 
ATOM   585  C C   . ASP A 1 103 ? 6.852   12.016  -3.359  1.00 24.62 ? 3572 ASP A C   1 
ATOM   586  O O   . ASP A 1 103 ? 7.589   11.306  -2.676  1.00 24.43 ? 3572 ASP A O   1 
ATOM   587  C CB  . ASP A 1 103 ? 7.918   14.216  -2.858  1.00 30.44 ? 3572 ASP A CB  1 
ATOM   588  C CG  . ASP A 1 103 ? 8.680   15.415  -3.401  1.00 33.60 ? 3572 ASP A CG  1 
ATOM   589  O OD1 . ASP A 1 103 ? 9.705   15.212  -4.084  1.00 36.25 ? 3572 ASP A OD1 1 
ATOM   590  O OD2 . ASP A 1 103 ? 8.252   16.559  -3.147  1.00 36.33 ? 3572 ASP A OD2 1 
ATOM   591  N N   . TYR A 1 104 ? 5.584   11.703  -3.601  1.00 21.30 ? 3573 TYR A N   1 
ATOM   592  C CA  . TYR A 1 104 ? 4.994   10.484  -3.049  1.00 16.45 ? 3573 TYR A CA  1 
ATOM   593  C C   . TYR A 1 104 ? 3.979   9.868   -4.006  1.00 15.44 ? 3573 TYR A C   1 
ATOM   594  O O   . TYR A 1 104 ? 3.560   10.498  -4.974  1.00 14.08 ? 3573 TYR A O   1 
ATOM   595  C CB  . TYR A 1 104 ? 4.290   10.792  -1.722  1.00 15.95 ? 3573 TYR A CB  1 
ATOM   596  C CG  . TYR A 1 104 ? 2.882   11.330  -1.894  1.00 14.35 ? 3573 TYR A CG  1 
ATOM   597  C CD1 . TYR A 1 104 ? 1.775   10.483  -1.801  1.00 13.56 ? 3573 TYR A CD1 1 
ATOM   598  C CD2 . TYR A 1 104 ? 2.657   12.675  -2.191  1.00 13.35 ? 3573 TYR A CD2 1 
ATOM   599  C CE1 . TYR A 1 104 ? 0.478   10.963  -2.002  1.00 13.45 ? 3573 TYR A CE1 1 
ATOM   600  C CE2 . TYR A 1 104 ? 1.363   13.163  -2.397  1.00 14.39 ? 3573 TYR A CE2 1 
ATOM   601  C CZ  . TYR A 1 104 ? 0.281   12.302  -2.302  1.00 14.49 ? 3573 TYR A CZ  1 
ATOM   602  O OH  . TYR A 1 104 ? -0.996  12.769  -2.517  1.00 14.96 ? 3573 TYR A OH  1 
ATOM   603  N N   . CYS A 1 105 ? 3.596   8.629   -3.723  1.00 12.78 ? 3574 CYS A N   1 
ATOM   604  C CA  . CYS A 1 105 ? 2.595   7.923   -4.512  1.00 13.25 ? 3574 CYS A CA  1 
ATOM   605  C C   . CYS A 1 105 ? 1.795   7.081   -3.525  1.00 14.03 ? 3574 CYS A C   1 
ATOM   606  O O   . CYS A 1 105 ? 2.361   6.273   -2.791  1.00 13.78 ? 3574 CYS A O   1 
ATOM   607  C CB  . CYS A 1 105 ? 3.244   7.014   -5.557  1.00 16.42 ? 3574 CYS A CB  1 
ATOM   608  S SG  . CYS A 1 105 ? 2.033   6.172   -6.622  1.00 19.65 ? 3574 CYS A SG  1 
ATOM   609  N N   . LEU A 1 106 ? 0.484   7.283   -3.497  1.00 12.27 ? 3575 LEU A N   1 
ATOM   610  C CA  . LEU A 1 106 ? -0.377  6.538   -2.585  1.00 11.94 ? 3575 LEU A CA  1 
ATOM   611  C C   . LEU A 1 106 ? -1.113  5.453   -3.356  1.00 12.90 ? 3575 LEU A C   1 
ATOM   612  O O   . LEU A 1 106 ? -1.780  5.739   -4.352  1.00 10.97 ? 3575 LEU A O   1 
ATOM   613  C CB  . LEU A 1 106 ? -1.394  7.475   -1.933  1.00 13.85 ? 3575 LEU A CB  1 
ATOM   614  C CG  . LEU A 1 106 ? -2.321  6.848   -0.889  1.00 15.12 ? 3575 LEU A CG  1 
ATOM   615  C CD1 . LEU A 1 106 ? -1.502  6.427   0.311   1.00 17.16 ? 3575 LEU A CD1 1 
ATOM   616  C CD2 . LEU A 1 106 ? -3.388  7.851   -0.472  1.00 19.07 ? 3575 LEU A CD2 1 
ATOM   617  N N   . LEU A 1 107 ? -0.988  4.215   -2.886  1.00 11.33 ? 3576 LEU A N   1 
ATOM   618  C CA  . LEU A 1 107 ? -1.632  3.075   -3.535  1.00 10.92 ? 3576 LEU A CA  1 
ATOM   619  C C   . LEU A 1 107 ? -2.503  2.308   -2.553  1.00 10.45 ? 3576 LEU A C   1 
ATOM   620  O O   . LEU A 1 107 ? -2.238  2.306   -1.353  1.00 10.43 ? 3576 LEU A O   1 
ATOM   621  C CB  . LEU A 1 107 ? -0.575  2.113   -4.088  1.00 10.29 ? 3576 LEU A CB  1 
ATOM   622  C CG  . LEU A 1 107 ? 0.507   2.703   -4.991  1.00 12.07 ? 3576 LEU A CG  1 
ATOM   623  C CD1 . LEU A 1 107 ? 1.534   1.626   -5.338  1.00 13.55 ? 3576 LEU A CD1 1 
ATOM   624  C CD2 . LEU A 1 107 ? -0.132  3.264   -6.247  1.00 13.15 ? 3576 LEU A CD2 1 
ATOM   625  N N   . LEU A 1 108 ? -3.545  1.661   -3.069  1.00 9.77  ? 3577 LEU A N   1 
ATOM   626  C CA  . LEU A 1 108 ? -4.430  0.858   -2.233  1.00 10.20 ? 3577 LEU A CA  1 
ATOM   627  C C   . LEU A 1 108 ? -4.251  -0.591  -2.662  1.00 10.24 ? 3577 LEU A C   1 
ATOM   628  O O   . LEU A 1 108 ? -4.407  -0.915  -3.839  1.00 10.97 ? 3577 LEU A O   1 
ATOM   629  C CB  . LEU A 1 108 ? -5.893  1.258   -2.423  1.00 11.54 ? 3577 LEU A CB  1 
ATOM   630  C CG  . LEU A 1 108 ? -6.882  0.425   -1.602  1.00 12.95 ? 3577 LEU A CG  1 
ATOM   631  C CD1 . LEU A 1 108 ? -6.779  0.821   -0.125  1.00 13.58 ? 3577 LEU A CD1 1 
ATOM   632  C CD2 . LEU A 1 108 ? -8.300  0.645   -2.120  1.00 13.62 ? 3577 LEU A CD2 1 
ATOM   633  N N   . ALA A 1 109 ? -3.913  -1.456  -1.711  1.00 8.47  ? 3578 ALA A N   1 
ATOM   634  C CA  . ALA A 1 109 ? -3.723  -2.867  -2.015  1.00 8.16  ? 3578 ALA A CA  1 
ATOM   635  C C   . ALA A 1 109 ? -4.970  -3.670  -1.688  1.00 7.92  ? 3578 ALA A C   1 
ATOM   636  O O   . ALA A 1 109 ? -5.482  -3.601  -0.568  1.00 8.21  ? 3578 ALA A O   1 
ATOM   637  C CB  . ALA A 1 109 ? -2.537  -3.419  -1.225  1.00 8.90  ? 3578 ALA A CB  1 
ATOM   638  N N   . LEU A 1 110 ? -5.453  -4.425  -2.670  1.00 7.45  ? 3579 LEU A N   1 
ATOM   639  C CA  . LEU A 1 110 ? -6.627  -5.279  -2.496  1.00 8.20  ? 3579 LEU A CA  1 
ATOM   640  C C   . LEU A 1 110 ? -6.249  -6.689  -2.925  1.00 8.55  ? 3579 LEU A C   1 
ATOM   641  O O   . LEU A 1 110 ? -5.410  -6.877  -3.808  1.00 8.73  ? 3579 LEU A O   1 
ATOM   642  C CB  . LEU A 1 110 ? -7.797  -4.784  -3.351  1.00 8.58  ? 3579 LEU A CB  1 
ATOM   643  C CG  . LEU A 1 110 ? -8.438  -3.458  -2.933  1.00 9.75  ? 3579 LEU A CG  1 
ATOM   644  C CD1 . LEU A 1 110 ? -9.496  -3.067  -3.950  1.00 9.96  ? 3579 LEU A CD1 1 
ATOM   645  C CD2 . LEU A 1 110 ? -9.051  -3.586  -1.549  1.00 12.24 ? 3579 LEU A CD2 1 
ATOM   646  N N   . PRO A 1 111 ? -6.864  -7.705  -2.307  1.00 9.49  ? 3580 PRO A N   1 
ATOM   647  C CA  . PRO A 1 111 ? -6.535  -9.083  -2.679  1.00 8.72  ? 3580 PRO A CA  1 
ATOM   648  C C   . PRO A 1 111 ? -7.056  -9.494  -4.051  1.00 9.28  ? 3580 PRO A C   1 
ATOM   649  O O   . PRO A 1 111 ? -7.987  -8.890  -4.581  1.00 10.41 ? 3580 PRO A O   1 
ATOM   650  C CB  . PRO A 1 111 ? -7.155  -9.904  -1.544  1.00 11.99 ? 3580 PRO A CB  1 
ATOM   651  C CG  . PRO A 1 111 ? -8.328  -9.084  -1.128  1.00 12.52 ? 3580 PRO A CG  1 
ATOM   652  C CD  . PRO A 1 111 ? -7.784  -7.668  -1.154  1.00 10.60 ? 3580 PRO A CD  1 
ATOM   653  N N   . CYS A 1 112 ? -6.432  -10.512 -4.632  1.00 9.01  ? 3581 CYS A N   1 
ATOM   654  C CA  . CYS A 1 112 ? -6.857  -11.030 -5.923  1.00 11.52 ? 3581 CYS A CA  1 
ATOM   655  C C   . CYS A 1 112 ? -6.503  -12.511 -5.983  1.00 11.46 ? 3581 CYS A C   1 
ATOM   656  O O   . CYS A 1 112 ? -5.749  -13.011 -5.148  1.00 12.38 ? 3581 CYS A O   1 
ATOM   657  C CB  . CYS A 1 112 ? -6.188  -10.265 -7.078  1.00 9.09  ? 3581 CYS A CB  1 
ATOM   658  S SG  . CYS A 1 112 ? -4.379  -10.377 -7.181  1.00 14.03 ? 3581 CYS A SG  1 
ATOM   659  N N   . GLY A 1 113 ? -7.068  -13.214 -6.958  1.00 11.67 ? 3582 GLY A N   1 
ATOM   660  C CA  . GLY A 1 113 ? -6.793  -14.632 -7.105  1.00 13.12 ? 3582 GLY A CA  1 
ATOM   661  C C   . GLY A 1 113 ? -7.255  -15.100 -8.470  1.00 14.54 ? 3582 GLY A C   1 
ATOM   662  O O   . GLY A 1 113 ? -7.879  -14.329 -9.194  1.00 13.83 ? 3582 GLY A O   1 
ATOM   663  N N   . ARG A 1 114 ? -6.967  -16.350 -8.829  1.00 15.64 ? 3583 ARG A N   1 
ATOM   664  C CA  . ARG A 1 114 ? -7.369  -16.856 -10.139 1.00 17.04 ? 3583 ARG A CA  1 
ATOM   665  C C   . ARG A 1 114 ? -8.850  -17.218 -10.229 1.00 18.24 ? 3583 ARG A C   1 
ATOM   666  O O   . ARG A 1 114 ? -9.437  -17.207 -11.316 1.00 20.03 ? 3583 ARG A O   1 
ATOM   667  C CB  . ARG A 1 114 ? -6.509  -18.052 -10.545 1.00 19.24 ? 3583 ARG A CB  1 
ATOM   668  C CG  . ARG A 1 114 ? -6.732  -19.329 -9.760  1.00 19.26 ? 3583 ARG A CG  1 
ATOM   669  C CD  . ARG A 1 114 ? -6.125  -20.492 -10.536 1.00 21.34 ? 3583 ARG A CD  1 
ATOM   670  N NE  . ARG A 1 114 ? -6.371  -21.785 -9.909  1.00 18.42 ? 3583 ARG A NE  1 
ATOM   671  C CZ  . ARG A 1 114 ? -5.734  -22.227 -8.832  1.00 19.01 ? 3583 ARG A CZ  1 
ATOM   672  N NH1 . ARG A 1 114 ? -4.801  -21.477 -8.257  1.00 17.23 ? 3583 ARG A NH1 1 
ATOM   673  N NH2 . ARG A 1 114 ? -6.029  -23.420 -8.332  1.00 17.83 ? 3583 ARG A NH2 1 
ATOM   674  N N   . ASP A 1 115 ? -9.452  -17.558 -9.095  1.00 17.45 ? 3584 ASP A N   1 
ATOM   675  C CA  . ASP A 1 115 ? -10.876 -17.863 -9.048  1.00 17.78 ? 3584 ASP A CA  1 
ATOM   676  C C   . ASP A 1 115 ? -11.406 -17.543 -7.661  1.00 17.92 ? 3584 ASP A C   1 
ATOM   677  O O   . ASP A 1 115 ? -10.650 -17.088 -6.798  1.00 18.06 ? 3584 ASP A O   1 
ATOM   678  C CB  . ASP A 1 115 ? -11.183 -19.325 -9.440  1.00 17.70 ? 3584 ASP A CB  1 
ATOM   679  C CG  . ASP A 1 115 ? -10.416 -20.353 -8.619  1.00 20.15 ? 3584 ASP A CG  1 
ATOM   680  O OD1 . ASP A 1 115 ? -9.991  -20.047 -7.486  1.00 15.59 ? 3584 ASP A OD1 1 
ATOM   681  O OD2 . ASP A 1 115 ? -10.262 -21.491 -9.121  1.00 19.22 ? 3584 ASP A OD2 1 
ATOM   682  N N   . GLN A 1 116 ? -12.703 -17.750 -7.451  1.00 17.19 ? 3585 GLN A N   1 
ATOM   683  C CA  . GLN A 1 116 ? -13.320 -17.450 -6.166  1.00 17.92 ? 3585 GLN A CA  1 
ATOM   684  C C   . GLN A 1 116 ? -12.612 -18.103 -4.983  1.00 15.73 ? 3585 GLN A C   1 
ATOM   685  O O   . GLN A 1 116 ? -12.328 -17.443 -3.984  1.00 15.15 ? 3585 GLN A O   1 
ATOM   686  C CB  . GLN A 1 116 ? -14.793 -17.870 -6.178  1.00 22.26 ? 3585 GLN A CB  1 
ATOM   687  C CG  . GLN A 1 116 ? -15.513 -17.645 -4.856  1.00 28.19 ? 3585 GLN A CG  1 
ATOM   688  C CD  . GLN A 1 116 ? -15.403 -16.213 -4.366  1.00 32.00 ? 3585 GLN A CD  1 
ATOM   689  O OE1 . GLN A 1 116 ? -15.774 -15.272 -5.069  1.00 36.21 ? 3585 GLN A OE1 1 
ATOM   690  N NE2 . GLN A 1 116 ? -14.896 -16.041 -3.151  1.00 34.85 ? 3585 GLN A NE2 1 
ATOM   691  N N   . GLU A 1 117 ? -12.329 -19.396 -5.092  1.00 14.30 ? 3586 GLU A N   1 
ATOM   692  C CA  . GLU A 1 117 ? -11.666 -20.115 -4.007  1.00 12.12 ? 3586 GLU A CA  1 
ATOM   693  C C   . GLU A 1 117 ? -10.284 -19.528 -3.714  1.00 11.71 ? 3586 GLU A C   1 
ATOM   694  O O   . GLU A 1 117 ? -9.910  -19.361 -2.554  1.00 10.41 ? 3586 GLU A O   1 
ATOM   695  C CB  . GLU A 1 117 ? -11.528 -21.598 -4.358  1.00 13.33 ? 3586 GLU A CB  1 
ATOM   696  C CG  . GLU A 1 117 ? -11.022 -22.465 -3.206  1.00 14.88 ? 3586 GLU A CG  1 
ATOM   697  C CD  . GLU A 1 117 ? -10.906 -23.936 -3.582  1.00 15.33 ? 3586 GLU A CD  1 
ATOM   698  O OE1 . GLU A 1 117 ? -11.480 -24.338 -4.614  1.00 16.20 ? 3586 GLU A OE1 1 
ATOM   699  O OE2 . GLU A 1 117 ? -10.249 -24.692 -2.841  1.00 17.43 ? 3586 GLU A OE2 1 
ATOM   700  N N   . ASP A 1 118 ? -9.526  -19.222 -4.763  1.00 10.31 ? 3587 ASP A N   1 
ATOM   701  C CA  . ASP A 1 118 ? -8.191  -18.656 -4.581  1.00 11.46 ? 3587 ASP A CA  1 
ATOM   702  C C   . ASP A 1 118 ? -8.295  -17.269 -3.945  1.00 10.86 ? 3587 ASP A C   1 
ATOM   703  O O   . ASP A 1 118 ? -7.516  -16.934 -3.058  1.00 11.50 ? 3587 ASP A O   1 
ATOM   704  C CB  . ASP A 1 118 ? -7.453  -18.579 -5.927  1.00 11.12 ? 3587 ASP A CB  1 
ATOM   705  C CG  . ASP A 1 118 ? -5.989  -18.204 -5.770  1.00 15.54 ? 3587 ASP A CG  1 
ATOM   706  O OD1 . ASP A 1 118 ? -5.350  -18.688 -4.811  1.00 14.29 ? 3587 ASP A OD1 1 
ATOM   707  O OD2 . ASP A 1 118 ? -5.474  -17.436 -6.611  1.00 14.75 ? 3587 ASP A OD2 1 
ATOM   708  N N   . VAL A 1 119 ? -9.254  -16.465 -4.395  1.00 10.75 ? 3588 VAL A N   1 
ATOM   709  C CA  . VAL A 1 119 ? -9.452  -15.129 -3.829  1.00 11.66 ? 3588 VAL A CA  1 
ATOM   710  C C   . VAL A 1 119 ? -9.725  -15.242 -2.325  1.00 11.07 ? 3588 VAL A C   1 
ATOM   711  O O   . VAL A 1 119 ? -9.205  -14.469 -1.523  1.00 10.92 ? 3588 VAL A O   1 
ATOM   712  C CB  . VAL A 1 119 ? -10.636 -14.399 -4.508  1.00 14.37 ? 3588 VAL A CB  1 
ATOM   713  C CG1 . VAL A 1 119 ? -10.997 -13.137 -3.724  1.00 16.76 ? 3588 VAL A CG1 1 
ATOM   714  C CG2 . VAL A 1 119 ? -10.262 -14.037 -5.938  1.00 14.06 ? 3588 VAL A CG2 1 
ATOM   715  N N   . VAL A 1 120 ? -10.540 -16.213 -1.937  1.00 11.30 ? 3589 VAL A N   1 
ATOM   716  C CA  . VAL A 1 120 ? -10.825 -16.395 -0.520  1.00 11.25 ? 3589 VAL A CA  1 
ATOM   717  C C   . VAL A 1 120 ? -9.541  -16.716 0.251   1.00 9.76  ? 3589 VAL A C   1 
ATOM   718  O O   . VAL A 1 120 ? -9.300  -16.167 1.329   1.00 10.12 ? 3589 VAL A O   1 
ATOM   719  C CB  . VAL A 1 120 ? -11.848 -17.527 -0.296  1.00 12.98 ? 3589 VAL A CB  1 
ATOM   720  C CG1 . VAL A 1 120 ? -12.004 -17.800 1.193   1.00 14.54 ? 3589 VAL A CG1 1 
ATOM   721  C CG2 . VAL A 1 120 ? -13.188 -17.132 -0.899  1.00 14.12 ? 3589 VAL A CG2 1 
ATOM   722  N N   . SER A 1 121 ? -8.713  -17.601 -0.303  1.00 9.90  ? 3590 SER A N   1 
ATOM   723  C CA  . SER A 1 121 ? -7.465  -17.979 0.357   1.00 9.47  ? 3590 SER A CA  1 
ATOM   724  C C   . SER A 1 121 ? -6.490  -16.805 0.433   1.00 9.78  ? 3590 SER A C   1 
ATOM   725  O O   . SER A 1 121 ? -5.844  -16.597 1.460   1.00 8.75  ? 3590 SER A O   1 
ATOM   726  C CB  . SER A 1 121 ? -6.799  -19.149 -0.372  1.00 10.59 ? 3590 SER A CB  1 
ATOM   727  O OG  . SER A 1 121 ? -5.878  -19.812 0.478   1.00 12.06 ? 3590 SER A OG  1 
ATOM   728  N N   . GLN A 1 122 ? -6.382  -16.034 -0.645  1.00 8.84  ? 3591 GLN A N   1 
ATOM   729  C CA  . GLN A 1 122 ? -5.473  -14.887 -0.635  1.00 8.87  ? 3591 GLN A CA  1 
ATOM   730  C C   . GLN A 1 122 ? -5.976  -13.805 0.322   1.00 9.73  ? 3591 GLN A C   1 
ATOM   731  O O   . GLN A 1 122 ? -5.183  -13.116 0.965   1.00 10.29 ? 3591 GLN A O   1 
ATOM   732  C CB  . GLN A 1 122 ? -5.327  -14.291 -2.039  1.00 9.41  ? 3591 GLN A CB  1 
ATOM   733  C CG  . GLN A 1 122 ? -4.775  -15.250 -3.107  1.00 9.83  ? 3591 GLN A CG  1 
ATOM   734  C CD  . GLN A 1 122 ? -3.384  -15.787 -2.788  1.00 10.72 ? 3591 GLN A CD  1 
ATOM   735  O OE1 . GLN A 1 122 ? -2.557  -15.103 -2.181  1.00 9.72  ? 3591 GLN A OE1 1 
ATOM   736  N NE2 . GLN A 1 122 ? -3.112  -17.018 -3.224  1.00 10.89 ? 3591 GLN A NE2 1 
ATOM   737  N N   . THR A 1 123 ? -7.293  -13.650 0.405   1.00 8.18  ? 3592 THR A N   1 
ATOM   738  C CA  . THR A 1 123 ? -7.880  -12.653 1.293   1.00 10.24 ? 3592 THR A CA  1 
ATOM   739  C C   . THR A 1 123 ? -7.642  -13.069 2.741   1.00 10.38 ? 3592 THR A C   1 
ATOM   740  O O   . THR A 1 123 ? -7.334  -12.236 3.591   1.00 9.95  ? 3592 THR A O   1 
ATOM   741  C CB  . THR A 1 123 ? -9.397  -12.498 1.043   1.00 9.90  ? 3592 THR A CB  1 
ATOM   742  O OG1 . THR A 1 123 ? -9.616  -12.059 -0.305  1.00 10.55 ? 3592 THR A OG1 1 
ATOM   743  C CG2 . THR A 1 123 ? -9.995  -11.478 2.005   1.00 12.05 ? 3592 THR A CG2 1 
ATOM   744  N N   . GLU A 1 124 ? -7.785  -14.362 3.022   1.00 11.06 ? 3593 GLU A N   1 
ATOM   745  C CA  . GLU A 1 124 ? -7.554  -14.865 4.368   1.00 13.08 ? 3593 GLU A CA  1 
ATOM   746  C C   . GLU A 1 124 ? -6.098  -14.624 4.755   1.00 11.16 ? 3593 GLU A C   1 
ATOM   747  O O   . GLU A 1 124 ? -5.805  -14.261 5.894   1.00 11.66 ? 3593 GLU A O   1 
ATOM   748  C CB  . GLU A 1 124 ? -7.874  -16.361 4.438   1.00 15.63 ? 3593 GLU A CB  1 
ATOM   749  C CG  . GLU A 1 124 ? -7.477  -17.040 5.743   1.00 22.48 ? 3593 GLU A CG  1 
ATOM   750  C CD  . GLU A 1 124 ? -8.089  -16.386 6.971   1.00 27.45 ? 3593 GLU A CD  1 
ATOM   751  O OE1 . GLU A 1 124 ? -9.281  -16.015 6.928   1.00 29.52 ? 3593 GLU A OE1 1 
ATOM   752  O OE2 . GLU A 1 124 ? -7.376  -16.254 7.990   1.00 31.34 ? 3593 GLU A OE2 1 
ATOM   753  N N   . SER A 1 125 ? -5.186  -14.821 3.806   1.00 10.00 ? 3594 SER A N   1 
ATOM   754  C CA  . SER A 1 125 ? -3.769  -14.599 4.072   1.00 7.77  ? 3594 SER A CA  1 
ATOM   755  C C   . SER A 1 125 ? -3.520  -13.130 4.411   1.00 8.53  ? 3594 SER A C   1 
ATOM   756  O O   . SER A 1 125 ? -2.843  -12.816 5.391   1.00 9.64  ? 3594 SER A O   1 
ATOM   757  C CB  . SER A 1 125 ? -2.920  -14.992 2.862   1.00 8.20  ? 3594 SER A CB  1 
ATOM   758  O OG  . SER A 1 125 ? -1.537  -14.875 3.162   1.00 10.48 ? 3594 SER A OG  1 
ATOM   759  N N   . LEU A 1 126 ? -4.067  -12.232 3.600   1.00 7.59  ? 3595 LEU A N   1 
ATOM   760  C CA  . LEU A 1 126 ? -3.882  -10.803 3.834   1.00 7.97  ? 3595 LEU A CA  1 
ATOM   761  C C   . LEU A 1 126 ? -4.363  -10.437 5.236   1.00 9.95  ? 3595 LEU A C   1 
ATOM   762  O O   . LEU A 1 126 ? -3.699  -9.696  5.960   1.00 9.68  ? 3595 LEU A O   1 
ATOM   763  C CB  . LEU A 1 126 ? -4.652  -9.979  2.796   1.00 8.21  ? 3595 LEU A CB  1 
ATOM   764  C CG  . LEU A 1 126 ? -4.342  -8.476  2.790   1.00 11.19 ? 3595 LEU A CG  1 
ATOM   765  C CD1 . LEU A 1 126 ? -2.914  -8.266  2.290   1.00 10.80 ? 3595 LEU A CD1 1 
ATOM   766  C CD2 . LEU A 1 126 ? -5.324  -7.739  1.893   1.00 10.81 ? 3595 LEU A CD2 1 
ATOM   767  N N   . LYS A 1 127 ? -5.518  -10.969 5.620   1.00 10.17 ? 3596 LYS A N   1 
ATOM   768  C CA  . LYS A 1 127 ? -6.066  -10.679 6.939   1.00 12.75 ? 3596 LYS A CA  1 
ATOM   769  C C   . LYS A 1 127 ? -5.271  -11.291 8.086   1.00 13.25 ? 3596 LYS A C   1 
ATOM   770  O O   . LYS A 1 127 ? -4.875  -10.595 9.022   1.00 15.28 ? 3596 LYS A O   1 
ATOM   771  C CB  . LYS A 1 127 ? -7.515  -11.162 7.032   1.00 15.30 ? 3596 LYS A CB  1 
ATOM   772  C CG  . LYS A 1 127 ? -8.491  -10.369 6.176   1.00 19.86 ? 3596 LYS A CG  1 
ATOM   773  C CD  . LYS A 1 127 ? -9.937  -10.704 6.519   1.00 23.14 ? 3596 LYS A CD  1 
ATOM   774  C CE  . LYS A 1 127 ? -10.266 -12.159 6.241   1.00 26.01 ? 3596 LYS A CE  1 
ATOM   775  N NZ  . LYS A 1 127 ? -11.663 -12.488 6.657   1.00 25.67 ? 3596 LYS A NZ  1 
ATOM   776  N N   . ALA A 1 128 ? -5.038  -12.595 8.009   1.00 13.56 ? 3597 ALA A N   1 
ATOM   777  C CA  . ALA A 1 128 ? -4.339  -13.317 9.069   1.00 15.65 ? 3597 ALA A CA  1 
ATOM   778  C C   . ALA A 1 128 ? -2.831  -13.113 9.175   1.00 15.48 ? 3597 ALA A C   1 
ATOM   779  O O   . ALA A 1 128 ? -2.294  -13.020 10.278  1.00 16.31 ? 3597 ALA A O   1 
ATOM   780  C CB  . ALA A 1 128 ? -4.647  -14.813 8.951   1.00 15.78 ? 3597 ALA A CB  1 
ATOM   781  N N   . ALA A 1 129 ? -2.149  -13.030 8.041   1.00 13.89 ? 3598 ALA A N   1 
ATOM   782  C CA  . ALA A 1 129 ? -0.697  -12.891 8.053   1.00 14.46 ? 3598 ALA A CA  1 
ATOM   783  C C   . ALA A 1 129 ? -0.149  -11.476 7.935   1.00 14.12 ? 3598 ALA A C   1 
ATOM   784  O O   . ALA A 1 129 ? 0.952   -11.198 8.412   1.00 17.38 ? 3598 ALA A O   1 
ATOM   785  C CB  . ALA A 1 129 ? -0.094  -13.763 6.954   1.00 14.29 ? 3598 ALA A CB  1 
ATOM   786  N N   . PHE A 1 130 ? -0.899  -10.578 7.307   1.00 11.47 ? 3599 PHE A N   1 
ATOM   787  C CA  . PHE A 1 130 ? -0.415  -9.216  7.134   1.00 9.42  ? 3599 PHE A CA  1 
ATOM   788  C C   . PHE A 1 130 ? -1.108  -8.173  7.997   1.00 10.35 ? 3599 PHE A C   1 
ATOM   789  O O   . PHE A 1 130 ? -0.471  -7.526  8.826   1.00 11.00 ? 3599 PHE A O   1 
ATOM   790  C CB  . PHE A 1 130 ? -0.510  -8.814  5.658   1.00 10.64 ? 3599 PHE A CB  1 
ATOM   791  C CG  . PHE A 1 130 ? 0.386   -9.617  4.762   1.00 11.11 ? 3599 PHE A CG  1 
ATOM   792  C CD1 . PHE A 1 130 ? 0.086   -10.942 4.465   1.00 10.42 ? 3599 PHE A CD1 1 
ATOM   793  C CD2 . PHE A 1 130 ? 1.552   -9.057  4.240   1.00 10.61 ? 3599 PHE A CD2 1 
ATOM   794  C CE1 . PHE A 1 130 ? 0.935   -11.707 3.661   1.00 10.34 ? 3599 PHE A CE1 1 
ATOM   795  C CE2 . PHE A 1 130 ? 2.409   -9.812  3.438   1.00 8.66  ? 3599 PHE A CE2 1 
ATOM   796  C CZ  . PHE A 1 130 ? 2.097   -11.139 3.149   1.00 10.82 ? 3599 PHE A CZ  1 
ATOM   797  N N   . ILE A 1 131 ? -2.408  -8.006  7.797   1.00 9.93  ? 3600 ILE A N   1 
ATOM   798  C CA  . ILE A 1 131 ? -3.169  -7.021  8.562   1.00 11.14 ? 3600 ILE A CA  1 
ATOM   799  C C   . ILE A 1 131 ? -3.122  -7.305  10.068  1.00 11.43 ? 3600 ILE A C   1 
ATOM   800  O O   . ILE A 1 131 ? -2.805  -6.419  10.868  1.00 11.66 ? 3600 ILE A O   1 
ATOM   801  C CB  . ILE A 1 131 ? -4.637  -6.984  8.085   1.00 11.42 ? 3600 ILE A CB  1 
ATOM   802  C CG1 . ILE A 1 131 ? -4.695  -6.498  6.632   1.00 11.57 ? 3600 ILE A CG1 1 
ATOM   803  C CG2 . ILE A 1 131 ? -5.463  -6.080  8.988   1.00 12.04 ? 3600 ILE A CG2 1 
ATOM   804  C CD1 . ILE A 1 131 ? -6.084  -6.559  6.013   1.00 13.69 ? 3600 ILE A CD1 1 
ATOM   805  N N   . THR A 1 132 ? -3.434  -8.537  10.454  1.00 13.56 ? 3601 THR A N   1 
ATOM   806  C CA  . THR A 1 132 ? -3.421  -8.907  11.866  1.00 15.10 ? 3601 THR A CA  1 
ATOM   807  C C   . THR A 1 132 ? -2.049  -8.656  12.482  1.00 15.09 ? 3601 THR A C   1 
ATOM   808  O O   . THR A 1 132 ? -1.939  -8.094  13.577  1.00 13.73 ? 3601 THR A O   1 
ATOM   809  C CB  . THR A 1 132 ? -3.799  -10.391 12.055  1.00 17.00 ? 3601 THR A CB  1 
ATOM   810  O OG1 . THR A 1 132 ? -5.175  -10.578 11.700  1.00 18.52 ? 3601 THR A OG1 1 
ATOM   811  C CG2 . THR A 1 132 ? -3.590  -10.823 13.505  1.00 20.12 ? 3601 THR A CG2 1 
ATOM   812  N N   . TYR A 1 133 ? -1.005  -9.066  11.770  1.00 13.34 ? 3602 TYR A N   1 
ATOM   813  C CA  . TYR A 1 133 ? 0.357   -8.884  12.248  1.00 13.64 ? 3602 TYR A CA  1 
ATOM   814  C C   . TYR A 1 133 ? 0.686   -7.410  12.469  1.00 12.14 ? 3602 TYR A C   1 
ATOM   815  O O   . TYR A 1 133 ? 1.151   -7.026  13.539  1.00 12.33 ? 3602 TYR A O   1 
ATOM   816  C CB  . TYR A 1 133 ? 1.357   -9.470  11.252  1.00 14.89 ? 3602 TYR A CB  1 
ATOM   817  C CG  . TYR A 1 133 ? 2.793   -9.199  11.634  1.00 19.03 ? 3602 TYR A CG  1 
ATOM   818  C CD1 . TYR A 1 133 ? 3.414   -9.923  12.654  1.00 20.84 ? 3602 TYR A CD1 1 
ATOM   819  C CD2 . TYR A 1 133 ? 3.514   -8.184  11.013  1.00 18.53 ? 3602 TYR A CD2 1 
ATOM   820  C CE1 . TYR A 1 133 ? 4.721   -9.637  13.044  1.00 22.90 ? 3602 TYR A CE1 1 
ATOM   821  C CE2 . TYR A 1 133 ? 4.816   -7.889  11.396  1.00 22.33 ? 3602 TYR A CE2 1 
ATOM   822  C CZ  . TYR A 1 133 ? 5.413   -8.617  12.410  1.00 23.27 ? 3602 TYR A CZ  1 
ATOM   823  O OH  . TYR A 1 133 ? 6.700   -8.317  12.789  1.00 26.25 ? 3602 TYR A OH  1 
ATOM   824  N N   . LEU A 1 134 ? 0.448   -6.588  11.450  1.00 10.61 ? 3603 LEU A N   1 
ATOM   825  C CA  . LEU A 1 134 ? 0.746   -5.162  11.543  1.00 9.84  ? 3603 LEU A CA  1 
ATOM   826  C C   . LEU A 1 134 ? -0.064  -4.449  12.623  1.00 11.05 ? 3603 LEU A C   1 
ATOM   827  O O   . LEU A 1 134 ? 0.465   -3.600  13.341  1.00 12.07 ? 3603 LEU A O   1 
ATOM   828  C CB  . LEU A 1 134 ? 0.532   -4.492  10.177  1.00 9.46  ? 3603 LEU A CB  1 
ATOM   829  C CG  . LEU A 1 134 ? 1.501   -4.979  9.088   1.00 10.83 ? 3603 LEU A CG  1 
ATOM   830  C CD1 . LEU A 1 134 ? 1.145   -4.343  7.750   1.00 9.17  ? 3603 LEU A CD1 1 
ATOM   831  C CD2 . LEU A 1 134 ? 2.934   -4.646  9.486   1.00 12.77 ? 3603 LEU A CD2 1 
ATOM   832  N N   . GLN A 1 135 ? -1.341  -4.792  12.756  1.00 11.55 ? 3604 GLN A N   1 
ATOM   833  C CA  . GLN A 1 135 ? -2.162  -4.147  13.774  1.00 13.36 ? 3604 GLN A CA  1 
ATOM   834  C C   . GLN A 1 135 ? -1.735  -4.573  15.178  1.00 12.89 ? 3604 GLN A C   1 
ATOM   835  O O   . GLN A 1 135 ? -1.732  -3.763  16.102  1.00 13.64 ? 3604 GLN A O   1 
ATOM   836  C CB  . GLN A 1 135 ? -3.644  -4.458  13.550  1.00 12.90 ? 3604 GLN A CB  1 
ATOM   837  C CG  . GLN A 1 135 ? -4.173  -3.927  12.218  1.00 14.06 ? 3604 GLN A CG  1 
ATOM   838  C CD  . GLN A 1 135 ? -5.653  -4.185  12.016  1.00 16.34 ? 3604 GLN A CD  1 
ATOM   839  O OE1 . GLN A 1 135 ? -6.187  -5.203  12.465  1.00 13.91 ? 3604 GLN A OE1 1 
ATOM   840  N NE2 . GLN A 1 135 ? -6.322  -3.275  11.312  1.00 14.82 ? 3604 GLN A NE2 1 
ATOM   841  N N   . ALA A 1 136 ? -1.357  -5.839  15.327  1.00 13.54 ? 3605 ALA A N   1 
ATOM   842  C CA  . ALA A 1 136 ? -0.921  -6.356  16.621  1.00 14.80 ? 3605 ALA A CA  1 
ATOM   843  C C   . ALA A 1 136 ? 0.384   -5.696  17.056  1.00 15.63 ? 3605 ALA A C   1 
ATOM   844  O O   . ALA A 1 136 ? 0.588   -5.424  18.240  1.00 17.06 ? 3605 ALA A O   1 
ATOM   845  C CB  . ALA A 1 136 ? -0.746  -7.864  16.545  1.00 16.12 ? 3605 ALA A CB  1 
ATOM   846  N N   . LYS A 1 137 ? 1.262   -5.434  16.092  1.00 14.88 ? 3606 LYS A N   1 
ATOM   847  C CA  . LYS A 1 137 ? 2.548   -4.803  16.380  1.00 14.83 ? 3606 LYS A CA  1 
ATOM   848  C C   . LYS A 1 137 ? 2.444   -3.284  16.314  1.00 15.52 ? 3606 LYS A C   1 
ATOM   849  O O   . LYS A 1 137 ? 3.413   -2.585  16.616  1.00 15.44 ? 3606 LYS A O   1 
ATOM   850  C CB  . LYS A 1 137 ? 3.610   -5.271  15.375  1.00 15.66 ? 3606 LYS A CB  1 
ATOM   851  C CG  . LYS A 1 137 ? 3.810   -6.779  15.311  1.00 18.87 ? 3606 LYS A CG  1 
ATOM   852  C CD  . LYS A 1 137 ? 4.285   -7.341  16.638  1.00 22.79 ? 3606 LYS A CD  1 
ATOM   853  C CE  . LYS A 1 137 ? 4.301   -8.865  16.613  1.00 25.14 ? 3606 LYS A CE  1 
ATOM   854  N NZ  . LYS A 1 137 ? 4.793   -9.443  17.893  1.00 27.39 ? 3606 LYS A NZ  1 
ATOM   855  N N   . GLN A 1 138 ? 1.272   -2.780  15.930  1.00 13.17 ? 3607 GLN A N   1 
ATOM   856  C CA  . GLN A 1 138 ? 1.055   -1.334  15.794  1.00 14.40 ? 3607 GLN A CA  1 
ATOM   857  C C   . GLN A 1 138 ? 2.165   -0.774  14.916  1.00 13.61 ? 3607 GLN A C   1 
ATOM   858  O O   . GLN A 1 138 ? 2.890   0.154   15.298  1.00 10.87 ? 3607 GLN A O   1 
ATOM   859  C CB  . GLN A 1 138 ? 1.081   -0.647  17.159  1.00 19.77 ? 3607 GLN A CB  1 
ATOM   860  C CG  . GLN A 1 138 ? -0.068  -1.042  18.066  1.00 26.00 ? 3607 GLN A CG  1 
ATOM   861  C CD  . GLN A 1 138 ? -0.051  -0.283  19.378  1.00 30.44 ? 3607 GLN A CD  1 
ATOM   862  O OE1 . GLN A 1 138 ? 0.902   -0.382  20.153  1.00 34.77 ? 3607 GLN A OE1 1 
ATOM   863  N NE2 . GLN A 1 138 ? -1.106  0.484   19.633  1.00 33.52 ? 3607 GLN A NE2 1 
ATOM   864  N N   . ALA A 1 139 ? 2.285   -1.343  13.725  1.00 12.52 ? 3608 ALA A N   1 
ATOM   865  C CA  . ALA A 1 139 ? 3.334   -0.928  12.815  1.00 12.00 ? 3608 ALA A CA  1 
ATOM   866  C C   . ALA A 1 139 ? 2.929   -0.942  11.352  1.00 11.16 ? 3608 ALA A C   1 
ATOM   867  O O   . ALA A 1 139 ? 1.882   -1.471  10.974  1.00 11.49 ? 3608 ALA A O   1 
ATOM   868  C CB  . ALA A 1 139 ? 4.542   -1.831  13.010  1.00 13.84 ? 3608 ALA A CB  1 
ATOM   869  N N   . ALA A 1 140 ? 3.779   -0.332  10.540  1.00 9.55  ? 3609 ALA A N   1 
ATOM   870  C CA  . ALA A 1 140 ? 3.599   -0.295  9.101   1.00 8.87  ? 3609 ALA A CA  1 
ATOM   871  C C   . ALA A 1 140 ? 4.802   -1.052  8.556   1.00 8.16  ? 3609 ALA A C   1 
ATOM   872  O O   . ALA A 1 140 ? 5.894   -0.967  9.119   1.00 9.03  ? 3609 ALA A O   1 
ATOM   873  C CB  . ALA A 1 140 ? 3.617   1.141   8.595   1.00 10.37 ? 3609 ALA A CB  1 
ATOM   874  N N   . GLY A 1 141 ? 4.607   -1.806  7.480   1.00 8.01  ? 3610 GLY A N   1 
ATOM   875  C CA  . GLY A 1 141 ? 5.723   -2.526  6.895   1.00 8.23  ? 3610 GLY A CA  1 
ATOM   876  C C   . GLY A 1 141 ? 6.624   -1.530  6.189   1.00 9.57  ? 3610 GLY A C   1 
ATOM   877  O O   . GLY A 1 141 ? 6.162   -0.486  5.737   1.00 9.24  ? 3610 GLY A O   1 
ATOM   878  N N   . ILE A 1 142 ? 7.911   -1.845  6.097   1.00 8.96  ? 3611 ILE A N   1 
ATOM   879  C CA  . ILE A 1 142 ? 8.871   -0.962  5.452   1.00 10.13 ? 3611 ILE A CA  1 
ATOM   880  C C   . ILE A 1 142 ? 9.721   -1.740  4.460   1.00 10.23 ? 3611 ILE A C   1 
ATOM   881  O O   . ILE A 1 142 ? 10.304  -2.768  4.804   1.00 11.42 ? 3611 ILE A O   1 
ATOM   882  C CB  . ILE A 1 142 ? 9.832   -0.316  6.486   1.00 11.26 ? 3611 ILE A CB  1 
ATOM   883  C CG1 . ILE A 1 142 ? 9.074   0.680   7.372   1.00 10.31 ? 3611 ILE A CG1 1 
ATOM   884  C CG2 . ILE A 1 142 ? 10.987  0.380   5.768   1.00 12.41 ? 3611 ILE A CG2 1 
ATOM   885  C CD1 . ILE A 1 142 ? 8.619   1.928   6.645   1.00 11.99 ? 3611 ILE A CD1 1 
ATOM   886  N N   . ILE A 1 143 ? 9.774   -1.251  3.227   1.00 9.62  ? 3612 ILE A N   1 
ATOM   887  C CA  . ILE A 1 143 ? 10.587  -1.871  2.191   1.00 10.34 ? 3612 ILE A CA  1 
ATOM   888  C C   . ILE A 1 143 ? 11.420  -0.787  1.531   1.00 11.84 ? 3612 ILE A C   1 
ATOM   889  O O   . ILE A 1 143 ? 10.881  0.149   0.940   1.00 10.99 ? 3612 ILE A O   1 
ATOM   890  C CB  . ILE A 1 143 ? 9.734   -2.538  1.097   1.00 10.55 ? 3612 ILE A CB  1 
ATOM   891  C CG1 . ILE A 1 143 ? 8.906   -3.675  1.698   1.00 11.17 ? 3612 ILE A CG1 1 
ATOM   892  C CG2 . ILE A 1 143 ? 10.642  -3.057  -0.018  1.00 13.16 ? 3612 ILE A CG2 1 
ATOM   893  C CD1 . ILE A 1 143 ? 8.003   -4.364  0.696   1.00 14.06 ? 3612 ILE A CD1 1 
ATOM   894  N N   . ASN A 1 144 ? 12.736  -0.909  1.648   1.00 13.02 ? 3613 ASN A N   1 
ATOM   895  C CA  . ASN A 1 144 ? 13.636  0.052   1.034   1.00 16.10 ? 3613 ASN A CA  1 
ATOM   896  C C   . ASN A 1 144 ? 13.959  -0.469  -0.360  1.00 15.81 ? 3613 ASN A C   1 
ATOM   897  O O   . ASN A 1 144 ? 14.301  -1.639  -0.527  1.00 16.26 ? 3613 ASN A O   1 
ATOM   898  C CB  . ASN A 1 144 ? 14.913  0.187   1.862   1.00 19.46 ? 3613 ASN A CB  1 
ATOM   899  C CG  . ASN A 1 144 ? 14.650  0.758   3.240   1.00 22.63 ? 3613 ASN A CG  1 
ATOM   900  O OD1 . ASN A 1 144 ? 14.170  1.883   3.374   1.00 23.50 ? 3613 ASN A OD1 1 
ATOM   901  N ND2 . ASN A 1 144 ? 14.960  -0.016  4.273   1.00 26.60 ? 3613 ASN A ND2 1 
ATOM   902  N N   . VAL A 1 145 ? 13.825  0.400   -1.354  1.00 15.67 ? 3614 VAL A N   1 
ATOM   903  C CA  . VAL A 1 145 ? 14.091  0.039   -2.741  1.00 19.03 ? 3614 VAL A CA  1 
ATOM   904  C C   . VAL A 1 145 ? 15.319  0.798   -3.222  1.00 19.57 ? 3614 VAL A C   1 
ATOM   905  O O   . VAL A 1 145 ? 15.320  2.022   -3.283  1.00 21.46 ? 3614 VAL A O   1 
ATOM   906  C CB  . VAL A 1 145 ? 12.902  0.401   -3.649  1.00 20.56 ? 3614 VAL A CB  1 
ATOM   907  C CG1 . VAL A 1 145 ? 13.213  0.027   -5.090  1.00 22.78 ? 3614 VAL A CG1 1 
ATOM   908  C CG2 . VAL A 1 145 ? 11.649  -0.312  -3.170  1.00 23.40 ? 3614 VAL A CG2 1 
ATOM   909  N N   . PRO A 1 146 ? 16.385  0.076   -3.573  1.00 23.32 ? 3615 PRO A N   1 
ATOM   910  C CA  . PRO A 1 146 ? 17.593  0.757   -4.039  1.00 22.94 ? 3615 PRO A CA  1 
ATOM   911  C C   . PRO A 1 146 ? 17.618  0.963   -5.546  1.00 23.18 ? 3615 PRO A C   1 
ATOM   912  O O   . PRO A 1 146 ? 16.923  0.267   -6.293  1.00 20.79 ? 3615 PRO A O   1 
ATOM   913  C CB  . PRO A 1 146 ? 18.693  -0.186  -3.587  1.00 25.67 ? 3615 PRO A CB  1 
ATOM   914  C CG  . PRO A 1 146 ? 18.067  -1.523  -3.860  1.00 24.55 ? 3615 PRO A CG  1 
ATOM   915  C CD  . PRO A 1 146 ? 16.649  -1.354  -3.332  1.00 24.40 ? 3615 PRO A CD  1 
ATOM   916  N N   . ASN A 1 147 ? 18.404  1.942   -5.980  1.00 22.97 ? 3616 ASN A N   1 
ATOM   917  C CA  . ASN A 1 147 ? 18.586  2.201   -7.399  1.00 24.20 ? 3616 ASN A CA  1 
ATOM   918  C C   . ASN A 1 147 ? 19.818  1.369   -7.703  1.00 21.80 ? 3616 ASN A C   1 
ATOM   919  O O   . ASN A 1 147 ? 20.754  1.332   -6.899  1.00 20.75 ? 3616 ASN A O   1 
ATOM   920  C CB  . ASN A 1 147 ? 18.884  3.683   -7.668  1.00 27.52 ? 3616 ASN A CB  1 
ATOM   921  C CG  . ASN A 1 147 ? 17.628  4.533   -7.719  1.00 31.65 ? 3616 ASN A CG  1 
ATOM   922  O OD1 . ASN A 1 147 ? 16.680  4.214   -8.440  1.00 33.21 ? 3616 ASN A OD1 1 
ATOM   923  N ND2 . ASN A 1 147 ? 17.618  5.625   -6.962  1.00 33.92 ? 3616 ASN A ND2 1 
ATOM   924  N N   . PRO A 1 148 ? 19.830  0.666   -8.843  1.00 21.74 ? 3617 PRO A N   1 
ATOM   925  C CA  . PRO A 1 148 ? 20.997  -0.151  -9.174  1.00 20.18 ? 3617 PRO A CA  1 
ATOM   926  C C   . PRO A 1 148 ? 22.267  0.689   -9.215  1.00 18.10 ? 3617 PRO A C   1 
ATOM   927  O O   . PRO A 1 148 ? 22.283  1.773   -9.802  1.00 18.13 ? 3617 PRO A O   1 
ATOM   928  C CB  . PRO A 1 148 ? 20.637  -0.724  -10.541 1.00 22.19 ? 3617 PRO A CB  1 
ATOM   929  C CG  . PRO A 1 148 ? 19.145  -0.839  -10.465 1.00 23.98 ? 3617 PRO A CG  1 
ATOM   930  C CD  . PRO A 1 148 ? 18.762  0.480   -9.842  1.00 23.13 ? 3617 PRO A CD  1 
ATOM   931  N N   . GLY A 1 149 ? 23.317  0.192   -8.570  1.00 16.15 ? 3618 GLY A N   1 
ATOM   932  C CA  . GLY A 1 149 ? 24.589  0.893   -8.556  1.00 17.24 ? 3618 GLY A CA  1 
ATOM   933  C C   . GLY A 1 149 ? 24.826  1.749   -7.331  1.00 16.83 ? 3618 GLY A C   1 
ATOM   934  O O   . GLY A 1 149 ? 25.968  2.095   -7.024  1.00 15.62 ? 3618 GLY A O   1 
ATOM   935  N N   . SER A 1 150 ? 23.753  2.093   -6.625  1.00 15.83 ? 3619 SER A N   1 
ATOM   936  C CA  . SER A 1 150 ? 23.866  2.925   -5.435  1.00 17.17 ? 3619 SER A CA  1 
ATOM   937  C C   . SER A 1 150 ? 23.360  2.222   -4.180  1.00 18.63 ? 3619 SER A C   1 
ATOM   938  O O   . SER A 1 150 ? 22.326  1.559   -4.214  1.00 18.17 ? 3619 SER A O   1 
ATOM   939  C CB  . SER A 1 150 ? 23.079  4.225   -5.629  1.00 19.00 ? 3619 SER A CB  1 
ATOM   940  O OG  . SER A 1 150 ? 23.028  4.964   -4.419  1.00 20.24 ? 3619 SER A OG  1 
ATOM   941  N N   . ASN A 1 151 ? 24.087  2.362   -3.076  1.00 18.48 ? 3620 ASN A N   1 
ATOM   942  C CA  . ASN A 1 151 ? 23.639  1.749   -1.830  1.00 20.90 ? 3620 ASN A CA  1 
ATOM   943  C C   . ASN A 1 151 ? 22.967  2.776   -0.928  1.00 22.64 ? 3620 ASN A C   1 
ATOM   944  O O   . ASN A 1 151 ? 22.716  2.514   0.246   1.00 23.21 ? 3620 ASN A O   1 
ATOM   945  C CB  . ASN A 1 151 ? 24.791  1.074   -1.079  1.00 22.40 ? 3620 ASN A CB  1 
ATOM   946  C CG  . ASN A 1 151 ? 25.983  1.983   -0.878  1.00 23.95 ? 3620 ASN A CG  1 
ATOM   947  O OD1 . ASN A 1 151 ? 25.852  3.204   -0.777  1.00 23.17 ? 3620 ASN A OD1 1 
ATOM   948  N ND2 . ASN A 1 151 ? 27.163  1.380   -0.791  1.00 26.56 ? 3620 ASN A ND2 1 
ATOM   949  N N   . GLN A 1 152 ? 22.672  3.944   -1.487  1.00 25.51 ? 3621 GLN A N   1 
ATOM   950  C CA  . GLN A 1 152 ? 22.017  5.001   -0.730  1.00 27.56 ? 3621 GLN A CA  1 
ATOM   951  C C   . GLN A 1 152 ? 20.512  4.855   -0.894  1.00 28.50 ? 3621 GLN A C   1 
ATOM   952  O O   . GLN A 1 152 ? 20.031  4.417   -1.940  1.00 25.74 ? 3621 GLN A O   1 
ATOM   953  C CB  . GLN A 1 152 ? 22.455  6.379   -1.236  1.00 29.81 ? 3621 GLN A CB  1 
ATOM   954  C CG  . GLN A 1 152 ? 21.878  6.759   -2.591  1.00 33.84 ? 3621 GLN A CG  1 
ATOM   955  C CD  . GLN A 1 152 ? 22.416  8.080   -3.112  1.00 37.23 ? 3621 GLN A CD  1 
ATOM   956  O OE1 . GLN A 1 152 ? 23.623  8.238   -3.306  1.00 38.98 ? 3621 GLN A OE1 1 
ATOM   957  N NE2 . GLN A 1 152 ? 21.522  9.034   -3.344  1.00 36.55 ? 3621 GLN A NE2 1 
ATOM   958  N N   . PRO A 1 153 ? 19.745  5.223   0.140   1.00 29.82 ? 3622 PRO A N   1 
ATOM   959  C CA  . PRO A 1 153 ? 18.288  5.111   0.060   1.00 30.27 ? 3622 PRO A CA  1 
ATOM   960  C C   . PRO A 1 153 ? 17.699  5.899   -1.106  1.00 28.30 ? 3622 PRO A C   1 
ATOM   961  O O   . PRO A 1 153 ? 18.023  7.069   -1.308  1.00 30.92 ? 3622 PRO A O   1 
ATOM   962  C CB  . PRO A 1 153 ? 17.827  5.629   1.423   1.00 30.96 ? 3622 PRO A CB  1 
ATOM   963  C CG  . PRO A 1 153 ? 18.906  6.606   1.800   1.00 32.07 ? 3622 PRO A CG  1 
ATOM   964  C CD  . PRO A 1 153 ? 20.158  5.869   1.399   1.00 31.04 ? 3622 PRO A CD  1 
ATOM   965  N N   . ALA A 1 154 ? 16.846  5.239   -1.883  1.00 26.79 ? 3623 ALA A N   1 
ATOM   966  C CA  . ALA A 1 154 ? 16.194  5.863   -3.027  1.00 25.47 ? 3623 ALA A CA  1 
ATOM   967  C C   . ALA A 1 154 ? 14.720  6.077   -2.691  1.00 24.44 ? 3623 ALA A C   1 
ATOM   968  O O   . ALA A 1 154 ? 14.289  7.193   -2.401  1.00 25.16 ? 3623 ALA A O   1 
ATOM   969  C CB  . ALA A 1 154 ? 16.326  4.968   -4.250  1.00 27.60 ? 3623 ALA A CB  1 
ATOM   970  N N   . TYR A 1 155 ? 13.949  4.998   -2.735  1.00 21.18 ? 3624 TYR A N   1 
ATOM   971  C CA  . TYR A 1 155 ? 12.532  5.078   -2.414  1.00 19.74 ? 3624 TYR A CA  1 
ATOM   972  C C   . TYR A 1 155 ? 12.235  4.122   -1.273  1.00 16.87 ? 3624 TYR A C   1 
ATOM   973  O O   . TYR A 1 155 ? 12.975  3.170   -1.038  1.00 15.12 ? 3624 TYR A O   1 
ATOM   974  C CB  . TYR A 1 155 ? 11.675  4.692   -3.621  1.00 24.42 ? 3624 TYR A CB  1 
ATOM   975  C CG  . TYR A 1 155 ? 12.039  5.409   -4.898  1.00 28.75 ? 3624 TYR A CG  1 
ATOM   976  C CD1 . TYR A 1 155 ? 13.023  4.904   -5.747  1.00 32.10 ? 3624 TYR A CD1 1 
ATOM   977  C CD2 . TYR A 1 155 ? 11.397  6.592   -5.263  1.00 31.66 ? 3624 TYR A CD2 1 
ATOM   978  C CE1 . TYR A 1 155 ? 13.356  5.555   -6.931  1.00 33.94 ? 3624 TYR A CE1 1 
ATOM   979  C CE2 . TYR A 1 155 ? 11.726  7.255   -6.445  1.00 33.68 ? 3624 TYR A CE2 1 
ATOM   980  C CZ  . TYR A 1 155 ? 12.703  6.729   -7.273  1.00 34.42 ? 3624 TYR A CZ  1 
ATOM   981  O OH  . TYR A 1 155 ? 13.023  7.373   -8.448  1.00 37.37 ? 3624 TYR A OH  1 
ATOM   982  N N   . VAL A 1 156 ? 11.155  4.389   -0.554  1.00 12.67 ? 3625 VAL A N   1 
ATOM   983  C CA  . VAL A 1 156 ? 10.758  3.520   0.533   1.00 11.78 ? 3625 VAL A CA  1 
ATOM   984  C C   . VAL A 1 156 ? 9.265   3.277   0.406   1.00 10.14 ? 3625 VAL A C   1 
ATOM   985  O O   . VAL A 1 156 ? 8.504   4.183   0.069   1.00 10.11 ? 3625 VAL A O   1 
ATOM   986  C CB  . VAL A 1 156 ? 11.060  4.140   1.920   1.00 12.39 ? 3625 VAL A CB  1 
ATOM   987  C CG1 . VAL A 1 156 ? 10.320  5.455   2.084   1.00 13.37 ? 3625 VAL A CG1 1 
ATOM   988  C CG2 . VAL A 1 156 ? 10.672  3.157   3.019   1.00 13.64 ? 3625 VAL A CG2 1 
ATOM   989  N N   . LEU A 1 157 ? 8.858   2.036   0.630   1.00 9.87  ? 3626 LEU A N   1 
ATOM   990  C CA  . LEU A 1 157 ? 7.452   1.688   0.570   1.00 9.38  ? 3626 LEU A CA  1 
ATOM   991  C C   . LEU A 1 157 ? 7.030   1.553   2.031   1.00 9.43  ? 3626 LEU A C   1 
ATOM   992  O O   . LEU A 1 157 ? 7.655   0.826   2.804   1.00 10.91 ? 3626 LEU A O   1 
ATOM   993  C CB  . LEU A 1 157 ? 7.259   0.357   -0.169  1.00 10.51 ? 3626 LEU A CB  1 
ATOM   994  C CG  . LEU A 1 157 ? 7.968   0.189   -1.519  1.00 13.21 ? 3626 LEU A CG  1 
ATOM   995  C CD1 . LEU A 1 157 ? 7.735   -1.222  -2.037  1.00 15.10 ? 3626 LEU A CD1 1 
ATOM   996  C CD2 . LEU A 1 157 ? 7.460   1.208   -2.515  1.00 17.54 ? 3626 LEU A CD2 1 
ATOM   997  N N   . GLN A 1 158 ? 5.990   2.284   2.409   1.00 9.77  ? 3627 GLN A N   1 
ATOM   998  C CA  . GLN A 1 158 ? 5.474   2.256   3.770   1.00 9.00  ? 3627 GLN A CA  1 
ATOM   999  C C   . GLN A 1 158 ? 4.097   1.626   3.642   1.00 8.93  ? 3627 GLN A C   1 
ATOM   1000 O O   . GLN A 1 158 ? 3.186   2.213   3.061   1.00 8.89  ? 3627 GLN A O   1 
ATOM   1001 C CB  . GLN A 1 158 ? 5.428   3.690   4.301   1.00 10.89 ? 3627 GLN A CB  1 
ATOM   1002 C CG  . GLN A 1 158 ? 6.830   4.297   4.306   1.00 13.59 ? 3627 GLN A CG  1 
ATOM   1003 C CD  . GLN A 1 158 ? 6.858   5.783   4.016   1.00 15.43 ? 3627 GLN A CD  1 
ATOM   1004 O OE1 . GLN A 1 158 ? 6.294   6.252   3.024   1.00 17.18 ? 3627 GLN A OE1 1 
ATOM   1005 N NE2 . GLN A 1 158 ? 7.537   6.534   4.871   1.00 15.28 ? 3627 GLN A NE2 1 
ATOM   1006 N N   . ILE A 1 159 ? 3.968   0.419   4.188   1.00 7.75  ? 3628 ILE A N   1 
ATOM   1007 C CA  . ILE A 1 159 ? 2.749   -0.375  4.073   1.00 8.02  ? 3628 ILE A CA  1 
ATOM   1008 C C   . ILE A 1 159 ? 1.900   -0.385  5.328   1.00 7.55  ? 3628 ILE A C   1 
ATOM   1009 O O   . ILE A 1 159 ? 2.243   -1.029  6.308   1.00 7.50  ? 3628 ILE A O   1 
ATOM   1010 C CB  . ILE A 1 159 ? 3.131   -1.815  3.699   1.00 8.92  ? 3628 ILE A CB  1 
ATOM   1011 C CG1 . ILE A 1 159 ? 4.022   -1.787  2.453   1.00 11.16 ? 3628 ILE A CG1 1 
ATOM   1012 C CG2 . ILE A 1 159 ? 1.894   -2.644  3.445   1.00 9.61  ? 3628 ILE A CG2 1 
ATOM   1013 C CD1 . ILE A 1 159 ? 4.623   -3.128  2.096   1.00 13.29 ? 3628 ILE A CD1 1 
ATOM   1014 N N   . PHE A 1 160 ? 0.770   0.312   5.271   1.00 6.70  ? 3629 PHE A N   1 
ATOM   1015 C CA  . PHE A 1 160 ? -0.121  0.417   6.420   1.00 7.49  ? 3629 PHE A CA  1 
ATOM   1016 C C   . PHE A 1 160 ? -1.326  -0.506  6.420   1.00 7.49  ? 3629 PHE A C   1 
ATOM   1017 O O   . PHE A 1 160 ? -1.939  -0.749  5.385   1.00 7.17  ? 3629 PHE A O   1 
ATOM   1018 C CB  . PHE A 1 160 ? -0.678  1.841   6.542   1.00 7.98  ? 3629 PHE A CB  1 
ATOM   1019 C CG  . PHE A 1 160 ? 0.365   2.894   6.736   1.00 7.75  ? 3629 PHE A CG  1 
ATOM   1020 C CD1 . PHE A 1 160 ? 1.092   3.384   5.654   1.00 8.59  ? 3629 PHE A CD1 1 
ATOM   1021 C CD2 . PHE A 1 160 ? 0.616   3.407   8.004   1.00 10.01 ? 3629 PHE A CD2 1 
ATOM   1022 C CE1 . PHE A 1 160 ? 2.061   4.377   5.835   1.00 10.97 ? 3629 PHE A CE1 1 
ATOM   1023 C CE2 . PHE A 1 160 ? 1.583   4.399   8.199   1.00 11.21 ? 3629 PHE A CE2 1 
ATOM   1024 C CZ  . PHE A 1 160 ? 2.307   4.883   7.110   1.00 9.48  ? 3629 PHE A CZ  1 
ATOM   1025 N N   . PRO A 1 161 ? -1.672  -1.048  7.595   1.00 7.23  ? 3630 PRO A N   1 
ATOM   1026 C CA  . PRO A 1 161 ? -2.844  -1.919  7.662   1.00 9.94  ? 3630 PRO A CA  1 
ATOM   1027 C C   . PRO A 1 161 ? -3.960  -0.902  7.922   1.00 11.73 ? 3630 PRO A C   1 
ATOM   1028 O O   . PRO A 1 161 ? -3.678  0.289   8.091   1.00 13.27 ? 3630 PRO A O   1 
ATOM   1029 C CB  . PRO A 1 161 ? -2.561  -2.772  8.895   1.00 9.22  ? 3630 PRO A CB  1 
ATOM   1030 C CG  . PRO A 1 161 ? -1.872  -1.782  9.810   1.00 9.68  ? 3630 PRO A CG  1 
ATOM   1031 C CD  . PRO A 1 161 ? -0.904  -1.093  8.857   1.00 7.31  ? 3630 PRO A CD  1 
ATOM   1032 N N   . PRO A 1 162 ? -5.229  -1.333  7.923   1.00 12.40 ? 3631 PRO A N   1 
ATOM   1033 C CA  . PRO A 1 162 ? -6.277  -0.343  8.191   1.00 12.76 ? 3631 PRO A CA  1 
ATOM   1034 C C   . PRO A 1 162 ? -6.015  0.247   9.580   1.00 13.22 ? 3631 PRO A C   1 
ATOM   1035 O O   . PRO A 1 162 ? -5.837  -0.489  10.550  1.00 12.69 ? 3631 PRO A O   1 
ATOM   1036 C CB  . PRO A 1 162 ? -7.552  -1.177  8.134   1.00 13.49 ? 3631 PRO A CB  1 
ATOM   1037 C CG  . PRO A 1 162 ? -7.216  -2.199  7.079   1.00 12.84 ? 3631 PRO A CG  1 
ATOM   1038 C CD  . PRO A 1 162 ? -5.806  -2.604  7.452   1.00 11.63 ? 3631 PRO A CD  1 
ATOM   1039 N N   . CYS A 1 163 ? -5.966  1.571   9.669   1.00 12.66 ? 3632 CYS A N   1 
ATOM   1040 C CA  . CYS A 1 163 ? -5.693  2.233   10.939  1.00 13.79 ? 3632 CYS A CA  1 
ATOM   1041 C C   . CYS A 1 163 ? -6.126  3.688   10.868  1.00 13.42 ? 3632 CYS A C   1 
ATOM   1042 O O   . CYS A 1 163 ? -6.633  4.137   9.849   1.00 13.28 ? 3632 CYS A O   1 
ATOM   1043 C CB  . CYS A 1 163 ? -4.194  2.155   11.265  1.00 13.37 ? 3632 CYS A CB  1 
ATOM   1044 S SG  . CYS A 1 163 ? -3.085  2.972   10.058  1.00 13.62 ? 3632 CYS A SG  1 
ATOM   1045 N N   . GLU A 1 164 ? -5.929  4.423   11.956  1.00 15.05 ? 3633 GLU A N   1 
ATOM   1046 C CA  . GLU A 1 164 ? -6.307  5.827   11.978  1.00 15.45 ? 3633 GLU A CA  1 
ATOM   1047 C C   . GLU A 1 164 ? -5.620  6.623   10.883  1.00 14.16 ? 3633 GLU A C   1 
ATOM   1048 O O   . GLU A 1 164 ? -6.250  7.456   10.224  1.00 14.24 ? 3633 GLU A O   1 
ATOM   1049 C CB  . GLU A 1 164 ? -5.979  6.453   13.335  1.00 20.73 ? 3633 GLU A CB  1 
ATOM   1050 C CG  . GLU A 1 164 ? -6.988  6.145   14.417  1.00 27.30 ? 3633 GLU A CG  1 
ATOM   1051 C CD  . GLU A 1 164 ? -6.705  6.902   15.700  1.00 32.15 ? 3633 GLU A CD  1 
ATOM   1052 O OE1 . GLU A 1 164 ? -5.648  6.653   16.318  1.00 35.15 ? 3633 GLU A OE1 1 
ATOM   1053 O OE2 . GLU A 1 164 ? -7.539  7.751   16.084  1.00 35.63 ? 3633 GLU A OE2 1 
ATOM   1054 N N   . PHE A 1 165 ? -4.328  6.366   10.691  1.00 12.43 ? 3634 PHE A N   1 
ATOM   1055 C CA  . PHE A 1 165 ? -3.545  7.075   9.686   1.00 12.77 ? 3634 PHE A CA  1 
ATOM   1056 C C   . PHE A 1 165 ? -4.084  6.827   8.278   1.00 12.76 ? 3634 PHE A C   1 
ATOM   1057 O O   . PHE A 1 165 ? -4.243  7.767   7.503   1.00 10.76 ? 3634 PHE A O   1 
ATOM   1058 C CB  . PHE A 1 165 ? -2.076  6.645   9.750   1.00 12.50 ? 3634 PHE A CB  1 
ATOM   1059 C CG  . PHE A 1 165 ? -1.159  7.483   8.903   1.00 12.48 ? 3634 PHE A CG  1 
ATOM   1060 C CD1 . PHE A 1 165 ? -0.756  8.747   9.330   1.00 13.04 ? 3634 PHE A CD1 1 
ATOM   1061 C CD2 . PHE A 1 165 ? -0.705  7.015   7.674   1.00 12.27 ? 3634 PHE A CD2 1 
ATOM   1062 C CE1 . PHE A 1 165 ? 0.088   9.531   8.543   1.00 13.21 ? 3634 PHE A CE1 1 
ATOM   1063 C CE2 . PHE A 1 165 ? 0.140   7.792   6.880   1.00 13.96 ? 3634 PHE A CE2 1 
ATOM   1064 C CZ  . PHE A 1 165 ? 0.538   9.050   7.313   1.00 14.57 ? 3634 PHE A CZ  1 
ATOM   1065 N N   . SER A 1 166 ? -4.357  5.566   7.946   1.00 11.14 ? 3635 SER A N   1 
ATOM   1066 C CA  . SER A 1 166 ? -4.868  5.249   6.615   1.00 12.92 ? 3635 SER A CA  1 
ATOM   1067 C C   . SER A 1 166 ? -6.269  5.815   6.420   1.00 14.15 ? 3635 SER A C   1 
ATOM   1068 O O   . SER A 1 166 ? -6.592  6.330   5.353   1.00 13.74 ? 3635 SER A O   1 
ATOM   1069 C CB  . SER A 1 166 ? -4.874  3.731   6.373   1.00 13.74 ? 3635 SER A CB  1 
ATOM   1070 O OG  . SER A 1 166 ? -5.806  3.066   7.204   1.00 14.51 ? 3635 SER A OG  1 
ATOM   1071 N N   . GLU A 1 167 ? -7.103  5.722   7.450   1.00 14.47 ? 3636 GLU A N   1 
ATOM   1072 C CA  . GLU A 1 167 ? -8.458  6.251   7.351   1.00 17.16 ? 3636 GLU A CA  1 
ATOM   1073 C C   . GLU A 1 167 ? -8.409  7.758   7.135   1.00 16.70 ? 3636 GLU A C   1 
ATOM   1074 O O   . GLU A 1 167 ? -9.167  8.309   6.332   1.00 17.74 ? 3636 GLU A O   1 
ATOM   1075 C CB  . GLU A 1 167 ? -9.254  5.934   8.619   1.00 20.24 ? 3636 GLU A CB  1 
ATOM   1076 C CG  . GLU A 1 167 ? -9.580  4.464   8.806   1.00 28.22 ? 3636 GLU A CG  1 
ATOM   1077 C CD  . GLU A 1 167 ? -10.572 4.226   9.932   1.00 32.54 ? 3636 GLU A CD  1 
ATOM   1078 O OE1 . GLU A 1 167 ? -10.306 4.670   11.070  1.00 36.32 ? 3636 GLU A OE1 1 
ATOM   1079 O OE2 . GLU A 1 167 ? -11.619 3.594   9.679   1.00 36.06 ? 3636 GLU A OE2 1 
ATOM   1080 N N   . SER A 1 168 ? -7.503  8.422   7.841   1.00 15.88 ? 3637 SER A N   1 
ATOM   1081 C CA  . SER A 1 168 ? -7.360  9.870   7.730   1.00 16.76 ? 3637 SER A CA  1 
ATOM   1082 C C   . SER A 1 168 ? -6.995  10.321  6.319   1.00 17.46 ? 3637 SER A C   1 
ATOM   1083 O O   . SER A 1 168 ? -7.670  11.163  5.732   1.00 16.97 ? 3637 SER A O   1 
ATOM   1084 C CB  . SER A 1 168 ? -6.298  10.378  8.706   1.00 16.69 ? 3637 SER A CB  1 
ATOM   1085 O OG  . SER A 1 168 ? -5.984  11.739  8.442   1.00 20.87 ? 3637 SER A OG  1 
ATOM   1086 N N   . HIS A 1 169 ? -5.925  9.755   5.772   1.00 15.35 ? 3638 HIS A N   1 
ATOM   1087 C CA  . HIS A 1 169 ? -5.488  10.141  4.438   1.00 16.57 ? 3638 HIS A CA  1 
ATOM   1088 C C   . HIS A 1 169 ? -6.382  9.671   3.299   1.00 16.65 ? 3638 HIS A C   1 
ATOM   1089 O O   . HIS A 1 169 ? -6.530  10.380  2.305   1.00 18.23 ? 3638 HIS A O   1 
ATOM   1090 C CB  . HIS A 1 169 ? -4.042  9.698   4.229   1.00 15.28 ? 3638 HIS A CB  1 
ATOM   1091 C CG  . HIS A 1 169 ? -3.066  10.496  5.034   1.00 16.90 ? 3638 HIS A CG  1 
ATOM   1092 N ND1 . HIS A 1 169 ? -2.696  11.780  4.692   1.00 15.67 ? 3638 HIS A ND1 1 
ATOM   1093 C CD2 . HIS A 1 169 ? -2.455  10.230  6.213   1.00 15.95 ? 3638 HIS A CD2 1 
ATOM   1094 C CE1 . HIS A 1 169 ? -1.899  12.269  5.625   1.00 16.73 ? 3638 HIS A CE1 1 
ATOM   1095 N NE2 . HIS A 1 169 ? -1.737  11.351  6.559   1.00 16.52 ? 3638 HIS A NE2 1 
ATOM   1096 N N   . LEU A 1 170 ? -6.979  8.489   3.427   1.00 16.36 ? 3639 LEU A N   1 
ATOM   1097 C CA  . LEU A 1 170 ? -7.871  8.010   2.377   1.00 17.32 ? 3639 LEU A CA  1 
ATOM   1098 C C   . LEU A 1 170 ? -9.138  8.863   2.376   1.00 19.70 ? 3639 LEU A C   1 
ATOM   1099 O O   . LEU A 1 170 ? -9.731  9.108   1.323   1.00 19.48 ? 3639 LEU A O   1 
ATOM   1100 C CB  . LEU A 1 170 ? -8.226  6.533   2.589   1.00 15.86 ? 3639 LEU A CB  1 
ATOM   1101 C CG  . LEU A 1 170 ? -7.111  5.538   2.236   1.00 14.74 ? 3639 LEU A CG  1 
ATOM   1102 C CD1 . LEU A 1 170 ? -7.544  4.127   2.591   1.00 15.73 ? 3639 LEU A CD1 1 
ATOM   1103 C CD2 . LEU A 1 170 ? -6.788  5.637   0.748   1.00 16.48 ? 3639 LEU A CD2 1 
ATOM   1104 N N   . SER A 1 171 ? -9.544  9.325   3.557   1.00 21.26 ? 3640 SER A N   1 
ATOM   1105 C CA  . SER A 1 171 ? -10.733 10.168  3.672   1.00 23.34 ? 3640 SER A CA  1 
ATOM   1106 C C   . SER A 1 171 ? -10.487 11.506  2.987   1.00 23.31 ? 3640 SER A C   1 
ATOM   1107 O O   . SER A 1 171 ? -11.381 12.064  2.353   1.00 23.08 ? 3640 SER A O   1 
ATOM   1108 C CB  . SER A 1 171 ? -11.080 10.419  5.142   1.00 24.69 ? 3640 SER A CB  1 
ATOM   1109 O OG  . SER A 1 171 ? -11.458 9.222   5.794   1.00 29.75 ? 3640 SER A OG  1 
ATOM   1110 N N   . ARG A 1 172 ? -9.265  12.008  3.117   1.00 22.90 ? 3641 ARG A N   1 
ATOM   1111 C CA  . ARG A 1 172 ? -8.877  13.287  2.532   1.00 24.21 ? 3641 ARG A CA  1 
ATOM   1112 C C   . ARG A 1 172 ? -8.619  13.217  1.030   1.00 24.52 ? 3641 ARG A C   1 
ATOM   1113 O O   . ARG A 1 172 ? -9.014  14.115  0.281   1.00 25.56 ? 3641 ARG A O   1 
ATOM   1114 C CB  . ARG A 1 172 ? -7.622  13.814  3.239   1.00 25.13 ? 3641 ARG A CB  1 
ATOM   1115 C CG  . ARG A 1 172 ? -7.007  15.064  2.620   1.00 27.97 ? 3641 ARG A CG  1 
ATOM   1116 C CD  . ARG A 1 172 ? -5.811  15.551  3.434   1.00 29.07 ? 3641 ARG A CD  1 
ATOM   1117 N NE  . ARG A 1 172 ? -4.680  14.626  3.403   1.00 29.18 ? 3641 ARG A NE  1 
ATOM   1118 C CZ  . ARG A 1 172 ? -3.830  14.511  2.385   1.00 29.50 ? 3641 ARG A CZ  1 
ATOM   1119 N NH1 . ARG A 1 172 ? -3.977  15.266  1.304   1.00 29.37 ? 3641 ARG A NH1 1 
ATOM   1120 N NH2 . ARG A 1 172 ? -2.830  13.644  2.450   1.00 29.25 ? 3641 ARG A NH2 1 
ATOM   1121 N N   . LEU A 1 173 ? -7.967  12.143  0.594   1.00 22.01 ? 3642 LEU A N   1 
ATOM   1122 C CA  . LEU A 1 173 ? -7.614  11.977  -0.812  1.00 20.82 ? 3642 LEU A CA  1 
ATOM   1123 C C   . LEU A 1 173 ? -8.596  11.208  -1.687  1.00 20.12 ? 3642 LEU A C   1 
ATOM   1124 O O   . LEU A 1 173 ? -8.691  11.474  -2.889  1.00 20.09 ? 3642 LEU A O   1 
ATOM   1125 C CB  . LEU A 1 173 ? -6.238  11.313  -0.910  1.00 21.61 ? 3642 LEU A CB  1 
ATOM   1126 C CG  . LEU A 1 173 ? -5.095  12.114  -0.284  1.00 22.25 ? 3642 LEU A CG  1 
ATOM   1127 C CD1 . LEU A 1 173 ? -3.874  11.226  -0.113  1.00 23.46 ? 3642 LEU A CD1 1 
ATOM   1128 C CD2 . LEU A 1 173 ? -4.779  13.317  -1.166  1.00 24.31 ? 3642 LEU A CD2 1 
ATOM   1129 N N   . ALA A 1 174 ? -9.319  10.260  -1.102  1.00 17.59 ? 3643 ALA A N   1 
ATOM   1130 C CA  . ALA A 1 174 ? -10.265 9.454   -1.872  1.00 17.73 ? 3643 ALA A CA  1 
ATOM   1131 C C   . ALA A 1 174 ? -11.404 8.926   -1.014  1.00 17.67 ? 3643 ALA A C   1 
ATOM   1132 O O   . ALA A 1 174 ? -11.558 7.717   -0.848  1.00 16.12 ? 3643 ALA A O   1 
ATOM   1133 C CB  . ALA A 1 174 ? -9.529  8.289   -2.533  1.00 16.73 ? 3643 ALA A CB  1 
ATOM   1134 N N   . PRO A 1 175 ? -12.240 9.829   -0.480  1.00 18.14 ? 3644 PRO A N   1 
ATOM   1135 C CA  . PRO A 1 175 ? -13.367 9.427   0.366   1.00 18.94 ? 3644 PRO A CA  1 
ATOM   1136 C C   . PRO A 1 175 ? -14.294 8.401   -0.280  1.00 18.92 ? 3644 PRO A C   1 
ATOM   1137 O O   . PRO A 1 175 ? -14.811 7.510   0.398   1.00 18.35 ? 3644 PRO A O   1 
ATOM   1138 C CB  . PRO A 1 175 ? -14.064 10.754  0.659   1.00 20.82 ? 3644 PRO A CB  1 
ATOM   1139 C CG  . PRO A 1 175 ? -13.785 11.558  -0.574  1.00 19.45 ? 3644 PRO A CG  1 
ATOM   1140 C CD  . PRO A 1 175 ? -12.324 11.261  -0.814  1.00 18.66 ? 3644 PRO A CD  1 
ATOM   1141 N N   . ASP A 1 176 ? -14.498 8.517   -1.589  1.00 18.94 ? 3645 ASP A N   1 
ATOM   1142 C CA  . ASP A 1 176 ? -15.367 7.582   -2.286  1.00 18.58 ? 3645 ASP A CA  1 
ATOM   1143 C C   . ASP A 1 176 ? -14.787 6.173   -2.274  1.00 17.98 ? 3645 ASP A C   1 
ATOM   1144 O O   . ASP A 1 176 ? -15.514 5.194   -2.111  1.00 16.97 ? 3645 ASP A O   1 
ATOM   1145 C CB  . ASP A 1 176 ? -15.627 8.058   -3.724  1.00 19.27 ? 3645 ASP A CB  1 
ATOM   1146 C CG  . ASP A 1 176 ? -14.354 8.201   -4.551  1.00 21.91 ? 3645 ASP A CG  1 
ATOM   1147 O OD1 . ASP A 1 176 ? -13.253 8.306   -3.973  1.00 21.11 ? 3645 ASP A OD1 1 
ATOM   1148 O OD2 . ASP A 1 176 ? -14.465 8.228   -5.794  1.00 21.50 ? 3645 ASP A OD2 1 
ATOM   1149 N N   . LEU A 1 177 ? -13.471 6.073   -2.436  1.00 17.31 ? 3646 LEU A N   1 
ATOM   1150 C CA  . LEU A 1 177 ? -12.810 4.776   -2.421  1.00 17.10 ? 3646 LEU A CA  1 
ATOM   1151 C C   . LEU A 1 177 ? -12.889 4.196   -1.011  1.00 17.34 ? 3646 LEU A C   1 
ATOM   1152 O O   . LEU A 1 177 ? -13.163 3.010   -0.828  1.00 18.71 ? 3646 LEU A O   1 
ATOM   1153 C CB  . LEU A 1 177 ? -11.347 4.930   -2.842  1.00 16.90 ? 3646 LEU A CB  1 
ATOM   1154 C CG  . LEU A 1 177 ? -10.468 3.675   -2.856  1.00 16.55 ? 3646 LEU A CG  1 
ATOM   1155 C CD1 . LEU A 1 177 ? -11.124 2.581   -3.686  1.00 18.23 ? 3646 LEU A CD1 1 
ATOM   1156 C CD2 . LEU A 1 177 ? -9.096  4.032   -3.426  1.00 14.63 ? 3646 LEU A CD2 1 
ATOM   1157 N N   . LEU A 1 178 ? -12.651 5.043   -0.015  1.00 19.06 ? 3647 LEU A N   1 
ATOM   1158 C CA  . LEU A 1 178 ? -12.704 4.610   1.375   1.00 19.56 ? 3647 LEU A CA  1 
ATOM   1159 C C   . LEU A 1 178 ? -14.093 4.069   1.706   1.00 20.79 ? 3647 LEU A C   1 
ATOM   1160 O O   . LEU A 1 178 ? -14.232 3.003   2.308   1.00 20.47 ? 3647 LEU A O   1 
ATOM   1161 C CB  . LEU A 1 178 ? -12.375 5.778   2.302   1.00 20.49 ? 3647 LEU A CB  1 
ATOM   1162 C CG  . LEU A 1 178 ? -12.404 5.463   3.801   1.00 21.38 ? 3647 LEU A CG  1 
ATOM   1163 C CD1 . LEU A 1 178 ? -11.358 4.402   4.125   1.00 21.58 ? 3647 LEU A CD1 1 
ATOM   1164 C CD2 . LEU A 1 178 ? -12.141 6.729   4.590   1.00 21.27 ? 3647 LEU A CD2 1 
ATOM   1165 N N   . ALA A 1 179 ? -15.121 4.806   1.297   1.00 21.00 ? 3648 ALA A N   1 
ATOM   1166 C CA  . ALA A 1 179 ? -16.497 4.400   1.556   1.00 23.28 ? 3648 ALA A CA  1 
ATOM   1167 C C   . ALA A 1 179 ? -16.791 3.003   1.018   1.00 24.82 ? 3648 ALA A C   1 
ATOM   1168 O O   . ALA A 1 179 ? -17.597 2.265   1.589   1.00 26.15 ? 3648 ALA A O   1 
ATOM   1169 C CB  . ALA A 1 179 ? -17.463 5.411   0.941   1.00 21.82 ? 3648 ALA A CB  1 
ATOM   1170 N N   . SER A 1 180 ? -16.130 2.631   -0.073  1.00 24.61 ? 3649 SER A N   1 
ATOM   1171 C CA  . SER A 1 180 ? -16.354 1.322   -0.675  1.00 25.86 ? 3649 SER A CA  1 
ATOM   1172 C C   . SER A 1 180 ? -15.583 0.183   -0.009  1.00 26.24 ? 3649 SER A C   1 
ATOM   1173 O O   . SER A 1 180 ? -15.863 -0.985  -0.272  1.00 28.25 ? 3649 SER A O   1 
ATOM   1174 C CB  . SER A 1 180 ? -15.995 1.357   -2.162  1.00 26.21 ? 3649 SER A CB  1 
ATOM   1175 O OG  . SER A 1 180 ? -14.596 1.516   -2.342  1.00 29.34 ? 3649 SER A OG  1 
ATOM   1176 N N   . ILE A 1 181 ? -14.625 0.513   0.854   1.00 27.15 ? 3650 ILE A N   1 
ATOM   1177 C CA  . ILE A 1 181 ? -13.818 -0.520  1.505   1.00 27.78 ? 3650 ILE A CA  1 
ATOM   1178 C C   . ILE A 1 181 ? -13.789 -0.487  3.034   1.00 30.27 ? 3650 ILE A C   1 
ATOM   1179 O O   . ILE A 1 181 ? -13.569 -1.517  3.672   1.00 30.16 ? 3650 ILE A O   1 
ATOM   1180 C CB  . ILE A 1 181 ? -12.355 -0.464  1.014   1.00 27.70 ? 3650 ILE A CB  1 
ATOM   1181 C CG1 . ILE A 1 181 ? -11.717 0.860   1.439   1.00 28.15 ? 3650 ILE A CG1 1 
ATOM   1182 C CG2 . ILE A 1 181 ? -12.306 -0.616  -0.501  1.00 27.70 ? 3650 ILE A CG2 1 
ATOM   1183 C CD1 . ILE A 1 181 ? -10.246 0.973   1.102   1.00 25.88 ? 3650 ILE A CD1 1 
ATOM   1184 N N   . SER A 1 182 ? -14.000 0.688   3.619   1.00 31.87 ? 3651 SER A N   1 
ATOM   1185 C CA  . SER A 1 182 ? -13.969 0.829   5.072   1.00 34.53 ? 3651 SER A CA  1 
ATOM   1186 C C   . SER A 1 182 ? -14.898 -0.159  5.772   1.00 36.38 ? 3651 SER A C   1 
ATOM   1187 O O   . SER A 1 182 ? -16.103 -0.188  5.512   1.00 35.99 ? 3651 SER A O   1 
ATOM   1188 C CB  . SER A 1 182 ? -14.339 2.261   5.469   1.00 34.91 ? 3651 SER A CB  1 
ATOM   1189 O OG  . SER A 1 182 ? -14.178 2.461   6.862   1.00 35.96 ? 3651 SER A OG  1 
ATOM   1190 N N   . ASN A 1 183 ? -14.325 -0.968  6.660   1.00 37.96 ? 3652 ASN A N   1 
ATOM   1191 C CA  . ASN A 1 183 ? -15.086 -1.967  7.406   1.00 39.63 ? 3652 ASN A CA  1 
ATOM   1192 C C   . ASN A 1 183 ? -15.869 -2.875  6.462   1.00 39.40 ? 3652 ASN A C   1 
ATOM   1193 O O   . ASN A 1 183 ? -16.867 -3.479  6.856   1.00 39.87 ? 3652 ASN A O   1 
ATOM   1194 C CB  . ASN A 1 183 ? -16.054 -1.281  8.376   1.00 41.92 ? 3652 ASN A CB  1 
ATOM   1195 C CG  . ASN A 1 183 ? -15.344 -0.412  9.401   1.00 44.35 ? 3652 ASN A CG  1 
ATOM   1196 O OD1 . ASN A 1 183 ? -15.983 0.249   10.219  1.00 45.80 ? 3652 ASN A OD1 1 
ATOM   1197 N ND2 . ASN A 1 183 ? -14.015 -0.410  9.360   1.00 45.17 ? 3652 ASN A ND2 1 
ATOM   1198 N N   . ILE A 1 184 ? -15.411 -2.970  5.217   1.00 38.06 ? 3653 ILE A N   1 
ATOM   1199 C CA  . ILE A 1 184 ? -16.082 -3.796  4.220   1.00 36.80 ? 3653 ILE A CA  1 
ATOM   1200 C C   . ILE A 1 184 ? -15.148 -4.832  3.599   1.00 35.28 ? 3653 ILE A C   1 
ATOM   1201 O O   . ILE A 1 184 ? -15.524 -5.991  3.426   1.00 36.36 ? 3653 ILE A O   1 
ATOM   1202 C CB  . ILE A 1 184 ? -16.673 -2.924  3.088   1.00 37.82 ? 3653 ILE A CB  1 
ATOM   1203 C CG1 . ILE A 1 184 ? -17.713 -1.960  3.663   1.00 38.05 ? 3653 ILE A CG1 1 
ATOM   1204 C CG2 . ILE A 1 184 ? -17.304 -3.807  2.020   1.00 37.45 ? 3653 ILE A CG2 1 
ATOM   1205 C CD1 . ILE A 1 184 ? -18.303 -1.010  2.640   1.00 37.89 ? 3653 ILE A CD1 1 
ATOM   1206 N N   . SER A 1 185 ? -13.931 -4.416  3.263   1.00 32.37 ? 3654 SER A N   1 
ATOM   1207 C CA  . SER A 1 185 ? -12.976 -5.330  2.650   1.00 29.64 ? 3654 SER A CA  1 
ATOM   1208 C C   . SER A 1 185 ? -11.542 -5.127  3.129   1.00 26.09 ? 3654 SER A C   1 
ATOM   1209 O O   . SER A 1 185 ? -11.068 -3.997  3.254   1.00 24.71 ? 3654 SER A O   1 
ATOM   1210 C CB  . SER A 1 185 ? -13.028 -5.189  1.126   1.00 32.62 ? 3654 SER A CB  1 
ATOM   1211 O OG  . SER A 1 185 ? -12.752 -3.858  0.730   1.00 37.06 ? 3654 SER A OG  1 
ATOM   1212 N N   . PRO A 1 186 ? -10.832 -6.233  3.405   1.00 21.78 ? 3655 PRO A N   1 
ATOM   1213 C CA  . PRO A 1 186 ? -9.442  -6.174  3.869   1.00 19.36 ? 3655 PRO A CA  1 
ATOM   1214 C C   . PRO A 1 186 ? -8.605  -5.431  2.839   1.00 15.81 ? 3655 PRO A C   1 
ATOM   1215 O O   . PRO A 1 186 ? -8.827  -5.580  1.637   1.00 15.68 ? 3655 PRO A O   1 
ATOM   1216 C CB  . PRO A 1 186 ? -9.045  -7.645  3.963   1.00 19.79 ? 3655 PRO A CB  1 
ATOM   1217 C CG  . PRO A 1 186 ? -10.343 -8.326  4.254   1.00 22.16 ? 3655 PRO A CG  1 
ATOM   1218 C CD  . PRO A 1 186 ? -11.300 -7.626  3.333   1.00 22.52 ? 3655 PRO A CD  1 
ATOM   1219 N N   . HIS A 1 187 ? -7.649  -4.638  3.308   1.00 12.28 ? 3656 HIS A N   1 
ATOM   1220 C CA  . HIS A 1 187 ? -6.787  -3.878  2.411   1.00 12.11 ? 3656 HIS A CA  1 
ATOM   1221 C C   . HIS A 1 187 ? -5.562  -3.359  3.147   1.00 9.62  ? 3656 HIS A C   1 
ATOM   1222 O O   . HIS A 1 187 ? -5.443  -3.505  4.366   1.00 10.37 ? 3656 HIS A O   1 
ATOM   1223 C CB  . HIS A 1 187 ? -7.547  -2.674  1.835   1.00 11.32 ? 3656 HIS A CB  1 
ATOM   1224 C CG  . HIS A 1 187 ? -7.975  -1.678  2.872   1.00 12.36 ? 3656 HIS A CG  1 
ATOM   1225 N ND1 . HIS A 1 187 ? -9.088  -1.860  3.665   1.00 12.65 ? 3656 HIS A ND1 1 
ATOM   1226 C CD2 . HIS A 1 187 ? -7.420  -0.507  3.265   1.00 11.69 ? 3656 HIS A CD2 1 
ATOM   1227 C CE1 . HIS A 1 187 ? -9.201  -0.844  4.502   1.00 13.61 ? 3656 HIS A CE1 1 
ATOM   1228 N NE2 . HIS A 1 187 ? -8.202  -0.007  4.281   1.00 13.91 ? 3656 HIS A NE2 1 
ATOM   1229 N N   . LEU A 1 188 ? -4.647  -2.773  2.382   1.00 9.25  ? 3657 LEU A N   1 
ATOM   1230 C CA  . LEU A 1 188 ? -3.442  -2.155  2.918   1.00 8.40  ? 3657 LEU A CA  1 
ATOM   1231 C C   . LEU A 1 188 ? -3.313  -0.845  2.154   1.00 9.11  ? 3657 LEU A C   1 
ATOM   1232 O O   . LEU A 1 188 ? -3.766  -0.742  1.015   1.00 9.30  ? 3657 LEU A O   1 
ATOM   1233 C CB  . LEU A 1 188 ? -2.195  -3.000  2.643   1.00 9.13  ? 3657 LEU A CB  1 
ATOM   1234 C CG  . LEU A 1 188 ? -2.073  -4.389  3.265   1.00 8.23  ? 3657 LEU A CG  1 
ATOM   1235 C CD1 . LEU A 1 188 ? -0.816  -5.064  2.735   1.00 8.27  ? 3657 LEU A CD1 1 
ATOM   1236 C CD2 . LEU A 1 188 ? -2.027  -4.273  4.781   1.00 9.43  ? 3657 LEU A CD2 1 
ATOM   1237 N N   . MET A 1 189 ? -2.718  0.158   2.785   1.00 9.31  ? 3658 MET A N   1 
ATOM   1238 C CA  . MET A 1 189 ? -2.506  1.432   2.117   1.00 7.54  ? 3658 MET A CA  1 
ATOM   1239 C C   . MET A 1 189 ? -1.000  1.576   2.004   1.00 8.81  ? 3658 MET A C   1 
ATOM   1240 O O   . MET A 1 189 ? -0.288  1.513   3.004   1.00 7.60  ? 3658 MET A O   1 
ATOM   1241 C CB  . MET A 1 189 ? -3.072  2.592   2.935   1.00 10.98 ? 3658 MET A CB  1 
ATOM   1242 C CG  . MET A 1 189 ? -2.736  3.938   2.320   1.00 12.65 ? 3658 MET A CG  1 
ATOM   1243 S SD  . MET A 1 189 ? -3.398  5.339   3.235   1.00 14.01 ? 3658 MET A SD  1 
ATOM   1244 C CE  . MET A 1 189 ? -2.018  5.726   4.308   1.00 13.66 ? 3658 MET A CE  1 
ATOM   1245 N N   . ILE A 1 190 ? -0.512  1.772   0.788   1.00 6.43  ? 3659 ILE A N   1 
ATOM   1246 C CA  . ILE A 1 190 ? 0.923   1.893   0.592   1.00 7.49  ? 3659 ILE A CA  1 
ATOM   1247 C C   . ILE A 1 190 ? 1.323   3.295   0.171   1.00 8.78  ? 3659 ILE A C   1 
ATOM   1248 O O   . ILE A 1 190 ? 0.776   3.849   -0.779  1.00 10.26 ? 3659 ILE A O   1 
ATOM   1249 C CB  . ILE A 1 190 ? 1.402   0.886   -0.469  1.00 9.40  ? 3659 ILE A CB  1 
ATOM   1250 C CG1 . ILE A 1 190 ? 0.992   -0.531  -0.045  1.00 9.09  ? 3659 ILE A CG1 1 
ATOM   1251 C CG2 . ILE A 1 190 ? 2.911   0.990   -0.640  1.00 10.95 ? 3659 ILE A CG2 1 
ATOM   1252 C CD1 . ILE A 1 190 ? 1.421   -1.632  -1.024  1.00 12.66 ? 3659 ILE A CD1 1 
ATOM   1253 N N   . VAL A 1 191 ? 2.265   3.872   0.906   1.00 7.44  ? 3660 VAL A N   1 
ATOM   1254 C CA  . VAL A 1 191 ? 2.768   5.192   0.583   1.00 9.14  ? 3660 VAL A CA  1 
ATOM   1255 C C   . VAL A 1 191 ? 4.201   5.010   0.124   1.00 10.97 ? 3660 VAL A C   1 
ATOM   1256 O O   . VAL A 1 191 ? 5.043   4.505   0.873   1.00 11.22 ? 3660 VAL A O   1 
ATOM   1257 C CB  . VAL A 1 191 ? 2.772   6.144   1.802   1.00 7.87  ? 3660 VAL A CB  1 
ATOM   1258 C CG1 . VAL A 1 191 ? 3.318   7.506   1.382   1.00 9.49  ? 3660 VAL A CG1 1 
ATOM   1259 C CG2 . VAL A 1 191 ? 1.363   6.293   2.365   1.00 11.76 ? 3660 VAL A CG2 1 
ATOM   1260 N N   . ILE A 1 192 ? 4.469   5.385   -1.120  1.00 9.78  ? 3661 ILE A N   1 
ATOM   1261 C CA  . ILE A 1 192 ? 5.821   5.294   -1.654  1.00 11.41 ? 3661 ILE A CA  1 
ATOM   1262 C C   . ILE A 1 192 ? 6.367   6.710   -1.582  1.00 12.62 ? 3661 ILE A C   1 
ATOM   1263 O O   . ILE A 1 192 ? 5.688   7.660   -1.966  1.00 12.37 ? 3661 ILE A O   1 
ATOM   1264 C CB  . ILE A 1 192 ? 5.830   4.839   -3.121  1.00 12.69 ? 3661 ILE A CB  1 
ATOM   1265 C CG1 . ILE A 1 192 ? 5.148   3.477   -3.245  1.00 11.33 ? 3661 ILE A CG1 1 
ATOM   1266 C CG2 . ILE A 1 192 ? 7.265   4.775   -3.631  1.00 13.99 ? 3661 ILE A CG2 1 
ATOM   1267 C CD1 . ILE A 1 192 ? 5.075   2.949   -4.674  1.00 16.43 ? 3661 ILE A CD1 1 
ATOM   1268 N N   . ALA A 1 193 ? 7.581   6.858   -1.075  1.00 15.56 ? 3662 ALA A N   1 
ATOM   1269 C CA  . ALA A 1 193 ? 8.168   8.181   -0.971  1.00 19.15 ? 3662 ALA A CA  1 
ATOM   1270 C C   . ALA A 1 193 ? 9.613   8.150   -1.424  1.00 22.88 ? 3662 ALA A C   1 
ATOM   1271 O O   . ALA A 1 193 ? 10.333  7.187   -1.166  1.00 19.84 ? 3662 ALA A O   1 
ATOM   1272 C CB  . ALA A 1 193 ? 8.077   8.685   0.459   1.00 21.18 ? 3662 ALA A CB  1 
ATOM   1273 N N   . SER A 1 194 ? 10.020  9.205   -2.120  1.00 28.19 ? 3663 SER A N   1 
ATOM   1274 C CA  . SER A 1 194 ? 11.383  9.322   -2.613  1.00 33.52 ? 3663 SER A CA  1 
ATOM   1275 C C   . SER A 1 194 ? 12.246  9.905   -1.504  1.00 36.61 ? 3663 SER A C   1 
ATOM   1276 O O   . SER A 1 194 ? 12.219  11.110  -1.253  1.00 37.70 ? 3663 SER A O   1 
ATOM   1277 C CB  . SER A 1 194 ? 11.421  10.229  -3.846  1.00 34.73 ? 3663 SER A CB  1 
ATOM   1278 O OG  . SER A 1 194 ? 10.794  11.473  -3.582  1.00 37.89 ? 3663 SER A OG  1 
ATOM   1279 N N   . VAL A 1 195 ? 13.001  9.037   -0.837  1.00 40.20 ? 3664 VAL A N   1 
ATOM   1280 C CA  . VAL A 1 195 ? 13.872  9.446   0.258   1.00 43.05 ? 3664 VAL A CA  1 
ATOM   1281 C C   . VAL A 1 195 ? 15.229  9.932   -0.244  1.00 44.41 ? 3664 VAL A C   1 
ATOM   1282 O O   . VAL A 1 195 ? 15.678  10.994  0.233   1.00 45.72 ? 3664 VAL A O   1 
ATOM   1283 C CB  . VAL A 1 195 ? 14.084  8.286   1.266   1.00 43.75 ? 3664 VAL A CB  1 
ATOM   1284 C CG1 . VAL A 1 195 ? 14.713  7.090   0.571   1.00 44.17 ? 3664 VAL A CG1 1 
ATOM   1285 C CG2 . VAL A 1 195 ? 14.956  8.754   2.422   1.00 44.80 ? 3664 VAL A CG2 1 
ATOM   1286 O OXT . VAL A 1 195 ? 15.829  9.246   -1.100  1.00 45.74 ? 3664 VAL A OXT 1 
HETATM 1287 O O   . HOH B 2 .   ? -16.839 3.880   -17.722 1.00 10.92 ? 1    HOH A O   1 
HETATM 1288 O O   . HOH B 2 .   ? 7.290   8.909   17.818  1.00 11.97 ? 2    HOH A O   1 
HETATM 1289 O O   . HOH B 2 .   ? -5.927  -21.353 -4.553  1.00 11.03 ? 3    HOH A O   1 
HETATM 1290 O O   . HOH B 2 .   ? 11.879  -4.780  4.244   1.00 11.66 ? 4    HOH A O   1 
HETATM 1291 O O   . HOH B 2 .   ? -19.541 18.280  -10.704 1.00 10.23 ? 5    HOH A O   1 
HETATM 1292 O O   . HOH B 2 .   ? -8.544  -5.113  -7.256  1.00 12.75 ? 6    HOH A O   1 
HETATM 1293 O O   . HOH B 2 .   ? 9.781   -11.027 6.055   1.00 14.69 ? 7    HOH A O   1 
HETATM 1294 O O   . HOH B 2 .   ? -10.473 -27.253 -2.912  1.00 19.22 ? 8    HOH A O   1 
HETATM 1295 O O   . HOH B 2 .   ? 8.787   8.471   8.976   1.00 16.30 ? 9    HOH A O   1 
HETATM 1296 O O   . HOH B 2 .   ? 4.006   16.013  9.478   1.00 16.24 ? 10   HOH A O   1 
HETATM 1297 O O   . HOH B 2 .   ? -15.955 5.789   -15.690 1.00 16.20 ? 11   HOH A O   1 
HETATM 1298 O O   . HOH B 2 .   ? 0.223   -15.837 -2.235  1.00 15.92 ? 12   HOH A O   1 
HETATM 1299 O O   . HOH B 2 .   ? -2.481  5.062   12.901  1.00 18.31 ? 13   HOH A O   1 
HETATM 1300 O O   . HOH B 2 .   ? -8.129  2.414   5.951   1.00 14.39 ? 14   HOH A O   1 
HETATM 1301 O O   . HOH B 2 .   ? -7.598  -0.822  -13.424 1.00 17.12 ? 15   HOH A O   1 
HETATM 1302 O O   . HOH B 2 .   ? 8.401   14.733  12.971  1.00 17.69 ? 16   HOH A O   1 
HETATM 1303 O O   . HOH B 2 .   ? 5.162   -10.492 -7.216  1.00 18.66 ? 17   HOH A O   1 
HETATM 1304 O O   . HOH B 2 .   ? -4.353  -10.739 -0.682  1.00 14.27 ? 18   HOH A O   1 
HETATM 1305 O O   . HOH B 2 .   ? -5.645  -19.041 3.435   1.00 21.22 ? 19   HOH A O   1 
HETATM 1306 O O   . HOH B 2 .   ? -8.258  4.080   -15.376 1.00 20.25 ? 20   HOH A O   1 
HETATM 1307 O O   . HOH B 2 .   ? 3.614   -17.870 -2.570  1.00 20.11 ? 21   HOH A O   1 
HETATM 1308 O O   . HOH B 2 .   ? 7.044   -15.393 2.609   1.00 19.16 ? 22   HOH A O   1 
HETATM 1309 O O   . HOH B 2 .   ? 7.579   -1.371  18.833  1.00 26.60 ? 23   HOH A O   1 
HETATM 1310 O O   . HOH B 2 .   ? -13.429 -21.065 -7.228  1.00 17.36 ? 24   HOH A O   1 
HETATM 1311 O O   . HOH B 2 .   ? 10.997  -9.455  -7.473  1.00 23.47 ? 25   HOH A O   1 
HETATM 1312 O O   . HOH B 2 .   ? -8.960  -3.990  10.159  1.00 21.09 ? 26   HOH A O   1 
HETATM 1313 O O   . HOH B 2 .   ? -1.143  12.786  9.038   1.00 20.69 ? 27   HOH A O   1 
HETATM 1314 O O   . HOH B 2 .   ? 5.264   -16.770 8.970   1.00 22.95 ? 28   HOH A O   1 
HETATM 1315 O O   . HOH B 2 .   ? 9.788   12.776  11.817  1.00 21.88 ? 29   HOH A O   1 
HETATM 1316 O O   . HOH B 2 .   ? 3.033   -13.061 8.767   1.00 23.74 ? 30   HOH A O   1 
HETATM 1317 O O   . HOH B 2 .   ? -10.755 -6.763  0.106   1.00 23.96 ? 31   HOH A O   1 
HETATM 1318 O O   . HOH B 2 .   ? -15.841 0.322   -10.441 1.00 27.80 ? 32   HOH A O   1 
HETATM 1319 O O   . HOH B 2 .   ? -18.083 2.315   -9.631  1.00 28.33 ? 33   HOH A O   1 
HETATM 1320 O O   . HOH B 2 .   ? 9.994   11.913  6.206   1.00 30.21 ? 34   HOH A O   1 
HETATM 1321 O O   . HOH B 2 .   ? 3.247   8.521   19.577  1.00 24.80 ? 35   HOH A O   1 
HETATM 1322 O O   . HOH B 2 .   ? -4.295  -7.803  15.399  1.00 25.62 ? 36   HOH A O   1 
HETATM 1323 O O   . HOH B 2 .   ? -11.791 -10.509 -1.177  1.00 24.66 ? 37   HOH A O   1 
HETATM 1324 O O   . HOH B 2 .   ? -11.226 -15.170 5.671   1.00 27.73 ? 38   HOH A O   1 
HETATM 1325 O O   . HOH B 2 .   ? -14.578 -18.487 -9.300  1.00 28.51 ? 39   HOH A O   1 
HETATM 1326 O O   . HOH B 2 .   ? -11.136 -14.192 -9.352  1.00 36.04 ? 40   HOH A O   1 
HETATM 1327 O O   . HOH B 2 .   ? -18.071 4.857   -2.916  1.00 32.71 ? 41   HOH A O   1 
HETATM 1328 O O   . HOH B 2 .   ? 7.756   -1.368  -11.913 1.00 29.24 ? 42   HOH A O   1 
HETATM 1329 O O   . HOH B 2 .   ? 6.640   8.047   20.191  1.00 26.32 ? 43   HOH A O   1 
HETATM 1330 O O   . HOH B 2 .   ? 1.661   14.262  15.524  1.00 25.56 ? 44   HOH A O   1 
HETATM 1331 O O   . HOH B 2 .   ? -0.598  -5.004  -13.493 1.00 37.38 ? 45   HOH A O   1 
HETATM 1332 O O   . HOH B 2 .   ? 0.317   15.386  4.428   1.00 23.12 ? 46   HOH A O   1 
HETATM 1333 O O   . HOH B 2 .   ? 9.884   6.381   6.444   1.00 36.30 ? 47   HOH A O   1 
HETATM 1334 O O   . HOH B 2 .   ? 6.095   9.225   2.851   1.00 26.39 ? 48   HOH A O   1 
HETATM 1335 O O   . HOH B 2 .   ? -15.544 7.916   2.904   1.00 24.66 ? 49   HOH A O   1 
HETATM 1336 O O   . HOH B 2 .   ? 15.640  -2.090  -6.751  1.00 34.99 ? 50   HOH A O   1 
HETATM 1337 O O   . HOH B 2 .   ? 13.780  -3.332  3.045   1.00 31.98 ? 51   HOH A O   1 
HETATM 1338 O O   . HOH B 2 .   ? -12.416 -22.113 -11.041 1.00 27.29 ? 52   HOH A O   1 
HETATM 1339 O O   . HOH B 2 .   ? 11.223  -7.141  -2.008  1.00 31.31 ? 53   HOH A O   1 
HETATM 1340 O O   . HOH B 2 .   ? -11.315 -14.828 2.936   1.00 25.97 ? 54   HOH A O   1 
HETATM 1341 O O   . HOH B 2 .   ? 9.497   -2.587  20.113  1.00 28.83 ? 55   HOH A O   1 
HETATM 1342 O O   . HOH B 2 .   ? 11.287  9.166   1.620   1.00 38.99 ? 56   HOH A O   1 
HETATM 1343 O O   . HOH B 2 .   ? -1.185  14.127  0.160   1.00 27.04 ? 57   HOH A O   1 
HETATM 1344 O O   . HOH B 2 .   ? 10.820  -14.808 -1.001  1.00 28.95 ? 58   HOH A O   1 
HETATM 1345 O O   . HOH B 2 .   ? -13.283 18.855  -13.326 1.00 29.44 ? 59   HOH A O   1 
HETATM 1346 O O   . HOH B 2 .   ? -2.679  7.435   14.148  1.00 26.76 ? 60   HOH A O   1 
HETATM 1347 O O   . HOH B 2 .   ? 1.748   15.419  10.732  1.00 26.25 ? 61   HOH A O   1 
HETATM 1348 O O   . HOH B 2 .   ? -16.825 8.575   -7.157  1.00 29.15 ? 62   HOH A O   1 
HETATM 1349 O O   . HOH B 2 .   ? 0.800   12.368  11.291  1.00 29.15 ? 63   HOH A O   1 
HETATM 1350 O O   . HOH B 2 .   ? -9.291  -5.167  7.435   1.00 25.03 ? 64   HOH A O   1 
HETATM 1351 O O   . HOH B 2 .   ? -12.806 -8.892  0.772   1.00 29.55 ? 65   HOH A O   1 
HETATM 1352 O O   . HOH B 2 .   ? -0.076  -17.433 -4.412  1.00 29.35 ? 66   HOH A O   1 
HETATM 1353 O O   . HOH B 2 .   ? -5.263  3.011   14.480  1.00 28.48 ? 67   HOH A O   1 
HETATM 1354 O O   . HOH B 2 .   ? 10.810  -8.892  -10.107 1.00 26.81 ? 68   HOH A O   1 
HETATM 1355 O O   . HOH B 2 .   ? -8.890  8.565   11.333  1.00 26.54 ? 69   HOH A O   1 
HETATM 1356 O O   . HOH B 2 .   ? 14.756  -4.068  -5.041  1.00 25.66 ? 70   HOH A O   1 
HETATM 1357 O O   . HOH B 2 .   ? 7.400   -9.009  -6.945  1.00 29.90 ? 71   HOH A O   1 
HETATM 1358 O O   . HOH B 2 .   ? -5.221  13.572  6.229   1.00 26.89 ? 72   HOH A O   1 
HETATM 1359 O O   . HOH B 2 .   ? -3.400  -18.809 -8.565  1.00 37.08 ? 73   HOH A O   1 
HETATM 1360 O O   . HOH B 2 .   ? -10.012 -7.254  -4.783  1.00 34.76 ? 74   HOH A O   1 
HETATM 1361 O O   . HOH B 2 .   ? 4.719   -8.852  -9.674  1.00 30.80 ? 75   HOH A O   1 
HETATM 1362 O O   . HOH B 2 .   ? -13.669 -23.674 -6.201  1.00 34.96 ? 76   HOH A O   1 
HETATM 1363 O O   . HOH B 2 .   ? 12.197  -7.678  -6.140  1.00 32.34 ? 77   HOH A O   1 
HETATM 1364 O O   . HOH B 2 .   ? 0.585   16.197  14.086  1.00 31.05 ? 78   HOH A O   1 
HETATM 1365 O O   . HOH B 2 .   ? 12.414  -6.466  0.363   1.00 27.28 ? 79   HOH A O   1 
HETATM 1366 O O   . HOH B 2 .   ? -0.981  -2.620  -14.454 1.00 31.43 ? 80   HOH A O   1 
HETATM 1367 O O   . HOH B 2 .   ? 3.037   -2.723  -13.121 1.00 45.80 ? 81   HOH A O   1 
HETATM 1368 O O   . HOH B 2 .   ? -8.589  1.320   -15.103 1.00 32.78 ? 82   HOH A O   1 
# 
